data_2VY7
# 
_entry.id   2VY7 
# 
_audit_conform.dict_name       mmcif_pdbx.dic 
_audit_conform.dict_version    5.398 
_audit_conform.dict_location   http://mmcif.pdb.org/dictionaries/ascii/mmcif_pdbx.dic 
# 
loop_
_database_2.database_id 
_database_2.database_code 
_database_2.pdbx_database_accession 
_database_2.pdbx_DOI 
PDB   2VY7         pdb_00002vy7 10.2210/pdb2vy7/pdb 
PDBE  EBI-36945    ?            ?                   
WWPDB D_1290036945 ?            ?                   
# 
loop_
_pdbx_audit_revision_history.ordinal 
_pdbx_audit_revision_history.data_content_type 
_pdbx_audit_revision_history.major_revision 
_pdbx_audit_revision_history.minor_revision 
_pdbx_audit_revision_history.revision_date 
1 'Structure model' 1 0 2008-09-09 
2 'Structure model' 1 1 2012-06-06 
3 'Structure model' 1 2 2024-11-06 
# 
_pdbx_audit_revision_details.ordinal             1 
_pdbx_audit_revision_details.revision_ordinal    1 
_pdbx_audit_revision_details.data_content_type   'Structure model' 
_pdbx_audit_revision_details.provider            repository 
_pdbx_audit_revision_details.type                'Initial release' 
_pdbx_audit_revision_details.description         ? 
_pdbx_audit_revision_details.details             ? 
# 
loop_
_pdbx_audit_revision_group.ordinal 
_pdbx_audit_revision_group.revision_ordinal 
_pdbx_audit_revision_group.data_content_type 
_pdbx_audit_revision_group.group 
1  2 'Structure model' 'Database references'       
2  2 'Structure model' 'Derived calculations'      
3  2 'Structure model' 'Non-polymer description'   
4  2 'Structure model' Other                       
5  2 'Structure model' 'Structure summary'         
6  2 'Structure model' 'Version format compliance' 
7  3 'Structure model' 'Data collection'           
8  3 'Structure model' 'Database references'       
9  3 'Structure model' 'Derived calculations'      
10 3 'Structure model' Other                       
11 3 'Structure model' 'Structure summary'         
# 
loop_
_pdbx_audit_revision_category.ordinal 
_pdbx_audit_revision_category.revision_ordinal 
_pdbx_audit_revision_category.data_content_type 
_pdbx_audit_revision_category.category 
1 3 'Structure model' chem_comp_atom            
2 3 'Structure model' chem_comp_bond            
3 3 'Structure model' database_2                
4 3 'Structure model' pdbx_database_status      
5 3 'Structure model' pdbx_entry_details        
6 3 'Structure model' pdbx_modification_feature 
7 3 'Structure model' struct_conn               
# 
loop_
_pdbx_audit_revision_item.ordinal 
_pdbx_audit_revision_item.revision_ordinal 
_pdbx_audit_revision_item.data_content_type 
_pdbx_audit_revision_item.item 
1 3 'Structure model' '_database_2.pdbx_DOI'                 
2 3 'Structure model' '_database_2.pdbx_database_accession'  
3 3 'Structure model' '_pdbx_database_status.status_code_sf' 
4 3 'Structure model' '_struct_conn.pdbx_leaving_atom_flag'  
# 
_pdbx_database_status.status_code                     REL 
_pdbx_database_status.entry_id                        2VY7 
_pdbx_database_status.deposit_site                    PDBE 
_pdbx_database_status.process_site                    PDBE 
_pdbx_database_status.SG_entry                        . 
_pdbx_database_status.recvd_initial_deposition_date   2008-07-18 
_pdbx_database_status.pdb_format_compatible           Y 
_pdbx_database_status.status_code_sf                  REL 
_pdbx_database_status.status_code_mr                  ? 
_pdbx_database_status.status_code_cs                  ? 
_pdbx_database_status.methods_development_category    ? 
_pdbx_database_status.status_code_nmr_data            ? 
# 
loop_
_pdbx_database_related.db_name 
_pdbx_database_related.db_id 
_pdbx_database_related.content_type 
_pdbx_database_related.details 
PDB 2JDQ unspecified 'C-TERMINAL DOMAIN OF INFLUENZA A VIRUS POLYMERASE PB2 SUBUNIT IN COMPLEX WITH HUMAN IMPORTIN ALPHA5' 
PDB 2VQZ unspecified 'STRUCTURE OF THE CAP-BINDING DOMAIN OF INFLUENZA VIRUS POLYMERASE SUBUNIT PB2 WITH BOUND M7GTP'      
PDB 2VY6 unspecified 'TWO DOMAINS FROM THE C-TERMINAL REGION OF INFLUENZA A VIRUS POLYMERASE PB2 SUBUNIT'                  
PDB 2VY8 unspecified 'THE 627-DOMAIN FROM INFLUENZA A VIRUS POLYMERASE PB2 SUBUNIT WITH GLU-627'                           
# 
loop_
_audit_author.name 
_audit_author.pdbx_ordinal 
'Tarendeau, F.' 1 
'Crepin, T.'    2 
'Guilligay, D.' 3 
'Ruigrok, R.'   4 
'Cusack, S.'    5 
'Hart, D.'      6 
# 
_citation.id                        primary 
_citation.title                     
'Host Determinant Residue Lysine 627 Lies on the Surface of a Discrete, Folded Domain of Influenza Virus Polymerase Pb2 Subunit' 
_citation.journal_abbrev            'Plos Pathog.' 
_citation.journal_volume            4 
_citation.page_first                136 
_citation.page_last                 ? 
_citation.year                      2008 
_citation.journal_id_ASTM           ? 
_citation.country                   US 
_citation.journal_id_ISSN           1553-7366 
_citation.journal_id_CSD            ? 
_citation.book_publisher            ? 
_citation.pdbx_database_id_PubMed   18769709 
_citation.pdbx_database_id_DOI      10.1371/JOURNAL.PPAT.1000136 
# 
loop_
_citation_author.citation_id 
_citation_author.name 
_citation_author.ordinal 
_citation_author.identifier_ORCID 
primary 'Tarendeau, F.' 1 ? 
primary 'Crepin, T.'    2 ? 
primary 'Guilligay, D.' 3 ? 
primary 'Ruigrok, R.'   4 ? 
primary 'Cusack, S.'    5 ? 
primary 'Hart, D.'      6 ? 
# 
loop_
_entity.id 
_entity.type 
_entity.src_method 
_entity.pdbx_description 
_entity.formula_weight 
_entity.pdbx_number_of_molecules 
_entity.pdbx_ec 
_entity.pdbx_mutation 
_entity.pdbx_fragment 
_entity.details 
1 polymer man 'POLYMERASE BASIC PROTEIN 2' 17955.738 1   ? ? '627- DOMAIN, RESIDUES 538-693' ? 
2 water   nat water                        18.015    174 ? ? ?                               ? 
# 
_entity_name_com.entity_id   1 
_entity_name_com.name        'RNA-DIRECTED RNA POLYMERASE SUBUNIT P3, INFLUENZA A VIRUS POLYMERASE PB2 SUBUNIT' 
# 
_entity_poly.entity_id                      1 
_entity_poly.type                           'polypeptide(L)' 
_entity_poly.nstd_linkage                   no 
_entity_poly.nstd_monomer                   yes 
_entity_poly.pdbx_seq_one_letter_code       
;GEINGPESVLVNTYQWIIRNWETVKIQWSQNPT(MSE)LYNK(MSE)EFEPFQSLVPKAIRGQYSGFVRTLFQQ(MSE)R
DVLGTFDTTQIIKLLPFAAAPPKQSR(MSE)QFSSLTVNVRGSG(MSE)RILVRGNSPVFNYNKTTKRLTILGKDAGTLI
EDPDESTSGVESAVLRG
;
_entity_poly.pdbx_seq_one_letter_code_can   
;GEINGPESVLVNTYQWIIRNWETVKIQWSQNPTMLYNKMEFEPFQSLVPKAIRGQYSGFVRTLFQQMRDVLGTFDTTQII
KLLPFAAAPPKQSRMQFSSLTVNVRGSGMRILVRGNSPVFNYNKTTKRLTILGKDAGTLIEDPDESTSGVESAVLRG
;
_entity_poly.pdbx_strand_id                 A 
_entity_poly.pdbx_target_identifier         ? 
# 
_pdbx_entity_nonpoly.entity_id   2 
_pdbx_entity_nonpoly.name        water 
_pdbx_entity_nonpoly.comp_id     HOH 
# 
loop_
_entity_poly_seq.entity_id 
_entity_poly_seq.num 
_entity_poly_seq.mon_id 
_entity_poly_seq.hetero 
1 1   GLY n 
1 2   GLU n 
1 3   ILE n 
1 4   ASN n 
1 5   GLY n 
1 6   PRO n 
1 7   GLU n 
1 8   SER n 
1 9   VAL n 
1 10  LEU n 
1 11  VAL n 
1 12  ASN n 
1 13  THR n 
1 14  TYR n 
1 15  GLN n 
1 16  TRP n 
1 17  ILE n 
1 18  ILE n 
1 19  ARG n 
1 20  ASN n 
1 21  TRP n 
1 22  GLU n 
1 23  THR n 
1 24  VAL n 
1 25  LYS n 
1 26  ILE n 
1 27  GLN n 
1 28  TRP n 
1 29  SER n 
1 30  GLN n 
1 31  ASN n 
1 32  PRO n 
1 33  THR n 
1 34  MSE n 
1 35  LEU n 
1 36  TYR n 
1 37  ASN n 
1 38  LYS n 
1 39  MSE n 
1 40  GLU n 
1 41  PHE n 
1 42  GLU n 
1 43  PRO n 
1 44  PHE n 
1 45  GLN n 
1 46  SER n 
1 47  LEU n 
1 48  VAL n 
1 49  PRO n 
1 50  LYS n 
1 51  ALA n 
1 52  ILE n 
1 53  ARG n 
1 54  GLY n 
1 55  GLN n 
1 56  TYR n 
1 57  SER n 
1 58  GLY n 
1 59  PHE n 
1 60  VAL n 
1 61  ARG n 
1 62  THR n 
1 63  LEU n 
1 64  PHE n 
1 65  GLN n 
1 66  GLN n 
1 67  MSE n 
1 68  ARG n 
1 69  ASP n 
1 70  VAL n 
1 71  LEU n 
1 72  GLY n 
1 73  THR n 
1 74  PHE n 
1 75  ASP n 
1 76  THR n 
1 77  THR n 
1 78  GLN n 
1 79  ILE n 
1 80  ILE n 
1 81  LYS n 
1 82  LEU n 
1 83  LEU n 
1 84  PRO n 
1 85  PHE n 
1 86  ALA n 
1 87  ALA n 
1 88  ALA n 
1 89  PRO n 
1 90  PRO n 
1 91  LYS n 
1 92  GLN n 
1 93  SER n 
1 94  ARG n 
1 95  MSE n 
1 96  GLN n 
1 97  PHE n 
1 98  SER n 
1 99  SER n 
1 100 LEU n 
1 101 THR n 
1 102 VAL n 
1 103 ASN n 
1 104 VAL n 
1 105 ARG n 
1 106 GLY n 
1 107 SER n 
1 108 GLY n 
1 109 MSE n 
1 110 ARG n 
1 111 ILE n 
1 112 LEU n 
1 113 VAL n 
1 114 ARG n 
1 115 GLY n 
1 116 ASN n 
1 117 SER n 
1 118 PRO n 
1 119 VAL n 
1 120 PHE n 
1 121 ASN n 
1 122 TYR n 
1 123 ASN n 
1 124 LYS n 
1 125 THR n 
1 126 THR n 
1 127 LYS n 
1 128 ARG n 
1 129 LEU n 
1 130 THR n 
1 131 ILE n 
1 132 LEU n 
1 133 GLY n 
1 134 LYS n 
1 135 ASP n 
1 136 ALA n 
1 137 GLY n 
1 138 THR n 
1 139 LEU n 
1 140 ILE n 
1 141 GLU n 
1 142 ASP n 
1 143 PRO n 
1 144 ASP n 
1 145 GLU n 
1 146 SER n 
1 147 THR n 
1 148 SER n 
1 149 GLY n 
1 150 VAL n 
1 151 GLU n 
1 152 SER n 
1 153 ALA n 
1 154 VAL n 
1 155 LEU n 
1 156 ARG n 
1 157 GLY n 
# 
_entity_src_gen.entity_id                          1 
_entity_src_gen.pdbx_src_id                        1 
_entity_src_gen.pdbx_alt_source_flag               sample 
_entity_src_gen.pdbx_seq_type                      ? 
_entity_src_gen.pdbx_beg_seq_num                   ? 
_entity_src_gen.pdbx_end_seq_num                   ? 
_entity_src_gen.gene_src_common_name               ? 
_entity_src_gen.gene_src_genus                     ? 
_entity_src_gen.pdbx_gene_src_gene                 ? 
_entity_src_gen.gene_src_species                   ? 
_entity_src_gen.gene_src_strain                    'A/VICTORIA/3/1975(H3N2)' 
_entity_src_gen.gene_src_tissue                    ? 
_entity_src_gen.gene_src_tissue_fraction           ? 
_entity_src_gen.gene_src_details                   ? 
_entity_src_gen.pdbx_gene_src_fragment             ? 
_entity_src_gen.pdbx_gene_src_scientific_name      'INFLUENZA A VIRUS' 
_entity_src_gen.pdbx_gene_src_ncbi_taxonomy_id     11320 
_entity_src_gen.pdbx_gene_src_variant              ? 
_entity_src_gen.pdbx_gene_src_cell_line            ? 
_entity_src_gen.pdbx_gene_src_atcc                 ? 
_entity_src_gen.pdbx_gene_src_organ                ? 
_entity_src_gen.pdbx_gene_src_organelle            ? 
_entity_src_gen.pdbx_gene_src_cell                 ? 
_entity_src_gen.pdbx_gene_src_cellular_location    ? 
_entity_src_gen.host_org_common_name               ? 
_entity_src_gen.pdbx_host_org_scientific_name      'ESCHERICHIA COLI' 
_entity_src_gen.pdbx_host_org_ncbi_taxonomy_id     511693 
_entity_src_gen.host_org_genus                     ? 
_entity_src_gen.pdbx_host_org_gene                 ? 
_entity_src_gen.pdbx_host_org_organ                ? 
_entity_src_gen.host_org_species                   ? 
_entity_src_gen.pdbx_host_org_tissue               ? 
_entity_src_gen.pdbx_host_org_tissue_fraction      ? 
_entity_src_gen.pdbx_host_org_strain               BL21 
_entity_src_gen.pdbx_host_org_variant              'AI RIL' 
_entity_src_gen.pdbx_host_org_cell_line            ? 
_entity_src_gen.pdbx_host_org_atcc                 ? 
_entity_src_gen.pdbx_host_org_culture_collection   ? 
_entity_src_gen.pdbx_host_org_cell                 ? 
_entity_src_gen.pdbx_host_org_organelle            ? 
_entity_src_gen.pdbx_host_org_cellular_location    ? 
_entity_src_gen.pdbx_host_org_vector_type          ? 
_entity_src_gen.pdbx_host_org_vector               ? 
_entity_src_gen.host_org_details                   ? 
_entity_src_gen.expression_system_id               ? 
_entity_src_gen.plasmid_name                       ? 
_entity_src_gen.plasmid_details                    ? 
_entity_src_gen.pdbx_description                   ? 
# 
loop_
_chem_comp.id 
_chem_comp.type 
_chem_comp.mon_nstd_flag 
_chem_comp.name 
_chem_comp.pdbx_synonyms 
_chem_comp.formula 
_chem_comp.formula_weight 
ALA 'L-peptide linking' y ALANINE          ? 'C3 H7 N O2'     89.093  
ARG 'L-peptide linking' y ARGININE         ? 'C6 H15 N4 O2 1' 175.209 
ASN 'L-peptide linking' y ASPARAGINE       ? 'C4 H8 N2 O3'    132.118 
ASP 'L-peptide linking' y 'ASPARTIC ACID'  ? 'C4 H7 N O4'     133.103 
GLN 'L-peptide linking' y GLUTAMINE        ? 'C5 H10 N2 O3'   146.144 
GLU 'L-peptide linking' y 'GLUTAMIC ACID'  ? 'C5 H9 N O4'     147.129 
GLY 'peptide linking'   y GLYCINE          ? 'C2 H5 N O2'     75.067  
HOH non-polymer         . WATER            ? 'H2 O'           18.015  
ILE 'L-peptide linking' y ISOLEUCINE       ? 'C6 H13 N O2'    131.173 
LEU 'L-peptide linking' y LEUCINE          ? 'C6 H13 N O2'    131.173 
LYS 'L-peptide linking' y LYSINE           ? 'C6 H15 N2 O2 1' 147.195 
MSE 'L-peptide linking' n SELENOMETHIONINE ? 'C5 H11 N O2 Se' 196.106 
PHE 'L-peptide linking' y PHENYLALANINE    ? 'C9 H11 N O2'    165.189 
PRO 'L-peptide linking' y PROLINE          ? 'C5 H9 N O2'     115.130 
SER 'L-peptide linking' y SERINE           ? 'C3 H7 N O3'     105.093 
THR 'L-peptide linking' y THREONINE        ? 'C4 H9 N O3'     119.119 
TRP 'L-peptide linking' y TRYPTOPHAN       ? 'C11 H12 N2 O2'  204.225 
TYR 'L-peptide linking' y TYROSINE         ? 'C9 H11 N O3'    181.189 
VAL 'L-peptide linking' y VALINE           ? 'C5 H11 N O2'    117.146 
# 
loop_
_pdbx_poly_seq_scheme.asym_id 
_pdbx_poly_seq_scheme.entity_id 
_pdbx_poly_seq_scheme.seq_id 
_pdbx_poly_seq_scheme.mon_id 
_pdbx_poly_seq_scheme.ndb_seq_num 
_pdbx_poly_seq_scheme.pdb_seq_num 
_pdbx_poly_seq_scheme.auth_seq_num 
_pdbx_poly_seq_scheme.pdb_mon_id 
_pdbx_poly_seq_scheme.auth_mon_id 
_pdbx_poly_seq_scheme.pdb_strand_id 
_pdbx_poly_seq_scheme.pdb_ins_code 
_pdbx_poly_seq_scheme.hetero 
A 1 1   GLY 1   537 537 GLY GLY A . n 
A 1 2   GLU 2   538 538 GLU GLU A . n 
A 1 3   ILE 3   539 539 ILE ILE A . n 
A 1 4   ASN 4   540 540 ASN ASN A . n 
A 1 5   GLY 5   541 541 GLY GLY A . n 
A 1 6   PRO 6   542 542 PRO PRO A . n 
A 1 7   GLU 7   543 543 GLU GLU A . n 
A 1 8   SER 8   544 544 SER SER A . n 
A 1 9   VAL 9   545 545 VAL VAL A . n 
A 1 10  LEU 10  546 546 LEU LEU A . n 
A 1 11  VAL 11  547 547 VAL VAL A . n 
A 1 12  ASN 12  548 548 ASN ASN A . n 
A 1 13  THR 13  549 549 THR THR A . n 
A 1 14  TYR 14  550 550 TYR TYR A . n 
A 1 15  GLN 15  551 551 GLN GLN A . n 
A 1 16  TRP 16  552 552 TRP TRP A . n 
A 1 17  ILE 17  553 553 ILE ILE A . n 
A 1 18  ILE 18  554 554 ILE ILE A . n 
A 1 19  ARG 19  555 555 ARG ARG A . n 
A 1 20  ASN 20  556 556 ASN ASN A . n 
A 1 21  TRP 21  557 557 TRP TRP A . n 
A 1 22  GLU 22  558 558 GLU GLU A . n 
A 1 23  THR 23  559 559 THR THR A . n 
A 1 24  VAL 24  560 560 VAL VAL A . n 
A 1 25  LYS 25  561 561 LYS LYS A . n 
A 1 26  ILE 26  562 562 ILE ILE A . n 
A 1 27  GLN 27  563 563 GLN GLN A . n 
A 1 28  TRP 28  564 564 TRP TRP A . n 
A 1 29  SER 29  565 565 SER SER A . n 
A 1 30  GLN 30  566 566 GLN GLN A . n 
A 1 31  ASN 31  567 567 ASN ASN A . n 
A 1 32  PRO 32  568 568 PRO PRO A . n 
A 1 33  THR 33  569 569 THR THR A . n 
A 1 34  MSE 34  570 570 MSE MSE A . n 
A 1 35  LEU 35  571 571 LEU LEU A . n 
A 1 36  TYR 36  572 572 TYR TYR A . n 
A 1 37  ASN 37  573 573 ASN ASN A . n 
A 1 38  LYS 38  574 574 LYS LYS A . n 
A 1 39  MSE 39  575 575 MSE MSE A . n 
A 1 40  GLU 40  576 576 GLU GLU A . n 
A 1 41  PHE 41  577 577 PHE PHE A . n 
A 1 42  GLU 42  578 578 GLU GLU A . n 
A 1 43  PRO 43  579 579 PRO PRO A . n 
A 1 44  PHE 44  580 580 PHE PHE A . n 
A 1 45  GLN 45  581 581 GLN GLN A . n 
A 1 46  SER 46  582 582 SER SER A . n 
A 1 47  LEU 47  583 583 LEU LEU A . n 
A 1 48  VAL 48  584 584 VAL VAL A . n 
A 1 49  PRO 49  585 585 PRO PRO A . n 
A 1 50  LYS 50  586 586 LYS LYS A . n 
A 1 51  ALA 51  587 587 ALA ALA A . n 
A 1 52  ILE 52  588 588 ILE ILE A . n 
A 1 53  ARG 53  589 589 ARG ARG A . n 
A 1 54  GLY 54  590 590 GLY GLY A . n 
A 1 55  GLN 55  591 591 GLN GLN A . n 
A 1 56  TYR 56  592 592 TYR TYR A . n 
A 1 57  SER 57  593 593 SER SER A . n 
A 1 58  GLY 58  594 594 GLY GLY A . n 
A 1 59  PHE 59  595 595 PHE PHE A . n 
A 1 60  VAL 60  596 596 VAL VAL A . n 
A 1 61  ARG 61  597 597 ARG ARG A . n 
A 1 62  THR 62  598 598 THR THR A . n 
A 1 63  LEU 63  599 599 LEU LEU A . n 
A 1 64  PHE 64  600 600 PHE PHE A . n 
A 1 65  GLN 65  601 601 GLN GLN A . n 
A 1 66  GLN 66  602 602 GLN GLN A . n 
A 1 67  MSE 67  603 603 MSE MSE A . n 
A 1 68  ARG 68  604 604 ARG ARG A . n 
A 1 69  ASP 69  605 605 ASP ASP A . n 
A 1 70  VAL 70  606 606 VAL VAL A . n 
A 1 71  LEU 71  607 607 LEU LEU A . n 
A 1 72  GLY 72  608 608 GLY GLY A . n 
A 1 73  THR 73  609 609 THR THR A . n 
A 1 74  PHE 74  610 610 PHE PHE A . n 
A 1 75  ASP 75  611 611 ASP ASP A . n 
A 1 76  THR 76  612 612 THR THR A . n 
A 1 77  THR 77  613 613 THR THR A . n 
A 1 78  GLN 78  614 614 GLN GLN A . n 
A 1 79  ILE 79  615 615 ILE ILE A . n 
A 1 80  ILE 80  616 616 ILE ILE A . n 
A 1 81  LYS 81  617 617 LYS LYS A . n 
A 1 82  LEU 82  618 618 LEU LEU A . n 
A 1 83  LEU 83  619 619 LEU LEU A . n 
A 1 84  PRO 84  620 620 PRO PRO A . n 
A 1 85  PHE 85  621 621 PHE PHE A . n 
A 1 86  ALA 86  622 622 ALA ALA A . n 
A 1 87  ALA 87  623 623 ALA ALA A . n 
A 1 88  ALA 88  624 624 ALA ALA A . n 
A 1 89  PRO 89  625 625 PRO PRO A . n 
A 1 90  PRO 90  626 626 PRO PRO A . n 
A 1 91  LYS 91  627 627 LYS LYS A . n 
A 1 92  GLN 92  628 628 GLN GLN A . n 
A 1 93  SER 93  629 629 SER SER A . n 
A 1 94  ARG 94  630 630 ARG ARG A . n 
A 1 95  MSE 95  631 631 MSE MSE A . n 
A 1 96  GLN 96  632 632 GLN GLN A . n 
A 1 97  PHE 97  633 633 PHE PHE A . n 
A 1 98  SER 98  634 634 SER SER A . n 
A 1 99  SER 99  635 635 SER SER A . n 
A 1 100 LEU 100 636 636 LEU LEU A . n 
A 1 101 THR 101 637 637 THR THR A . n 
A 1 102 VAL 102 638 638 VAL VAL A . n 
A 1 103 ASN 103 639 639 ASN ASN A . n 
A 1 104 VAL 104 640 640 VAL VAL A . n 
A 1 105 ARG 105 641 641 ARG ARG A . n 
A 1 106 GLY 106 642 ?   ?   ?   A . n 
A 1 107 SER 107 643 643 SER SER A . n 
A 1 108 GLY 108 644 644 GLY GLY A . n 
A 1 109 MSE 109 645 645 MSE MSE A . n 
A 1 110 ARG 110 646 646 ARG ARG A . n 
A 1 111 ILE 111 647 647 ILE ILE A . n 
A 1 112 LEU 112 648 648 LEU LEU A . n 
A 1 113 VAL 113 649 649 VAL VAL A . n 
A 1 114 ARG 114 650 650 ARG ARG A . n 
A 1 115 GLY 115 651 651 GLY GLY A . n 
A 1 116 ASN 116 652 652 ASN ASN A . n 
A 1 117 SER 117 653 653 SER SER A . n 
A 1 118 PRO 118 654 654 PRO PRO A . n 
A 1 119 VAL 119 655 655 VAL VAL A . n 
A 1 120 PHE 120 656 656 PHE PHE A . n 
A 1 121 ASN 121 657 657 ASN ASN A . n 
A 1 122 TYR 122 658 658 TYR TYR A . n 
A 1 123 ASN 123 659 659 ASN ASN A . n 
A 1 124 LYS 124 660 660 LYS LYS A . n 
A 1 125 THR 125 661 661 THR THR A . n 
A 1 126 THR 126 662 662 THR THR A . n 
A 1 127 LYS 127 663 663 LYS LYS A . n 
A 1 128 ARG 128 664 664 ARG ARG A . n 
A 1 129 LEU 129 665 665 LEU LEU A . n 
A 1 130 THR 130 666 666 THR THR A . n 
A 1 131 ILE 131 667 667 ILE ILE A . n 
A 1 132 LEU 132 668 668 LEU LEU A . n 
A 1 133 GLY 133 669 669 GLY GLY A . n 
A 1 134 LYS 134 670 670 LYS LYS A . n 
A 1 135 ASP 135 671 671 ASP ASP A . n 
A 1 136 ALA 136 672 672 ALA ALA A . n 
A 1 137 GLY 137 673 673 GLY GLY A . n 
A 1 138 THR 138 674 674 THR THR A . n 
A 1 139 LEU 139 675 675 LEU LEU A . n 
A 1 140 ILE 140 676 676 ILE ILE A . n 
A 1 141 GLU 141 677 677 GLU GLU A . n 
A 1 142 ASP 142 678 678 ASP ASP A . n 
A 1 143 PRO 143 679 679 PRO PRO A . n 
A 1 144 ASP 144 680 680 ASP ASP A . n 
A 1 145 GLU 145 681 681 GLU GLU A . n 
A 1 146 SER 146 682 682 SER SER A . n 
A 1 147 THR 147 683 683 THR THR A . n 
A 1 148 SER 148 684 684 SER SER A . n 
A 1 149 GLY 149 685 685 GLY GLY A . n 
A 1 150 VAL 150 686 686 VAL VAL A . n 
A 1 151 GLU 151 687 687 GLU GLU A . n 
A 1 152 SER 152 688 688 SER SER A . n 
A 1 153 ALA 153 689 689 ALA ALA A . n 
A 1 154 VAL 154 690 690 VAL VAL A . n 
A 1 155 LEU 155 691 691 LEU LEU A . n 
A 1 156 ARG 156 692 692 ARG ARG A . n 
A 1 157 GLY 157 693 693 GLY GLY A . n 
# 
loop_
_pdbx_nonpoly_scheme.asym_id 
_pdbx_nonpoly_scheme.entity_id 
_pdbx_nonpoly_scheme.mon_id 
_pdbx_nonpoly_scheme.ndb_seq_num 
_pdbx_nonpoly_scheme.pdb_seq_num 
_pdbx_nonpoly_scheme.auth_seq_num 
_pdbx_nonpoly_scheme.pdb_mon_id 
_pdbx_nonpoly_scheme.auth_mon_id 
_pdbx_nonpoly_scheme.pdb_strand_id 
_pdbx_nonpoly_scheme.pdb_ins_code 
B 2 HOH 1   2001 2001 HOH HOH A . 
B 2 HOH 2   2002 2002 HOH HOH A . 
B 2 HOH 3   2003 2003 HOH HOH A . 
B 2 HOH 4   2004 2004 HOH HOH A . 
B 2 HOH 5   2005 2005 HOH HOH A . 
B 2 HOH 6   2006 2006 HOH HOH A . 
B 2 HOH 7   2007 2007 HOH HOH A . 
B 2 HOH 8   2008 2008 HOH HOH A . 
B 2 HOH 9   2009 2009 HOH HOH A . 
B 2 HOH 10  2010 2010 HOH HOH A . 
B 2 HOH 11  2011 2011 HOH HOH A . 
B 2 HOH 12  2012 2012 HOH HOH A . 
B 2 HOH 13  2013 2013 HOH HOH A . 
B 2 HOH 14  2014 2014 HOH HOH A . 
B 2 HOH 15  2015 2015 HOH HOH A . 
B 2 HOH 16  2016 2016 HOH HOH A . 
B 2 HOH 17  2017 2017 HOH HOH A . 
B 2 HOH 18  2018 2018 HOH HOH A . 
B 2 HOH 19  2019 2019 HOH HOH A . 
B 2 HOH 20  2020 2020 HOH HOH A . 
B 2 HOH 21  2021 2021 HOH HOH A . 
B 2 HOH 22  2022 2022 HOH HOH A . 
B 2 HOH 23  2023 2023 HOH HOH A . 
B 2 HOH 24  2024 2024 HOH HOH A . 
B 2 HOH 25  2025 2025 HOH HOH A . 
B 2 HOH 26  2026 2026 HOH HOH A . 
B 2 HOH 27  2027 2027 HOH HOH A . 
B 2 HOH 28  2028 2028 HOH HOH A . 
B 2 HOH 29  2029 2029 HOH HOH A . 
B 2 HOH 30  2030 2030 HOH HOH A . 
B 2 HOH 31  2031 2031 HOH HOH A . 
B 2 HOH 32  2032 2032 HOH HOH A . 
B 2 HOH 33  2033 2033 HOH HOH A . 
B 2 HOH 34  2034 2034 HOH HOH A . 
B 2 HOH 35  2035 2035 HOH HOH A . 
B 2 HOH 36  2036 2036 HOH HOH A . 
B 2 HOH 37  2037 2037 HOH HOH A . 
B 2 HOH 38  2038 2038 HOH HOH A . 
B 2 HOH 39  2039 2039 HOH HOH A . 
B 2 HOH 40  2040 2040 HOH HOH A . 
B 2 HOH 41  2041 2041 HOH HOH A . 
B 2 HOH 42  2042 2042 HOH HOH A . 
B 2 HOH 43  2043 2043 HOH HOH A . 
B 2 HOH 44  2044 2044 HOH HOH A . 
B 2 HOH 45  2045 2045 HOH HOH A . 
B 2 HOH 46  2046 2046 HOH HOH A . 
B 2 HOH 47  2047 2047 HOH HOH A . 
B 2 HOH 48  2048 2048 HOH HOH A . 
B 2 HOH 49  2049 2049 HOH HOH A . 
B 2 HOH 50  2050 2050 HOH HOH A . 
B 2 HOH 51  2051 2051 HOH HOH A . 
B 2 HOH 52  2052 2052 HOH HOH A . 
B 2 HOH 53  2053 2053 HOH HOH A . 
B 2 HOH 54  2054 2054 HOH HOH A . 
B 2 HOH 55  2055 2055 HOH HOH A . 
B 2 HOH 56  2056 2056 HOH HOH A . 
B 2 HOH 57  2057 2057 HOH HOH A . 
B 2 HOH 58  2058 2058 HOH HOH A . 
B 2 HOH 59  2059 2059 HOH HOH A . 
B 2 HOH 60  2060 2060 HOH HOH A . 
B 2 HOH 61  2061 2061 HOH HOH A . 
B 2 HOH 62  2062 2062 HOH HOH A . 
B 2 HOH 63  2063 2063 HOH HOH A . 
B 2 HOH 64  2064 2064 HOH HOH A . 
B 2 HOH 65  2065 2065 HOH HOH A . 
B 2 HOH 66  2066 2066 HOH HOH A . 
B 2 HOH 67  2067 2067 HOH HOH A . 
B 2 HOH 68  2068 2068 HOH HOH A . 
B 2 HOH 69  2069 2069 HOH HOH A . 
B 2 HOH 70  2070 2070 HOH HOH A . 
B 2 HOH 71  2071 2071 HOH HOH A . 
B 2 HOH 72  2072 2072 HOH HOH A . 
B 2 HOH 73  2073 2073 HOH HOH A . 
B 2 HOH 74  2074 2074 HOH HOH A . 
B 2 HOH 75  2075 2075 HOH HOH A . 
B 2 HOH 76  2076 2076 HOH HOH A . 
B 2 HOH 77  2077 2077 HOH HOH A . 
B 2 HOH 78  2078 2078 HOH HOH A . 
B 2 HOH 79  2079 2079 HOH HOH A . 
B 2 HOH 80  2080 2080 HOH HOH A . 
B 2 HOH 81  2081 2081 HOH HOH A . 
B 2 HOH 82  2082 2082 HOH HOH A . 
B 2 HOH 83  2083 2083 HOH HOH A . 
B 2 HOH 84  2084 2084 HOH HOH A . 
B 2 HOH 85  2085 2085 HOH HOH A . 
B 2 HOH 86  2086 2086 HOH HOH A . 
B 2 HOH 87  2087 2087 HOH HOH A . 
B 2 HOH 88  2088 2088 HOH HOH A . 
B 2 HOH 89  2089 2089 HOH HOH A . 
B 2 HOH 90  2090 2090 HOH HOH A . 
B 2 HOH 91  2091 2091 HOH HOH A . 
B 2 HOH 92  2092 2092 HOH HOH A . 
B 2 HOH 93  2093 2093 HOH HOH A . 
B 2 HOH 94  2094 2094 HOH HOH A . 
B 2 HOH 95  2095 2095 HOH HOH A . 
B 2 HOH 96  2096 2096 HOH HOH A . 
B 2 HOH 97  2097 2097 HOH HOH A . 
B 2 HOH 98  2098 2098 HOH HOH A . 
B 2 HOH 99  2099 2099 HOH HOH A . 
B 2 HOH 100 2100 2100 HOH HOH A . 
B 2 HOH 101 2101 2101 HOH HOH A . 
B 2 HOH 102 2102 2102 HOH HOH A . 
B 2 HOH 103 2103 2103 HOH HOH A . 
B 2 HOH 104 2104 2104 HOH HOH A . 
B 2 HOH 105 2105 2105 HOH HOH A . 
B 2 HOH 106 2106 2106 HOH HOH A . 
B 2 HOH 107 2107 2107 HOH HOH A . 
B 2 HOH 108 2108 2108 HOH HOH A . 
B 2 HOH 109 2109 2109 HOH HOH A . 
B 2 HOH 110 2110 2110 HOH HOH A . 
B 2 HOH 111 2111 2111 HOH HOH A . 
B 2 HOH 112 2112 2112 HOH HOH A . 
B 2 HOH 113 2113 2113 HOH HOH A . 
B 2 HOH 114 2114 2114 HOH HOH A . 
B 2 HOH 115 2115 2115 HOH HOH A . 
B 2 HOH 116 2116 2116 HOH HOH A . 
B 2 HOH 117 2117 2117 HOH HOH A . 
B 2 HOH 118 2118 2118 HOH HOH A . 
B 2 HOH 119 2119 2119 HOH HOH A . 
B 2 HOH 120 2120 2120 HOH HOH A . 
B 2 HOH 121 2121 2121 HOH HOH A . 
B 2 HOH 122 2122 2122 HOH HOH A . 
B 2 HOH 123 2123 2123 HOH HOH A . 
B 2 HOH 124 2124 2124 HOH HOH A . 
B 2 HOH 125 2125 2125 HOH HOH A . 
B 2 HOH 126 2126 2126 HOH HOH A . 
B 2 HOH 127 2127 2127 HOH HOH A . 
B 2 HOH 128 2128 2128 HOH HOH A . 
B 2 HOH 129 2129 2129 HOH HOH A . 
B 2 HOH 130 2130 2130 HOH HOH A . 
B 2 HOH 131 2131 2131 HOH HOH A . 
B 2 HOH 132 2132 2132 HOH HOH A . 
B 2 HOH 133 2133 2133 HOH HOH A . 
B 2 HOH 134 2134 2134 HOH HOH A . 
B 2 HOH 135 2135 2135 HOH HOH A . 
B 2 HOH 136 2136 2136 HOH HOH A . 
B 2 HOH 137 2137 2137 HOH HOH A . 
B 2 HOH 138 2138 2138 HOH HOH A . 
B 2 HOH 139 2139 2139 HOH HOH A . 
B 2 HOH 140 2140 2140 HOH HOH A . 
B 2 HOH 141 2141 2141 HOH HOH A . 
B 2 HOH 142 2142 2142 HOH HOH A . 
B 2 HOH 143 2143 2143 HOH HOH A . 
B 2 HOH 144 2144 2144 HOH HOH A . 
B 2 HOH 145 2145 2145 HOH HOH A . 
B 2 HOH 146 2146 2146 HOH HOH A . 
B 2 HOH 147 2147 2147 HOH HOH A . 
B 2 HOH 148 2148 2148 HOH HOH A . 
B 2 HOH 149 2149 2149 HOH HOH A . 
B 2 HOH 150 2150 2150 HOH HOH A . 
B 2 HOH 151 2151 2151 HOH HOH A . 
B 2 HOH 152 2152 2152 HOH HOH A . 
B 2 HOH 153 2153 2153 HOH HOH A . 
B 2 HOH 154 2154 2154 HOH HOH A . 
B 2 HOH 155 2155 2155 HOH HOH A . 
B 2 HOH 156 2156 2156 HOH HOH A . 
B 2 HOH 157 2157 2157 HOH HOH A . 
B 2 HOH 158 2158 2158 HOH HOH A . 
B 2 HOH 159 2159 2159 HOH HOH A . 
B 2 HOH 160 2160 2160 HOH HOH A . 
B 2 HOH 161 2161 2161 HOH HOH A . 
B 2 HOH 162 2162 2162 HOH HOH A . 
B 2 HOH 163 2163 2163 HOH HOH A . 
B 2 HOH 164 2164 2164 HOH HOH A . 
B 2 HOH 165 2165 2165 HOH HOH A . 
B 2 HOH 166 2166 2166 HOH HOH A . 
B 2 HOH 167 2167 2167 HOH HOH A . 
B 2 HOH 168 2168 2168 HOH HOH A . 
B 2 HOH 169 2169 2169 HOH HOH A . 
B 2 HOH 170 2170 2170 HOH HOH A . 
B 2 HOH 171 2171 2171 HOH HOH A . 
B 2 HOH 172 2172 2172 HOH HOH A . 
B 2 HOH 173 2173 2173 HOH HOH A . 
B 2 HOH 174 2174 2174 HOH HOH A . 
# 
loop_
_pdbx_unobs_or_zero_occ_atoms.id 
_pdbx_unobs_or_zero_occ_atoms.PDB_model_num 
_pdbx_unobs_or_zero_occ_atoms.polymer_flag 
_pdbx_unobs_or_zero_occ_atoms.occupancy_flag 
_pdbx_unobs_or_zero_occ_atoms.auth_asym_id 
_pdbx_unobs_or_zero_occ_atoms.auth_comp_id 
_pdbx_unobs_or_zero_occ_atoms.auth_seq_id 
_pdbx_unobs_or_zero_occ_atoms.PDB_ins_code 
_pdbx_unobs_or_zero_occ_atoms.auth_atom_id 
_pdbx_unobs_or_zero_occ_atoms.label_alt_id 
_pdbx_unobs_or_zero_occ_atoms.label_asym_id 
_pdbx_unobs_or_zero_occ_atoms.label_comp_id 
_pdbx_unobs_or_zero_occ_atoms.label_seq_id 
_pdbx_unobs_or_zero_occ_atoms.label_atom_id 
1  1 Y 1 A PHE 610 ? CG  ? A PHE 74  CG  
2  1 Y 1 A PHE 610 ? CD1 ? A PHE 74  CD1 
3  1 Y 1 A PHE 610 ? CD2 ? A PHE 74  CD2 
4  1 Y 1 A PHE 610 ? CE1 ? A PHE 74  CE1 
5  1 Y 1 A PHE 610 ? CE2 ? A PHE 74  CE2 
6  1 Y 1 A PHE 610 ? CZ  ? A PHE 74  CZ  
7  1 Y 1 A ARG 641 ? CA  ? A ARG 105 CA  
8  1 Y 1 A ARG 641 ? C   ? A ARG 105 C   
9  1 Y 1 A ARG 641 ? O   ? A ARG 105 O   
10 1 Y 1 A ARG 641 ? CB  ? A ARG 105 CB  
11 1 Y 1 A ARG 641 ? CG  ? A ARG 105 CG  
12 1 Y 1 A ARG 641 ? CD  ? A ARG 105 CD  
13 1 Y 1 A ARG 641 ? NE  ? A ARG 105 NE  
14 1 Y 1 A ARG 641 ? CZ  ? A ARG 105 CZ  
15 1 Y 1 A ARG 641 ? NH1 ? A ARG 105 NH1 
16 1 Y 1 A ARG 641 ? NH2 ? A ARG 105 NH2 
17 1 Y 1 A SER 643 ? N   ? A SER 107 N   
18 1 Y 1 A SER 643 ? CA  ? A SER 107 CA  
19 1 Y 1 A SER 643 ? CB  ? A SER 107 CB  
20 1 Y 1 A SER 643 ? OG  ? A SER 107 OG  
21 1 Y 1 A ARG 692 ? NE  ? A ARG 156 NE  
22 1 Y 1 A ARG 692 ? CZ  ? A ARG 156 CZ  
23 1 Y 1 A ARG 692 ? NH1 ? A ARG 156 NH1 
24 1 Y 1 A ARG 692 ? NH2 ? A ARG 156 NH2 
# 
loop_
_software.name 
_software.classification 
_software.version 
_software.citation_id 
_software.pdbx_ordinal 
REFMAC    refinement       5.2.0019 ? 1 
XDS       'data reduction' .        ? 2 
XSCALE    'data scaling'   .        ? 3 
autoSHARP phasing          .        ? 4 
# 
_cell.entry_id           2VY7 
_cell.length_a           48.390 
_cell.length_b           45.020 
_cell.length_c           60.000 
_cell.angle_alpha        90.00 
_cell.angle_beta         105.45 
_cell.angle_gamma        90.00 
_cell.Z_PDB              4 
_cell.pdbx_unique_axis   ? 
# 
_symmetry.entry_id                         2VY7 
_symmetry.space_group_name_H-M             'C 1 2 1' 
_symmetry.pdbx_full_space_group_name_H-M   ? 
_symmetry.cell_setting                     ? 
_symmetry.Int_Tables_number                5 
# 
_exptl.entry_id          2VY7 
_exptl.method            'X-RAY DIFFRACTION' 
_exptl.crystals_number   1 
# 
_exptl_crystal.id                    1 
_exptl_crystal.density_meas          ? 
_exptl_crystal.density_Matthews      1.8 
_exptl_crystal.density_percent_sol   33 
_exptl_crystal.description           NONE 
# 
_exptl_crystal_grow.crystal_id      1 
_exptl_crystal_grow.method          ? 
_exptl_crystal_grow.temp            ? 
_exptl_crystal_grow.temp_details    ? 
_exptl_crystal_grow.pH              ? 
_exptl_crystal_grow.pdbx_pH_range   ? 
_exptl_crystal_grow.pdbx_details    
;1 MICROLITRE OF 2.4 MG/ML PROTEIN SOLUTION IN 10 MM TRIS-HCL PH 7.0 AND 200 MM NACL WITH 1 MICROLITRE OF 100 MM CITRIC ACID PH 4.0-7.0 AND 1.4-1.6 M AMMONIUM SULFATE SOLUTION
;
# 
_diffrn.id                     1 
_diffrn.ambient_temp           100 
_diffrn.ambient_temp_details   ? 
_diffrn.crystal_id             1 
# 
_diffrn_detector.diffrn_id              1 
_diffrn_detector.detector               CCD 
_diffrn_detector.type                   MARRESEARCH 
_diffrn_detector.pdbx_collection_date   2007-09-19 
_diffrn_detector.details                ? 
# 
_diffrn_radiation.diffrn_id                        1 
_diffrn_radiation.wavelength_id                    1 
_diffrn_radiation.pdbx_monochromatic_or_laue_m_l   M 
_diffrn_radiation.monochromator                    ? 
_diffrn_radiation.pdbx_diffrn_protocol             'SINGLE WAVELENGTH' 
_diffrn_radiation.pdbx_scattering_type             x-ray 
# 
_diffrn_radiation_wavelength.id           1 
_diffrn_radiation_wavelength.wavelength   0.979 
_diffrn_radiation_wavelength.wt           1.0 
# 
_diffrn_source.diffrn_id                   1 
_diffrn_source.source                      SYNCHROTRON 
_diffrn_source.type                        'ESRF BEAMLINE BM14' 
_diffrn_source.pdbx_synchrotron_site       ESRF 
_diffrn_source.pdbx_synchrotron_beamline   BM14 
_diffrn_source.pdbx_wavelength             0.979 
_diffrn_source.pdbx_wavelength_list        ? 
# 
_reflns.pdbx_diffrn_id               1 
_reflns.pdbx_ordinal                 1 
_reflns.entry_id                     2VY7 
_reflns.observed_criterion_sigma_I   0.0 
_reflns.observed_criterion_sigma_F   ? 
_reflns.d_resolution_low             58.00 
_reflns.d_resolution_high            1.53 
_reflns.number_obs                   36025 
_reflns.number_all                   ? 
_reflns.percent_possible_obs         97.6 
_reflns.pdbx_Rmerge_I_obs            0.04 
_reflns.pdbx_Rsym_value              ? 
_reflns.pdbx_netI_over_sigmaI        20.20 
_reflns.B_iso_Wilson_estimate        ? 
_reflns.pdbx_redundancy              3.67 
# 
_reflns_shell.pdbx_diffrn_id         1 
_reflns_shell.pdbx_ordinal           1 
_reflns_shell.d_res_high             1.53 
_reflns_shell.d_res_low              1.58 
_reflns_shell.percent_possible_all   77.3 
_reflns_shell.Rmerge_I_obs           0.17 
_reflns_shell.pdbx_Rsym_value        ? 
_reflns_shell.meanI_over_sigI_obs    5.30 
_reflns_shell.pdbx_redundancy        2.28 
# 
_refine.pdbx_refine_id                           'X-RAY DIFFRACTION' 
_refine.entry_id                                 2VY7 
_refine.pdbx_diffrn_id                           1 
_refine.pdbx_TLS_residual_ADP_flag               ? 
_refine.ls_number_reflns_obs                     17685 
_refine.ls_number_reflns_all                     ? 
_refine.pdbx_ls_sigma_I                          ? 
_refine.pdbx_ls_sigma_F                          ? 
_refine.pdbx_data_cutoff_high_absF               ? 
_refine.pdbx_data_cutoff_low_absF                ? 
_refine.pdbx_data_cutoff_high_rms_absF           ? 
_refine.ls_d_res_low                             57.83 
_refine.ls_d_res_high                            1.53 
_refine.ls_percent_reflns_obs                    98.6 
_refine.ls_R_factor_obs                          0.146 
_refine.ls_R_factor_all                          ? 
_refine.ls_R_factor_R_work                       0.144 
_refine.ls_R_factor_R_free                       0.185 
_refine.ls_R_factor_R_free_error                 ? 
_refine.ls_R_factor_R_free_error_details         ? 
_refine.ls_percent_reflns_R_free                 5.100 
_refine.ls_number_reflns_R_free                  960 
_refine.ls_number_parameters                     ? 
_refine.ls_number_restraints                     ? 
_refine.occupancy_min                            ? 
_refine.occupancy_max                            ? 
_refine.correlation_coeff_Fo_to_Fc               0.964 
_refine.correlation_coeff_Fo_to_Fc_free          0.945 
_refine.B_iso_mean                               7.51 
_refine.aniso_B[1][1]                            0.01000 
_refine.aniso_B[2][2]                            -0.15000 
_refine.aniso_B[3][3]                            0.29000 
_refine.aniso_B[1][2]                            0.00000 
_refine.aniso_B[1][3]                            0.27000 
_refine.aniso_B[2][3]                            0.00000 
_refine.solvent_model_details                    MASK 
_refine.solvent_model_param_ksol                 ? 
_refine.solvent_model_param_bsol                 ? 
_refine.pdbx_solvent_vdw_probe_radii             1.40 
_refine.pdbx_solvent_ion_probe_radii             0.80 
_refine.pdbx_solvent_shrinkage_radii             0.80 
_refine.pdbx_ls_cross_valid_method               THROUGHOUT 
_refine.details                                  'HYDROGENS HAVE BEEN ADDED IN THE RIDING POSITIONS.' 
_refine.pdbx_starting_model                      NONE 
_refine.pdbx_method_to_determine_struct          SAD 
_refine.pdbx_isotropic_thermal_model             ? 
_refine.pdbx_stereochemistry_target_values       'MAXIMUM LIKELIHOOD' 
_refine.pdbx_stereochem_target_val_spec_case     ? 
_refine.pdbx_R_Free_selection_details            RANDOM 
_refine.pdbx_overall_ESU_R                       0.082 
_refine.pdbx_overall_ESU_R_Free                  0.085 
_refine.overall_SU_ML                            0.048 
_refine.pdbx_overall_phase_error                 ? 
_refine.overall_SU_B                             1.261 
_refine.overall_SU_R_Cruickshank_DPI             ? 
_refine.pdbx_overall_SU_R_free_Cruickshank_DPI   ? 
_refine.pdbx_overall_SU_R_Blow_DPI               ? 
_refine.pdbx_overall_SU_R_free_Blow_DPI          ? 
# 
_refine_hist.pdbx_refine_id                   'X-RAY DIFFRACTION' 
_refine_hist.cycle_id                         LAST 
_refine_hist.pdbx_number_atoms_protein        1219 
_refine_hist.pdbx_number_atoms_nucleic_acid   0 
_refine_hist.pdbx_number_atoms_ligand         0 
_refine_hist.number_atoms_solvent             174 
_refine_hist.number_atoms_total               1393 
_refine_hist.d_res_high                       1.53 
_refine_hist.d_res_low                        57.83 
# 
loop_
_refine_ls_restr.type 
_refine_ls_restr.dev_ideal 
_refine_ls_restr.dev_ideal_target 
_refine_ls_restr.weight 
_refine_ls_restr.number 
_refine_ls_restr.pdbx_refine_id 
_refine_ls_restr.pdbx_restraint_function 
r_bond_refined_d             0.015  0.022  ? 1405 'X-RAY DIFFRACTION' ? 
r_bond_other_d               0.001  0.020  ? 971  'X-RAY DIFFRACTION' ? 
r_angle_refined_deg          1.573  1.966  ? 1934 'X-RAY DIFFRACTION' ? 
r_angle_other_deg            0.968  3.000  ? 2399 'X-RAY DIFFRACTION' ? 
r_dihedral_angle_1_deg       5.778  5.000  ? 195  'X-RAY DIFFRACTION' ? 
r_dihedral_angle_2_deg       36.852 24.754 ? 61   'X-RAY DIFFRACTION' ? 
r_dihedral_angle_3_deg       11.920 15.000 ? 264  'X-RAY DIFFRACTION' ? 
r_dihedral_angle_4_deg       16.658 15.000 ? 9    'X-RAY DIFFRACTION' ? 
r_chiral_restr               0.086  0.200  ? 221  'X-RAY DIFFRACTION' ? 
r_gen_planes_refined         0.007  0.020  ? 1599 'X-RAY DIFFRACTION' ? 
r_gen_planes_other           0.002  0.020  ? 275  'X-RAY DIFFRACTION' ? 
r_nbd_refined                0.257  0.200  ? 324  'X-RAY DIFFRACTION' ? 
r_nbd_other                  0.193  0.200  ? 1034 'X-RAY DIFFRACTION' ? 
r_nbtor_refined              0.186  0.200  ? 710  'X-RAY DIFFRACTION' ? 
r_nbtor_other                0.087  0.200  ? 706  'X-RAY DIFFRACTION' ? 
r_xyhbond_nbd_refined        0.195  0.200  ? 115  'X-RAY DIFFRACTION' ? 
r_xyhbond_nbd_other          ?      ?      ? ?    'X-RAY DIFFRACTION' ? 
r_metal_ion_refined          ?      ?      ? ?    'X-RAY DIFFRACTION' ? 
r_metal_ion_other            ?      ?      ? ?    'X-RAY DIFFRACTION' ? 
r_symmetry_vdw_refined       0.174  0.200  ? 22   'X-RAY DIFFRACTION' ? 
r_symmetry_vdw_other         0.292  0.200  ? 66   'X-RAY DIFFRACTION' ? 
r_symmetry_hbond_refined     0.334  0.200  ? 30   'X-RAY DIFFRACTION' ? 
r_symmetry_hbond_other       ?      ?      ? ?    'X-RAY DIFFRACTION' ? 
r_symmetry_metal_ion_refined ?      ?      ? ?    'X-RAY DIFFRACTION' ? 
r_symmetry_metal_ion_other   ?      ?      ? ?    'X-RAY DIFFRACTION' ? 
r_mcbond_it                  1.354  1.500  ? 889  'X-RAY DIFFRACTION' ? 
r_mcbond_other               ?      ?      ? ?    'X-RAY DIFFRACTION' ? 
r_mcangle_it                 1.720  2.000  ? 1435 'X-RAY DIFFRACTION' ? 
r_mcangle_other              ?      ?      ? ?    'X-RAY DIFFRACTION' ? 
r_scbond_it                  2.565  3.000  ? 581  'X-RAY DIFFRACTION' ? 
r_scbond_other               ?      ?      ? ?    'X-RAY DIFFRACTION' ? 
r_scangle_it                 3.894  4.500  ? 485  'X-RAY DIFFRACTION' ? 
r_scangle_other              ?      ?      ? ?    'X-RAY DIFFRACTION' ? 
r_long_range_B_refined       ?      ?      ? ?    'X-RAY DIFFRACTION' ? 
r_long_range_B_other         ?      ?      ? ?    'X-RAY DIFFRACTION' ? 
r_rigid_bond_restr           ?      ?      ? ?    'X-RAY DIFFRACTION' ? 
r_sphericity_free            ?      ?      ? ?    'X-RAY DIFFRACTION' ? 
r_sphericity_bonded          ?      ?      ? ?    'X-RAY DIFFRACTION' ? 
# 
_refine_ls_shell.pdbx_refine_id                   'X-RAY DIFFRACTION' 
_refine_ls_shell.pdbx_total_number_of_bins_used   20 
_refine_ls_shell.d_res_high                       1.53 
_refine_ls_shell.d_res_low                        1.57 
_refine_ls_shell.number_reflns_R_work             1147 
_refine_ls_shell.R_factor_R_work                  0.1590 
_refine_ls_shell.percent_reflns_obs               ? 
_refine_ls_shell.R_factor_R_free                  0.2510 
_refine_ls_shell.R_factor_R_free_error            ? 
_refine_ls_shell.percent_reflns_R_free            ? 
_refine_ls_shell.number_reflns_R_free             50 
_refine_ls_shell.number_reflns_all                ? 
_refine_ls_shell.R_factor_all                     ? 
# 
_struct.entry_id                  2VY7 
_struct.title                     'The 627-domain from influenza A virus polymerase PB2 subunit' 
_struct.pdbx_model_details        ? 
_struct.pdbx_CASP_flag            ? 
_struct.pdbx_model_type_details   ? 
# 
_struct_keywords.entry_id        2VY7 
_struct_keywords.pdbx_keywords   TRANSCRIPTION 
_struct_keywords.text            'TRANSCRIPTION, MRNA CAPPING, MITOCHONDRION, MRNA PROCESSING, VIRAL PROTEIN' 
# 
loop_
_struct_asym.id 
_struct_asym.pdbx_blank_PDB_chainid_flag 
_struct_asym.pdbx_modified 
_struct_asym.entity_id 
_struct_asym.details 
A N N 1 ? 
B N N 2 ? 
# 
loop_
_struct_ref.id 
_struct_ref.db_name 
_struct_ref.db_code 
_struct_ref.entity_id 
_struct_ref.pdbx_seq_one_letter_code 
_struct_ref.pdbx_align_begin 
_struct_ref.pdbx_db_accession 
_struct_ref.pdbx_db_isoform 
1 PDB 2VY7      1 ? ? 2VY7   ? 
2 UNP PB2_I75A3 1 ? ? P31345 ? 
# 
loop_
_struct_ref_seq.align_id 
_struct_ref_seq.ref_id 
_struct_ref_seq.pdbx_PDB_id_code 
_struct_ref_seq.pdbx_strand_id 
_struct_ref_seq.seq_align_beg 
_struct_ref_seq.pdbx_seq_align_beg_ins_code 
_struct_ref_seq.seq_align_end 
_struct_ref_seq.pdbx_seq_align_end_ins_code 
_struct_ref_seq.pdbx_db_accession 
_struct_ref_seq.db_align_beg 
_struct_ref_seq.pdbx_db_align_beg_ins_code 
_struct_ref_seq.db_align_end 
_struct_ref_seq.pdbx_db_align_end_ins_code 
_struct_ref_seq.pdbx_auth_seq_align_beg 
_struct_ref_seq.pdbx_auth_seq_align_end 
1 1 2VY7 A 1 ? 1   ? 2VY7   537 ? 537 ? 537 537 
2 2 2VY7 A 2 ? 157 ? P31345 538 ? 693 ? 538 693 
# 
_pdbx_struct_assembly.id                   1 
_pdbx_struct_assembly.details              author_and_software_defined_assembly 
_pdbx_struct_assembly.method_details       PQS 
_pdbx_struct_assembly.oligomeric_details   monomeric 
_pdbx_struct_assembly.oligomeric_count     1 
# 
_pdbx_struct_assembly_gen.assembly_id       1 
_pdbx_struct_assembly_gen.oper_expression   1 
_pdbx_struct_assembly_gen.asym_id_list      A,B 
# 
_pdbx_struct_oper_list.id                   1 
_pdbx_struct_oper_list.type                 'identity operation' 
_pdbx_struct_oper_list.name                 1_555 
_pdbx_struct_oper_list.symmetry_operation   x,y,z 
_pdbx_struct_oper_list.matrix[1][1]         1.0000000000 
_pdbx_struct_oper_list.matrix[1][2]         0.0000000000 
_pdbx_struct_oper_list.matrix[1][3]         0.0000000000 
_pdbx_struct_oper_list.vector[1]            0.0000000000 
_pdbx_struct_oper_list.matrix[2][1]         0.0000000000 
_pdbx_struct_oper_list.matrix[2][2]         1.0000000000 
_pdbx_struct_oper_list.matrix[2][3]         0.0000000000 
_pdbx_struct_oper_list.vector[2]            0.0000000000 
_pdbx_struct_oper_list.matrix[3][1]         0.0000000000 
_pdbx_struct_oper_list.matrix[3][2]         0.0000000000 
_pdbx_struct_oper_list.matrix[3][3]         1.0000000000 
_pdbx_struct_oper_list.vector[3]            0.0000000000 
# 
_struct_biol.id   1 
# 
loop_
_struct_conf.conf_type_id 
_struct_conf.id 
_struct_conf.pdbx_PDB_helix_id 
_struct_conf.beg_label_comp_id 
_struct_conf.beg_label_asym_id 
_struct_conf.beg_label_seq_id 
_struct_conf.pdbx_beg_PDB_ins_code 
_struct_conf.end_label_comp_id 
_struct_conf.end_label_asym_id 
_struct_conf.end_label_seq_id 
_struct_conf.pdbx_end_PDB_ins_code 
_struct_conf.beg_auth_comp_id 
_struct_conf.beg_auth_asym_id 
_struct_conf.beg_auth_seq_id 
_struct_conf.end_auth_comp_id 
_struct_conf.end_auth_asym_id 
_struct_conf.end_auth_seq_id 
_struct_conf.pdbx_PDB_helix_class 
_struct_conf.details 
_struct_conf.pdbx_PDB_helix_length 
HELX_P HELX_P1 1 ASN A 4  ? ASN A 20 ? ASN A 540 ASN A 556 1 ? 17 
HELX_P HELX_P2 2 ASN A 20 ? ASN A 31 ? ASN A 556 ASN A 567 1 ? 12 
HELX_P HELX_P3 3 ASN A 31 ? ASN A 37 ? ASN A 567 ASN A 573 1 ? 7  
HELX_P HELX_P4 4 LYS A 38 ? GLU A 40 ? LYS A 574 GLU A 576 5 ? 3  
HELX_P HELX_P5 5 PHE A 41 ? VAL A 48 ? PHE A 577 VAL A 584 1 ? 8  
HELX_P HELX_P6 6 ILE A 52 ? GLY A 72 ? ILE A 588 GLY A 608 1 ? 21 
HELX_P HELX_P7 7 ASP A 75 ? LEU A 83 ? ASP A 611 LEU A 619 1 ? 9  
HELX_P HELX_P8 8 PRO A 84 ? ALA A 87 ? PRO A 620 ALA A 623 5 ? 4  
# 
_struct_conf_type.id          HELX_P 
_struct_conf_type.criteria    ? 
_struct_conf_type.reference   ? 
# 
loop_
_struct_conn.id 
_struct_conn.conn_type_id 
_struct_conn.pdbx_leaving_atom_flag 
_struct_conn.pdbx_PDB_id 
_struct_conn.ptnr1_label_asym_id 
_struct_conn.ptnr1_label_comp_id 
_struct_conn.ptnr1_label_seq_id 
_struct_conn.ptnr1_label_atom_id 
_struct_conn.pdbx_ptnr1_label_alt_id 
_struct_conn.pdbx_ptnr1_PDB_ins_code 
_struct_conn.pdbx_ptnr1_standard_comp_id 
_struct_conn.ptnr1_symmetry 
_struct_conn.ptnr2_label_asym_id 
_struct_conn.ptnr2_label_comp_id 
_struct_conn.ptnr2_label_seq_id 
_struct_conn.ptnr2_label_atom_id 
_struct_conn.pdbx_ptnr2_label_alt_id 
_struct_conn.pdbx_ptnr2_PDB_ins_code 
_struct_conn.ptnr1_auth_asym_id 
_struct_conn.ptnr1_auth_comp_id 
_struct_conn.ptnr1_auth_seq_id 
_struct_conn.ptnr2_auth_asym_id 
_struct_conn.ptnr2_auth_comp_id 
_struct_conn.ptnr2_auth_seq_id 
_struct_conn.ptnr2_symmetry 
_struct_conn.pdbx_ptnr3_label_atom_id 
_struct_conn.pdbx_ptnr3_label_seq_id 
_struct_conn.pdbx_ptnr3_label_comp_id 
_struct_conn.pdbx_ptnr3_label_asym_id 
_struct_conn.pdbx_ptnr3_label_alt_id 
_struct_conn.pdbx_ptnr3_PDB_ins_code 
_struct_conn.details 
_struct_conn.pdbx_dist_value 
_struct_conn.pdbx_value_order 
_struct_conn.pdbx_role 
covale1  covale both ? A THR 33  C ? ? ? 1_555 A MSE 34  N A ? A THR 569 A MSE 570 1_555 ? ? ? ? ? ? ? 1.319 ? ? 
covale2  covale both ? A THR 33  C ? ? ? 1_555 A MSE 34  N B ? A THR 569 A MSE 570 1_555 ? ? ? ? ? ? ? 1.326 ? ? 
covale3  covale both ? A MSE 34  C A ? ? 1_555 A LEU 35  N ? ? A MSE 570 A LEU 571 1_555 ? ? ? ? ? ? ? 1.328 ? ? 
covale4  covale both ? A MSE 34  C B ? ? 1_555 A LEU 35  N ? ? A MSE 570 A LEU 571 1_555 ? ? ? ? ? ? ? 1.329 ? ? 
covale5  covale both ? A LYS 38  C ? ? ? 1_555 A MSE 39  N C ? A LYS 574 A MSE 575 1_555 ? ? ? ? ? ? ? 1.330 ? ? 
covale6  covale both ? A LYS 38  C ? ? ? 1_555 A MSE 39  N A ? A LYS 574 A MSE 575 1_555 ? ? ? ? ? ? ? 1.331 ? ? 
covale7  covale both ? A LYS 38  C ? ? ? 1_555 A MSE 39  N B ? A LYS 574 A MSE 575 1_555 ? ? ? ? ? ? ? 1.334 ? ? 
covale8  covale both ? A MSE 39  C C ? ? 1_555 A GLU 40  N ? ? A MSE 575 A GLU 576 1_555 ? ? ? ? ? ? ? 1.328 ? ? 
covale9  covale both ? A MSE 39  C A ? ? 1_555 A GLU 40  N ? ? A MSE 575 A GLU 576 1_555 ? ? ? ? ? ? ? 1.333 ? ? 
covale10 covale both ? A MSE 39  C B ? ? 1_555 A GLU 40  N ? ? A MSE 575 A GLU 576 1_555 ? ? ? ? ? ? ? 1.326 ? ? 
covale11 covale both ? A GLN 66  C ? ? ? 1_555 A MSE 67  N B ? A GLN 602 A MSE 603 1_555 ? ? ? ? ? ? ? 1.311 ? ? 
covale12 covale both ? A GLN 66  C ? ? ? 1_555 A MSE 67  N A ? A GLN 602 A MSE 603 1_555 ? ? ? ? ? ? ? 1.346 ? ? 
covale13 covale both ? A MSE 67  C B ? ? 1_555 A ARG 68  N ? ? A MSE 603 A ARG 604 1_555 ? ? ? ? ? ? ? 1.328 ? ? 
covale14 covale both ? A MSE 67  C A ? ? 1_555 A ARG 68  N ? ? A MSE 603 A ARG 604 1_555 ? ? ? ? ? ? ? 1.342 ? ? 
covale15 covale both ? A ARG 94  C ? ? ? 1_555 A MSE 95  N ? ? A ARG 630 A MSE 631 1_555 ? ? ? ? ? ? ? 1.330 ? ? 
covale16 covale both ? A MSE 95  C ? ? ? 1_555 A GLN 96  N ? ? A MSE 631 A GLN 632 1_555 ? ? ? ? ? ? ? 1.324 ? ? 
covale17 covale both ? A GLY 108 C ? ? ? 1_555 A MSE 109 N ? ? A GLY 644 A MSE 645 1_555 ? ? ? ? ? ? ? 1.337 ? ? 
covale18 covale both ? A MSE 109 C ? ? ? 1_555 A ARG 110 N ? ? A MSE 645 A ARG 646 1_555 ? ? ? ? ? ? ? 1.322 ? ? 
# 
_struct_conn_type.id          covale 
_struct_conn_type.criteria    ? 
_struct_conn_type.reference   ? 
# 
loop_
_pdbx_modification_feature.ordinal 
_pdbx_modification_feature.label_comp_id 
_pdbx_modification_feature.label_asym_id 
_pdbx_modification_feature.label_seq_id 
_pdbx_modification_feature.label_alt_id 
_pdbx_modification_feature.modified_residue_label_comp_id 
_pdbx_modification_feature.modified_residue_label_asym_id 
_pdbx_modification_feature.modified_residue_label_seq_id 
_pdbx_modification_feature.modified_residue_label_alt_id 
_pdbx_modification_feature.auth_comp_id 
_pdbx_modification_feature.auth_asym_id 
_pdbx_modification_feature.auth_seq_id 
_pdbx_modification_feature.PDB_ins_code 
_pdbx_modification_feature.symmetry 
_pdbx_modification_feature.modified_residue_auth_comp_id 
_pdbx_modification_feature.modified_residue_auth_asym_id 
_pdbx_modification_feature.modified_residue_auth_seq_id 
_pdbx_modification_feature.modified_residue_PDB_ins_code 
_pdbx_modification_feature.modified_residue_symmetry 
_pdbx_modification_feature.comp_id_linking_atom 
_pdbx_modification_feature.modified_residue_id_linking_atom 
_pdbx_modification_feature.modified_residue_id 
_pdbx_modification_feature.ref_pcm_id 
_pdbx_modification_feature.ref_comp_id 
_pdbx_modification_feature.type 
_pdbx_modification_feature.category 
1 MSE A 34  A . . . . MSE A 570 ? 1_555 . . . . . . . MET 1 MSE Selenomethionine 'Named protein modification' 
2 MSE A 34  B . . . . MSE A 570 ? 1_555 . . . . . . . MET 1 MSE Selenomethionine 'Named protein modification' 
3 MSE A 39  A . . . . MSE A 575 ? 1_555 . . . . . . . MET 1 MSE Selenomethionine 'Named protein modification' 
4 MSE A 39  B . . . . MSE A 575 ? 1_555 . . . . . . . MET 1 MSE Selenomethionine 'Named protein modification' 
5 MSE A 39  C . . . . MSE A 575 ? 1_555 . . . . . . . MET 1 MSE Selenomethionine 'Named protein modification' 
6 MSE A 67  A . . . . MSE A 603 ? 1_555 . . . . . . . MET 1 MSE Selenomethionine 'Named protein modification' 
7 MSE A 67  B . . . . MSE A 603 ? 1_555 . . . . . . . MET 1 MSE Selenomethionine 'Named protein modification' 
8 MSE A 95  ? . . . . MSE A 631 ? 1_555 . . . . . . . MET 1 MSE Selenomethionine 'Named protein modification' 
9 MSE A 109 ? . . . . MSE A 645 ? 1_555 . . . . . . . MET 1 MSE Selenomethionine 'Named protein modification' 
# 
loop_
_struct_sheet.id 
_struct_sheet.type 
_struct_sheet.number_strands 
_struct_sheet.details 
AA ? 2 ? 
AB ? 3 ? 
# 
loop_
_struct_sheet_order.sheet_id 
_struct_sheet_order.range_id_1 
_struct_sheet_order.range_id_2 
_struct_sheet_order.offset 
_struct_sheet_order.sense 
AA 1 2 ? anti-parallel 
AB 1 2 ? anti-parallel 
AB 2 3 ? anti-parallel 
# 
loop_
_struct_sheet_range.sheet_id 
_struct_sheet_range.id 
_struct_sheet_range.beg_label_comp_id 
_struct_sheet_range.beg_label_asym_id 
_struct_sheet_range.beg_label_seq_id 
_struct_sheet_range.pdbx_beg_PDB_ins_code 
_struct_sheet_range.end_label_comp_id 
_struct_sheet_range.end_label_asym_id 
_struct_sheet_range.end_label_seq_id 
_struct_sheet_range.pdbx_end_PDB_ins_code 
_struct_sheet_range.beg_auth_comp_id 
_struct_sheet_range.beg_auth_asym_id 
_struct_sheet_range.beg_auth_seq_id 
_struct_sheet_range.end_auth_comp_id 
_struct_sheet_range.end_auth_asym_id 
_struct_sheet_range.end_auth_seq_id 
AA 1 SER A 99  ? VAL A 102 ? SER A 635 VAL A 638 
AA 2 MSE A 109 ? LEU A 112 ? MSE A 645 LEU A 648 
AB 1 PHE A 120 ? ASN A 123 ? PHE A 656 ASN A 659 
AB 2 ARG A 128 ? ILE A 131 ? ARG A 664 ILE A 667 
AB 3 LYS A 134 ? THR A 138 ? LYS A 670 THR A 674 
# 
loop_
_pdbx_struct_sheet_hbond.sheet_id 
_pdbx_struct_sheet_hbond.range_id_1 
_pdbx_struct_sheet_hbond.range_id_2 
_pdbx_struct_sheet_hbond.range_1_label_atom_id 
_pdbx_struct_sheet_hbond.range_1_label_comp_id 
_pdbx_struct_sheet_hbond.range_1_label_asym_id 
_pdbx_struct_sheet_hbond.range_1_label_seq_id 
_pdbx_struct_sheet_hbond.range_1_PDB_ins_code 
_pdbx_struct_sheet_hbond.range_1_auth_atom_id 
_pdbx_struct_sheet_hbond.range_1_auth_comp_id 
_pdbx_struct_sheet_hbond.range_1_auth_asym_id 
_pdbx_struct_sheet_hbond.range_1_auth_seq_id 
_pdbx_struct_sheet_hbond.range_2_label_atom_id 
_pdbx_struct_sheet_hbond.range_2_label_comp_id 
_pdbx_struct_sheet_hbond.range_2_label_asym_id 
_pdbx_struct_sheet_hbond.range_2_label_seq_id 
_pdbx_struct_sheet_hbond.range_2_PDB_ins_code 
_pdbx_struct_sheet_hbond.range_2_auth_atom_id 
_pdbx_struct_sheet_hbond.range_2_auth_comp_id 
_pdbx_struct_sheet_hbond.range_2_auth_asym_id 
_pdbx_struct_sheet_hbond.range_2_auth_seq_id 
AA 1 2 N VAL A 102 ? N VAL A 638 O MSE A 109 ? O MSE A 645 
AB 1 2 N ASN A 123 ? N ASN A 659 O ARG A 128 ? O ARG A 664 
AB 2 3 N ILE A 131 ? N ILE A 667 O LYS A 134 ? O LYS A 670 
# 
_pdbx_entry_details.entry_id                   2VY7 
_pdbx_entry_details.compound_details           ? 
_pdbx_entry_details.source_details             ? 
_pdbx_entry_details.nonpolymer_details         ? 
_pdbx_entry_details.sequence_details           ? 
_pdbx_entry_details.has_ligand_of_interest     ? 
_pdbx_entry_details.has_protein_modification   Y 
# 
loop_
_pdbx_validate_close_contact.id 
_pdbx_validate_close_contact.PDB_model_num 
_pdbx_validate_close_contact.auth_atom_id_1 
_pdbx_validate_close_contact.auth_asym_id_1 
_pdbx_validate_close_contact.auth_comp_id_1 
_pdbx_validate_close_contact.auth_seq_id_1 
_pdbx_validate_close_contact.PDB_ins_code_1 
_pdbx_validate_close_contact.label_alt_id_1 
_pdbx_validate_close_contact.auth_atom_id_2 
_pdbx_validate_close_contact.auth_asym_id_2 
_pdbx_validate_close_contact.auth_comp_id_2 
_pdbx_validate_close_contact.auth_seq_id_2 
_pdbx_validate_close_contact.PDB_ins_code_2 
_pdbx_validate_close_contact.label_alt_id_2 
_pdbx_validate_close_contact.dist 
1 1 O   A THR 609 ? A O A HOH 2085 ? ? 2.00 
2 1 O   A PHE 610 ? A O A HOH 2086 ? ? 2.07 
3 1 OE1 A GLN 601 ? B O A HOH 2079 ? ? 2.13 
# 
_pdbx_validate_symm_contact.id                1 
_pdbx_validate_symm_contact.PDB_model_num     1 
_pdbx_validate_symm_contact.auth_atom_id_1    O 
_pdbx_validate_symm_contact.auth_asym_id_1    A 
_pdbx_validate_symm_contact.auth_comp_id_1    HOH 
_pdbx_validate_symm_contact.auth_seq_id_1     2071 
_pdbx_validate_symm_contact.PDB_ins_code_1    ? 
_pdbx_validate_symm_contact.label_alt_id_1    ? 
_pdbx_validate_symm_contact.site_symmetry_1   1_555 
_pdbx_validate_symm_contact.auth_atom_id_2    O 
_pdbx_validate_symm_contact.auth_asym_id_2    A 
_pdbx_validate_symm_contact.auth_comp_id_2    HOH 
_pdbx_validate_symm_contact.auth_seq_id_2     2071 
_pdbx_validate_symm_contact.PDB_ins_code_2    ? 
_pdbx_validate_symm_contact.label_alt_id_2    ? 
_pdbx_validate_symm_contact.site_symmetry_2   2_656 
_pdbx_validate_symm_contact.dist              1.17 
# 
_pdbx_validate_rmsd_bond.id                        1 
_pdbx_validate_rmsd_bond.PDB_model_num             1 
_pdbx_validate_rmsd_bond.auth_atom_id_1            CB 
_pdbx_validate_rmsd_bond.auth_asym_id_1            A 
_pdbx_validate_rmsd_bond.auth_comp_id_1            ARG 
_pdbx_validate_rmsd_bond.auth_seq_id_1             589 
_pdbx_validate_rmsd_bond.PDB_ins_code_1            ? 
_pdbx_validate_rmsd_bond.label_alt_id_1            ? 
_pdbx_validate_rmsd_bond.auth_atom_id_2            CG 
_pdbx_validate_rmsd_bond.auth_asym_id_2            A 
_pdbx_validate_rmsd_bond.auth_comp_id_2            ARG 
_pdbx_validate_rmsd_bond.auth_seq_id_2             589 
_pdbx_validate_rmsd_bond.PDB_ins_code_2            ? 
_pdbx_validate_rmsd_bond.label_alt_id_2            ? 
_pdbx_validate_rmsd_bond.bond_value                1.343 
_pdbx_validate_rmsd_bond.bond_target_value         1.521 
_pdbx_validate_rmsd_bond.bond_deviation            -0.178 
_pdbx_validate_rmsd_bond.bond_standard_deviation   0.027 
_pdbx_validate_rmsd_bond.linker_flag               N 
# 
loop_
_pdbx_validate_torsion.id 
_pdbx_validate_torsion.PDB_model_num 
_pdbx_validate_torsion.auth_comp_id 
_pdbx_validate_torsion.auth_asym_id 
_pdbx_validate_torsion.auth_seq_id 
_pdbx_validate_torsion.PDB_ins_code 
_pdbx_validate_torsion.label_alt_id 
_pdbx_validate_torsion.phi 
_pdbx_validate_torsion.psi 
1 1 ASN A 567 ? ? -151.31 64.46  
2 1 THR A 609 ? B -68.74  91.69  
3 1 ASP A 611 ? B -36.63  116.68 
4 1 VAL A 690 ? ? -101.67 -62.89 
# 
loop_
_pdbx_struct_mod_residue.id 
_pdbx_struct_mod_residue.label_asym_id 
_pdbx_struct_mod_residue.label_comp_id 
_pdbx_struct_mod_residue.label_seq_id 
_pdbx_struct_mod_residue.auth_asym_id 
_pdbx_struct_mod_residue.auth_comp_id 
_pdbx_struct_mod_residue.auth_seq_id 
_pdbx_struct_mod_residue.PDB_ins_code 
_pdbx_struct_mod_residue.parent_comp_id 
_pdbx_struct_mod_residue.details 
1 A MSE 34  A MSE 570 ? MET SELENOMETHIONINE 
2 A MSE 39  A MSE 575 ? MET SELENOMETHIONINE 
3 A MSE 67  A MSE 603 ? MET SELENOMETHIONINE 
4 A MSE 95  A MSE 631 ? MET SELENOMETHIONINE 
5 A MSE 109 A MSE 645 ? MET SELENOMETHIONINE 
# 
_pdbx_struct_special_symmetry.id              1 
_pdbx_struct_special_symmetry.PDB_model_num   1 
_pdbx_struct_special_symmetry.auth_asym_id    A 
_pdbx_struct_special_symmetry.auth_comp_id    HOH 
_pdbx_struct_special_symmetry.auth_seq_id     2018 
_pdbx_struct_special_symmetry.PDB_ins_code    ? 
_pdbx_struct_special_symmetry.label_asym_id   B 
_pdbx_struct_special_symmetry.label_comp_id   HOH 
_pdbx_struct_special_symmetry.label_seq_id    . 
# 
_pdbx_unobs_or_zero_occ_residues.id               1 
_pdbx_unobs_or_zero_occ_residues.PDB_model_num    1 
_pdbx_unobs_or_zero_occ_residues.polymer_flag     Y 
_pdbx_unobs_or_zero_occ_residues.occupancy_flag   1 
_pdbx_unobs_or_zero_occ_residues.auth_asym_id     A 
_pdbx_unobs_or_zero_occ_residues.auth_comp_id     GLY 
_pdbx_unobs_or_zero_occ_residues.auth_seq_id      642 
_pdbx_unobs_or_zero_occ_residues.PDB_ins_code     ? 
_pdbx_unobs_or_zero_occ_residues.label_asym_id    A 
_pdbx_unobs_or_zero_occ_residues.label_comp_id    GLY 
_pdbx_unobs_or_zero_occ_residues.label_seq_id     106 
# 
loop_
_chem_comp_atom.comp_id 
_chem_comp_atom.atom_id 
_chem_comp_atom.type_symbol 
_chem_comp_atom.pdbx_aromatic_flag 
_chem_comp_atom.pdbx_stereo_config 
_chem_comp_atom.pdbx_ordinal 
ALA N    N  N N 1   
ALA CA   C  N S 2   
ALA C    C  N N 3   
ALA O    O  N N 4   
ALA CB   C  N N 5   
ALA OXT  O  N N 6   
ALA H    H  N N 7   
ALA H2   H  N N 8   
ALA HA   H  N N 9   
ALA HB1  H  N N 10  
ALA HB2  H  N N 11  
ALA HB3  H  N N 12  
ALA HXT  H  N N 13  
ARG N    N  N N 14  
ARG CA   C  N S 15  
ARG C    C  N N 16  
ARG O    O  N N 17  
ARG CB   C  N N 18  
ARG CG   C  N N 19  
ARG CD   C  N N 20  
ARG NE   N  N N 21  
ARG CZ   C  N N 22  
ARG NH1  N  N N 23  
ARG NH2  N  N N 24  
ARG OXT  O  N N 25  
ARG H    H  N N 26  
ARG H2   H  N N 27  
ARG HA   H  N N 28  
ARG HB2  H  N N 29  
ARG HB3  H  N N 30  
ARG HG2  H  N N 31  
ARG HG3  H  N N 32  
ARG HD2  H  N N 33  
ARG HD3  H  N N 34  
ARG HE   H  N N 35  
ARG HH11 H  N N 36  
ARG HH12 H  N N 37  
ARG HH21 H  N N 38  
ARG HH22 H  N N 39  
ARG HXT  H  N N 40  
ASN N    N  N N 41  
ASN CA   C  N S 42  
ASN C    C  N N 43  
ASN O    O  N N 44  
ASN CB   C  N N 45  
ASN CG   C  N N 46  
ASN OD1  O  N N 47  
ASN ND2  N  N N 48  
ASN OXT  O  N N 49  
ASN H    H  N N 50  
ASN H2   H  N N 51  
ASN HA   H  N N 52  
ASN HB2  H  N N 53  
ASN HB3  H  N N 54  
ASN HD21 H  N N 55  
ASN HD22 H  N N 56  
ASN HXT  H  N N 57  
ASP N    N  N N 58  
ASP CA   C  N S 59  
ASP C    C  N N 60  
ASP O    O  N N 61  
ASP CB   C  N N 62  
ASP CG   C  N N 63  
ASP OD1  O  N N 64  
ASP OD2  O  N N 65  
ASP OXT  O  N N 66  
ASP H    H  N N 67  
ASP H2   H  N N 68  
ASP HA   H  N N 69  
ASP HB2  H  N N 70  
ASP HB3  H  N N 71  
ASP HD2  H  N N 72  
ASP HXT  H  N N 73  
GLN N    N  N N 74  
GLN CA   C  N S 75  
GLN C    C  N N 76  
GLN O    O  N N 77  
GLN CB   C  N N 78  
GLN CG   C  N N 79  
GLN CD   C  N N 80  
GLN OE1  O  N N 81  
GLN NE2  N  N N 82  
GLN OXT  O  N N 83  
GLN H    H  N N 84  
GLN H2   H  N N 85  
GLN HA   H  N N 86  
GLN HB2  H  N N 87  
GLN HB3  H  N N 88  
GLN HG2  H  N N 89  
GLN HG3  H  N N 90  
GLN HE21 H  N N 91  
GLN HE22 H  N N 92  
GLN HXT  H  N N 93  
GLU N    N  N N 94  
GLU CA   C  N S 95  
GLU C    C  N N 96  
GLU O    O  N N 97  
GLU CB   C  N N 98  
GLU CG   C  N N 99  
GLU CD   C  N N 100 
GLU OE1  O  N N 101 
GLU OE2  O  N N 102 
GLU OXT  O  N N 103 
GLU H    H  N N 104 
GLU H2   H  N N 105 
GLU HA   H  N N 106 
GLU HB2  H  N N 107 
GLU HB3  H  N N 108 
GLU HG2  H  N N 109 
GLU HG3  H  N N 110 
GLU HE2  H  N N 111 
GLU HXT  H  N N 112 
GLY N    N  N N 113 
GLY CA   C  N N 114 
GLY C    C  N N 115 
GLY O    O  N N 116 
GLY OXT  O  N N 117 
GLY H    H  N N 118 
GLY H2   H  N N 119 
GLY HA2  H  N N 120 
GLY HA3  H  N N 121 
GLY HXT  H  N N 122 
HOH O    O  N N 123 
HOH H1   H  N N 124 
HOH H2   H  N N 125 
ILE N    N  N N 126 
ILE CA   C  N S 127 
ILE C    C  N N 128 
ILE O    O  N N 129 
ILE CB   C  N S 130 
ILE CG1  C  N N 131 
ILE CG2  C  N N 132 
ILE CD1  C  N N 133 
ILE OXT  O  N N 134 
ILE H    H  N N 135 
ILE H2   H  N N 136 
ILE HA   H  N N 137 
ILE HB   H  N N 138 
ILE HG12 H  N N 139 
ILE HG13 H  N N 140 
ILE HG21 H  N N 141 
ILE HG22 H  N N 142 
ILE HG23 H  N N 143 
ILE HD11 H  N N 144 
ILE HD12 H  N N 145 
ILE HD13 H  N N 146 
ILE HXT  H  N N 147 
LEU N    N  N N 148 
LEU CA   C  N S 149 
LEU C    C  N N 150 
LEU O    O  N N 151 
LEU CB   C  N N 152 
LEU CG   C  N N 153 
LEU CD1  C  N N 154 
LEU CD2  C  N N 155 
LEU OXT  O  N N 156 
LEU H    H  N N 157 
LEU H2   H  N N 158 
LEU HA   H  N N 159 
LEU HB2  H  N N 160 
LEU HB3  H  N N 161 
LEU HG   H  N N 162 
LEU HD11 H  N N 163 
LEU HD12 H  N N 164 
LEU HD13 H  N N 165 
LEU HD21 H  N N 166 
LEU HD22 H  N N 167 
LEU HD23 H  N N 168 
LEU HXT  H  N N 169 
LYS N    N  N N 170 
LYS CA   C  N S 171 
LYS C    C  N N 172 
LYS O    O  N N 173 
LYS CB   C  N N 174 
LYS CG   C  N N 175 
LYS CD   C  N N 176 
LYS CE   C  N N 177 
LYS NZ   N  N N 178 
LYS OXT  O  N N 179 
LYS H    H  N N 180 
LYS H2   H  N N 181 
LYS HA   H  N N 182 
LYS HB2  H  N N 183 
LYS HB3  H  N N 184 
LYS HG2  H  N N 185 
LYS HG3  H  N N 186 
LYS HD2  H  N N 187 
LYS HD3  H  N N 188 
LYS HE2  H  N N 189 
LYS HE3  H  N N 190 
LYS HZ1  H  N N 191 
LYS HZ2  H  N N 192 
LYS HZ3  H  N N 193 
LYS HXT  H  N N 194 
MSE N    N  N N 195 
MSE CA   C  N S 196 
MSE C    C  N N 197 
MSE O    O  N N 198 
MSE OXT  O  N N 199 
MSE CB   C  N N 200 
MSE CG   C  N N 201 
MSE SE   SE N N 202 
MSE CE   C  N N 203 
MSE H    H  N N 204 
MSE H2   H  N N 205 
MSE HA   H  N N 206 
MSE HXT  H  N N 207 
MSE HB2  H  N N 208 
MSE HB3  H  N N 209 
MSE HG2  H  N N 210 
MSE HG3  H  N N 211 
MSE HE1  H  N N 212 
MSE HE2  H  N N 213 
MSE HE3  H  N N 214 
PHE N    N  N N 215 
PHE CA   C  N S 216 
PHE C    C  N N 217 
PHE O    O  N N 218 
PHE CB   C  N N 219 
PHE CG   C  Y N 220 
PHE CD1  C  Y N 221 
PHE CD2  C  Y N 222 
PHE CE1  C  Y N 223 
PHE CE2  C  Y N 224 
PHE CZ   C  Y N 225 
PHE OXT  O  N N 226 
PHE H    H  N N 227 
PHE H2   H  N N 228 
PHE HA   H  N N 229 
PHE HB2  H  N N 230 
PHE HB3  H  N N 231 
PHE HD1  H  N N 232 
PHE HD2  H  N N 233 
PHE HE1  H  N N 234 
PHE HE2  H  N N 235 
PHE HZ   H  N N 236 
PHE HXT  H  N N 237 
PRO N    N  N N 238 
PRO CA   C  N S 239 
PRO C    C  N N 240 
PRO O    O  N N 241 
PRO CB   C  N N 242 
PRO CG   C  N N 243 
PRO CD   C  N N 244 
PRO OXT  O  N N 245 
PRO H    H  N N 246 
PRO HA   H  N N 247 
PRO HB2  H  N N 248 
PRO HB3  H  N N 249 
PRO HG2  H  N N 250 
PRO HG3  H  N N 251 
PRO HD2  H  N N 252 
PRO HD3  H  N N 253 
PRO HXT  H  N N 254 
SER N    N  N N 255 
SER CA   C  N S 256 
SER C    C  N N 257 
SER O    O  N N 258 
SER CB   C  N N 259 
SER OG   O  N N 260 
SER OXT  O  N N 261 
SER H    H  N N 262 
SER H2   H  N N 263 
SER HA   H  N N 264 
SER HB2  H  N N 265 
SER HB3  H  N N 266 
SER HG   H  N N 267 
SER HXT  H  N N 268 
THR N    N  N N 269 
THR CA   C  N S 270 
THR C    C  N N 271 
THR O    O  N N 272 
THR CB   C  N R 273 
THR OG1  O  N N 274 
THR CG2  C  N N 275 
THR OXT  O  N N 276 
THR H    H  N N 277 
THR H2   H  N N 278 
THR HA   H  N N 279 
THR HB   H  N N 280 
THR HG1  H  N N 281 
THR HG21 H  N N 282 
THR HG22 H  N N 283 
THR HG23 H  N N 284 
THR HXT  H  N N 285 
TRP N    N  N N 286 
TRP CA   C  N S 287 
TRP C    C  N N 288 
TRP O    O  N N 289 
TRP CB   C  N N 290 
TRP CG   C  Y N 291 
TRP CD1  C  Y N 292 
TRP CD2  C  Y N 293 
TRP NE1  N  Y N 294 
TRP CE2  C  Y N 295 
TRP CE3  C  Y N 296 
TRP CZ2  C  Y N 297 
TRP CZ3  C  Y N 298 
TRP CH2  C  Y N 299 
TRP OXT  O  N N 300 
TRP H    H  N N 301 
TRP H2   H  N N 302 
TRP HA   H  N N 303 
TRP HB2  H  N N 304 
TRP HB3  H  N N 305 
TRP HD1  H  N N 306 
TRP HE1  H  N N 307 
TRP HE3  H  N N 308 
TRP HZ2  H  N N 309 
TRP HZ3  H  N N 310 
TRP HH2  H  N N 311 
TRP HXT  H  N N 312 
TYR N    N  N N 313 
TYR CA   C  N S 314 
TYR C    C  N N 315 
TYR O    O  N N 316 
TYR CB   C  N N 317 
TYR CG   C  Y N 318 
TYR CD1  C  Y N 319 
TYR CD2  C  Y N 320 
TYR CE1  C  Y N 321 
TYR CE2  C  Y N 322 
TYR CZ   C  Y N 323 
TYR OH   O  N N 324 
TYR OXT  O  N N 325 
TYR H    H  N N 326 
TYR H2   H  N N 327 
TYR HA   H  N N 328 
TYR HB2  H  N N 329 
TYR HB3  H  N N 330 
TYR HD1  H  N N 331 
TYR HD2  H  N N 332 
TYR HE1  H  N N 333 
TYR HE2  H  N N 334 
TYR HH   H  N N 335 
TYR HXT  H  N N 336 
VAL N    N  N N 337 
VAL CA   C  N S 338 
VAL C    C  N N 339 
VAL O    O  N N 340 
VAL CB   C  N N 341 
VAL CG1  C  N N 342 
VAL CG2  C  N N 343 
VAL OXT  O  N N 344 
VAL H    H  N N 345 
VAL H2   H  N N 346 
VAL HA   H  N N 347 
VAL HB   H  N N 348 
VAL HG11 H  N N 349 
VAL HG12 H  N N 350 
VAL HG13 H  N N 351 
VAL HG21 H  N N 352 
VAL HG22 H  N N 353 
VAL HG23 H  N N 354 
VAL HXT  H  N N 355 
# 
loop_
_chem_comp_bond.comp_id 
_chem_comp_bond.atom_id_1 
_chem_comp_bond.atom_id_2 
_chem_comp_bond.value_order 
_chem_comp_bond.pdbx_aromatic_flag 
_chem_comp_bond.pdbx_stereo_config 
_chem_comp_bond.pdbx_ordinal 
ALA N   CA   sing N N 1   
ALA N   H    sing N N 2   
ALA N   H2   sing N N 3   
ALA CA  C    sing N N 4   
ALA CA  CB   sing N N 5   
ALA CA  HA   sing N N 6   
ALA C   O    doub N N 7   
ALA C   OXT  sing N N 8   
ALA CB  HB1  sing N N 9   
ALA CB  HB2  sing N N 10  
ALA CB  HB3  sing N N 11  
ALA OXT HXT  sing N N 12  
ARG N   CA   sing N N 13  
ARG N   H    sing N N 14  
ARG N   H2   sing N N 15  
ARG CA  C    sing N N 16  
ARG CA  CB   sing N N 17  
ARG CA  HA   sing N N 18  
ARG C   O    doub N N 19  
ARG C   OXT  sing N N 20  
ARG CB  CG   sing N N 21  
ARG CB  HB2  sing N N 22  
ARG CB  HB3  sing N N 23  
ARG CG  CD   sing N N 24  
ARG CG  HG2  sing N N 25  
ARG CG  HG3  sing N N 26  
ARG CD  NE   sing N N 27  
ARG CD  HD2  sing N N 28  
ARG CD  HD3  sing N N 29  
ARG NE  CZ   sing N N 30  
ARG NE  HE   sing N N 31  
ARG CZ  NH1  sing N N 32  
ARG CZ  NH2  doub N N 33  
ARG NH1 HH11 sing N N 34  
ARG NH1 HH12 sing N N 35  
ARG NH2 HH21 sing N N 36  
ARG NH2 HH22 sing N N 37  
ARG OXT HXT  sing N N 38  
ASN N   CA   sing N N 39  
ASN N   H    sing N N 40  
ASN N   H2   sing N N 41  
ASN CA  C    sing N N 42  
ASN CA  CB   sing N N 43  
ASN CA  HA   sing N N 44  
ASN C   O    doub N N 45  
ASN C   OXT  sing N N 46  
ASN CB  CG   sing N N 47  
ASN CB  HB2  sing N N 48  
ASN CB  HB3  sing N N 49  
ASN CG  OD1  doub N N 50  
ASN CG  ND2  sing N N 51  
ASN ND2 HD21 sing N N 52  
ASN ND2 HD22 sing N N 53  
ASN OXT HXT  sing N N 54  
ASP N   CA   sing N N 55  
ASP N   H    sing N N 56  
ASP N   H2   sing N N 57  
ASP CA  C    sing N N 58  
ASP CA  CB   sing N N 59  
ASP CA  HA   sing N N 60  
ASP C   O    doub N N 61  
ASP C   OXT  sing N N 62  
ASP CB  CG   sing N N 63  
ASP CB  HB2  sing N N 64  
ASP CB  HB3  sing N N 65  
ASP CG  OD1  doub N N 66  
ASP CG  OD2  sing N N 67  
ASP OD2 HD2  sing N N 68  
ASP OXT HXT  sing N N 69  
GLN N   CA   sing N N 70  
GLN N   H    sing N N 71  
GLN N   H2   sing N N 72  
GLN CA  C    sing N N 73  
GLN CA  CB   sing N N 74  
GLN CA  HA   sing N N 75  
GLN C   O    doub N N 76  
GLN C   OXT  sing N N 77  
GLN CB  CG   sing N N 78  
GLN CB  HB2  sing N N 79  
GLN CB  HB3  sing N N 80  
GLN CG  CD   sing N N 81  
GLN CG  HG2  sing N N 82  
GLN CG  HG3  sing N N 83  
GLN CD  OE1  doub N N 84  
GLN CD  NE2  sing N N 85  
GLN NE2 HE21 sing N N 86  
GLN NE2 HE22 sing N N 87  
GLN OXT HXT  sing N N 88  
GLU N   CA   sing N N 89  
GLU N   H    sing N N 90  
GLU N   H2   sing N N 91  
GLU CA  C    sing N N 92  
GLU CA  CB   sing N N 93  
GLU CA  HA   sing N N 94  
GLU C   O    doub N N 95  
GLU C   OXT  sing N N 96  
GLU CB  CG   sing N N 97  
GLU CB  HB2  sing N N 98  
GLU CB  HB3  sing N N 99  
GLU CG  CD   sing N N 100 
GLU CG  HG2  sing N N 101 
GLU CG  HG3  sing N N 102 
GLU CD  OE1  doub N N 103 
GLU CD  OE2  sing N N 104 
GLU OE2 HE2  sing N N 105 
GLU OXT HXT  sing N N 106 
GLY N   CA   sing N N 107 
GLY N   H    sing N N 108 
GLY N   H2   sing N N 109 
GLY CA  C    sing N N 110 
GLY CA  HA2  sing N N 111 
GLY CA  HA3  sing N N 112 
GLY C   O    doub N N 113 
GLY C   OXT  sing N N 114 
GLY OXT HXT  sing N N 115 
HOH O   H1   sing N N 116 
HOH O   H2   sing N N 117 
ILE N   CA   sing N N 118 
ILE N   H    sing N N 119 
ILE N   H2   sing N N 120 
ILE CA  C    sing N N 121 
ILE CA  CB   sing N N 122 
ILE CA  HA   sing N N 123 
ILE C   O    doub N N 124 
ILE C   OXT  sing N N 125 
ILE CB  CG1  sing N N 126 
ILE CB  CG2  sing N N 127 
ILE CB  HB   sing N N 128 
ILE CG1 CD1  sing N N 129 
ILE CG1 HG12 sing N N 130 
ILE CG1 HG13 sing N N 131 
ILE CG2 HG21 sing N N 132 
ILE CG2 HG22 sing N N 133 
ILE CG2 HG23 sing N N 134 
ILE CD1 HD11 sing N N 135 
ILE CD1 HD12 sing N N 136 
ILE CD1 HD13 sing N N 137 
ILE OXT HXT  sing N N 138 
LEU N   CA   sing N N 139 
LEU N   H    sing N N 140 
LEU N   H2   sing N N 141 
LEU CA  C    sing N N 142 
LEU CA  CB   sing N N 143 
LEU CA  HA   sing N N 144 
LEU C   O    doub N N 145 
LEU C   OXT  sing N N 146 
LEU CB  CG   sing N N 147 
LEU CB  HB2  sing N N 148 
LEU CB  HB3  sing N N 149 
LEU CG  CD1  sing N N 150 
LEU CG  CD2  sing N N 151 
LEU CG  HG   sing N N 152 
LEU CD1 HD11 sing N N 153 
LEU CD1 HD12 sing N N 154 
LEU CD1 HD13 sing N N 155 
LEU CD2 HD21 sing N N 156 
LEU CD2 HD22 sing N N 157 
LEU CD2 HD23 sing N N 158 
LEU OXT HXT  sing N N 159 
LYS N   CA   sing N N 160 
LYS N   H    sing N N 161 
LYS N   H2   sing N N 162 
LYS CA  C    sing N N 163 
LYS CA  CB   sing N N 164 
LYS CA  HA   sing N N 165 
LYS C   O    doub N N 166 
LYS C   OXT  sing N N 167 
LYS CB  CG   sing N N 168 
LYS CB  HB2  sing N N 169 
LYS CB  HB3  sing N N 170 
LYS CG  CD   sing N N 171 
LYS CG  HG2  sing N N 172 
LYS CG  HG3  sing N N 173 
LYS CD  CE   sing N N 174 
LYS CD  HD2  sing N N 175 
LYS CD  HD3  sing N N 176 
LYS CE  NZ   sing N N 177 
LYS CE  HE2  sing N N 178 
LYS CE  HE3  sing N N 179 
LYS NZ  HZ1  sing N N 180 
LYS NZ  HZ2  sing N N 181 
LYS NZ  HZ3  sing N N 182 
LYS OXT HXT  sing N N 183 
MSE N   CA   sing N N 184 
MSE N   H    sing N N 185 
MSE N   H2   sing N N 186 
MSE CA  C    sing N N 187 
MSE CA  CB   sing N N 188 
MSE CA  HA   sing N N 189 
MSE C   O    doub N N 190 
MSE C   OXT  sing N N 191 
MSE OXT HXT  sing N N 192 
MSE CB  CG   sing N N 193 
MSE CB  HB2  sing N N 194 
MSE CB  HB3  sing N N 195 
MSE CG  SE   sing N N 196 
MSE CG  HG2  sing N N 197 
MSE CG  HG3  sing N N 198 
MSE SE  CE   sing N N 199 
MSE CE  HE1  sing N N 200 
MSE CE  HE2  sing N N 201 
MSE CE  HE3  sing N N 202 
PHE N   CA   sing N N 203 
PHE N   H    sing N N 204 
PHE N   H2   sing N N 205 
PHE CA  C    sing N N 206 
PHE CA  CB   sing N N 207 
PHE CA  HA   sing N N 208 
PHE C   O    doub N N 209 
PHE C   OXT  sing N N 210 
PHE CB  CG   sing N N 211 
PHE CB  HB2  sing N N 212 
PHE CB  HB3  sing N N 213 
PHE CG  CD1  doub Y N 214 
PHE CG  CD2  sing Y N 215 
PHE CD1 CE1  sing Y N 216 
PHE CD1 HD1  sing N N 217 
PHE CD2 CE2  doub Y N 218 
PHE CD2 HD2  sing N N 219 
PHE CE1 CZ   doub Y N 220 
PHE CE1 HE1  sing N N 221 
PHE CE2 CZ   sing Y N 222 
PHE CE2 HE2  sing N N 223 
PHE CZ  HZ   sing N N 224 
PHE OXT HXT  sing N N 225 
PRO N   CA   sing N N 226 
PRO N   CD   sing N N 227 
PRO N   H    sing N N 228 
PRO CA  C    sing N N 229 
PRO CA  CB   sing N N 230 
PRO CA  HA   sing N N 231 
PRO C   O    doub N N 232 
PRO C   OXT  sing N N 233 
PRO CB  CG   sing N N 234 
PRO CB  HB2  sing N N 235 
PRO CB  HB3  sing N N 236 
PRO CG  CD   sing N N 237 
PRO CG  HG2  sing N N 238 
PRO CG  HG3  sing N N 239 
PRO CD  HD2  sing N N 240 
PRO CD  HD3  sing N N 241 
PRO OXT HXT  sing N N 242 
SER N   CA   sing N N 243 
SER N   H    sing N N 244 
SER N   H2   sing N N 245 
SER CA  C    sing N N 246 
SER CA  CB   sing N N 247 
SER CA  HA   sing N N 248 
SER C   O    doub N N 249 
SER C   OXT  sing N N 250 
SER CB  OG   sing N N 251 
SER CB  HB2  sing N N 252 
SER CB  HB3  sing N N 253 
SER OG  HG   sing N N 254 
SER OXT HXT  sing N N 255 
THR N   CA   sing N N 256 
THR N   H    sing N N 257 
THR N   H2   sing N N 258 
THR CA  C    sing N N 259 
THR CA  CB   sing N N 260 
THR CA  HA   sing N N 261 
THR C   O    doub N N 262 
THR C   OXT  sing N N 263 
THR CB  OG1  sing N N 264 
THR CB  CG2  sing N N 265 
THR CB  HB   sing N N 266 
THR OG1 HG1  sing N N 267 
THR CG2 HG21 sing N N 268 
THR CG2 HG22 sing N N 269 
THR CG2 HG23 sing N N 270 
THR OXT HXT  sing N N 271 
TRP N   CA   sing N N 272 
TRP N   H    sing N N 273 
TRP N   H2   sing N N 274 
TRP CA  C    sing N N 275 
TRP CA  CB   sing N N 276 
TRP CA  HA   sing N N 277 
TRP C   O    doub N N 278 
TRP C   OXT  sing N N 279 
TRP CB  CG   sing N N 280 
TRP CB  HB2  sing N N 281 
TRP CB  HB3  sing N N 282 
TRP CG  CD1  doub Y N 283 
TRP CG  CD2  sing Y N 284 
TRP CD1 NE1  sing Y N 285 
TRP CD1 HD1  sing N N 286 
TRP CD2 CE2  doub Y N 287 
TRP CD2 CE3  sing Y N 288 
TRP NE1 CE2  sing Y N 289 
TRP NE1 HE1  sing N N 290 
TRP CE2 CZ2  sing Y N 291 
TRP CE3 CZ3  doub Y N 292 
TRP CE3 HE3  sing N N 293 
TRP CZ2 CH2  doub Y N 294 
TRP CZ2 HZ2  sing N N 295 
TRP CZ3 CH2  sing Y N 296 
TRP CZ3 HZ3  sing N N 297 
TRP CH2 HH2  sing N N 298 
TRP OXT HXT  sing N N 299 
TYR N   CA   sing N N 300 
TYR N   H    sing N N 301 
TYR N   H2   sing N N 302 
TYR CA  C    sing N N 303 
TYR CA  CB   sing N N 304 
TYR CA  HA   sing N N 305 
TYR C   O    doub N N 306 
TYR C   OXT  sing N N 307 
TYR CB  CG   sing N N 308 
TYR CB  HB2  sing N N 309 
TYR CB  HB3  sing N N 310 
TYR CG  CD1  doub Y N 311 
TYR CG  CD2  sing Y N 312 
TYR CD1 CE1  sing Y N 313 
TYR CD1 HD1  sing N N 314 
TYR CD2 CE2  doub Y N 315 
TYR CD2 HD2  sing N N 316 
TYR CE1 CZ   doub Y N 317 
TYR CE1 HE1  sing N N 318 
TYR CE2 CZ   sing Y N 319 
TYR CE2 HE2  sing N N 320 
TYR CZ  OH   sing N N 321 
TYR OH  HH   sing N N 322 
TYR OXT HXT  sing N N 323 
VAL N   CA   sing N N 324 
VAL N   H    sing N N 325 
VAL N   H2   sing N N 326 
VAL CA  C    sing N N 327 
VAL CA  CB   sing N N 328 
VAL CA  HA   sing N N 329 
VAL C   O    doub N N 330 
VAL C   OXT  sing N N 331 
VAL CB  CG1  sing N N 332 
VAL CB  CG2  sing N N 333 
VAL CB  HB   sing N N 334 
VAL CG1 HG11 sing N N 335 
VAL CG1 HG12 sing N N 336 
VAL CG1 HG13 sing N N 337 
VAL CG2 HG21 sing N N 338 
VAL CG2 HG22 sing N N 339 
VAL CG2 HG23 sing N N 340 
VAL OXT HXT  sing N N 341 
# 
_atom_sites.entry_id                    2VY7 
_atom_sites.fract_transf_matrix[1][1]   0.01035199 
_atom_sites.fract_transf_matrix[1][2]   0.00115808 
_atom_sites.fract_transf_matrix[1][3]   -0.01873938 
_atom_sites.fract_transf_matrix[2][1]   0.01749294 
_atom_sites.fract_transf_matrix[2][2]   0.00909964 
_atom_sites.fract_transf_matrix[2][3]   0.01022578 
_atom_sites.fract_transf_matrix[3][1]   0.00860683 
_atom_sites.fract_transf_matrix[3][2]   -0.01492868 
_atom_sites.fract_transf_matrix[3][3]   -0.00143883 
_atom_sites.fract_transf_vector[1]      0.493694 
_atom_sites.fract_transf_vector[2]      0.648830 
_atom_sites.fract_transf_vector[3]      0.228636 
# 
loop_
_atom_type.symbol 
C  
N  
O  
SE 
# 
loop_
_atom_site.group_PDB 
_atom_site.id 
_atom_site.type_symbol 
_atom_site.label_atom_id 
_atom_site.label_alt_id 
_atom_site.label_comp_id 
_atom_site.label_asym_id 
_atom_site.label_entity_id 
_atom_site.label_seq_id 
_atom_site.pdbx_PDB_ins_code 
_atom_site.Cartn_x 
_atom_site.Cartn_y 
_atom_site.Cartn_z 
_atom_site.occupancy 
_atom_site.B_iso_or_equiv 
_atom_site.pdbx_formal_charge 
_atom_site.auth_seq_id 
_atom_site.auth_comp_id 
_atom_site.auth_asym_id 
_atom_site.auth_atom_id 
_atom_site.pdbx_PDB_model_num 
ATOM   1    N  N   . GLY A 1 1   ? 14.061  -8.256  7.040   1.00 16.50 ? 537  GLY A N   1 
ATOM   2    C  CA  . GLY A 1 1   ? 12.788  -8.985  6.759   1.00 15.32 ? 537  GLY A CA  1 
ATOM   3    C  C   . GLY A 1 1   ? 12.448  -9.957  7.876   1.00 15.21 ? 537  GLY A C   1 
ATOM   4    O  O   . GLY A 1 1   ? 13.346  -10.531 8.551   1.00 17.56 ? 537  GLY A O   1 
ATOM   5    N  N   . GLU A 1 2   ? 11.155  -10.163 8.072   1.00 13.09 ? 538  GLU A N   1 
ATOM   6    C  CA  . GLU A 1 2   ? 10.630  -11.090 9.067   1.00 12.66 ? 538  GLU A CA  1 
ATOM   7    C  C   . GLU A 1 2   ? 10.504  -12.470 8.438   1.00 11.14 ? 538  GLU A C   1 
ATOM   8    O  O   . GLU A 1 2   ? 10.509  -12.582 7.210   1.00 9.79  ? 538  GLU A O   1 
ATOM   9    C  CB  . GLU A 1 2   ? 9.245   -10.625 9.505   1.00 12.93 ? 538  GLU A CB  1 
ATOM   10   C  CG  . GLU A 1 2   ? 9.210   -9.218  10.045  1.00 15.17 ? 538  GLU A CG  1 
ATOM   11   C  CD  . GLU A 1 2   ? 9.950   -9.042  11.363  1.00 19.14 ? 538  GLU A CD  1 
ATOM   12   O  OE1 . GLU A 1 2   ? 10.124  -10.019 12.135  1.00 19.09 ? 538  GLU A OE1 1 
ATOM   13   O  OE2 . GLU A 1 2   ? 10.343  -7.895  11.641  1.00 23.75 ? 538  GLU A OE2 1 
ATOM   14   N  N   . ILE A 1 3   ? 10.370  -13.519 9.269   1.00 10.53 ? 539  ILE A N   1 
ATOM   15   C  CA  . ILE A 1 3   ? 10.278  -14.887 8.760   1.00 9.63  ? 539  ILE A CA  1 
ATOM   16   C  C   . ILE A 1 3   ? 9.107   -15.693 9.349   1.00 10.37 ? 539  ILE A C   1 
ATOM   17   O  O   . ILE A 1 3   ? 8.937   -16.888 9.026   1.00 11.63 ? 539  ILE A O   1 
ATOM   18   C  CB  . ILE A 1 3   ? 11.584  -15.683 9.001   1.00 9.53  ? 539  ILE A CB  1 
ATOM   19   C  CG1 . ILE A 1 3   ? 11.903  -15.822 10.478  1.00 9.77  ? 539  ILE A CG1 1 
ATOM   20   C  CG2 . ILE A 1 3   ? 12.763  -14.974 8.348   1.00 8.82  ? 539  ILE A CG2 1 
ATOM   21   C  CD1 . ILE A 1 3   ? 12.925  -16.928 10.759  1.00 9.63  ? 539  ILE A CD1 1 
ATOM   22   N  N   . ASN A 1 4   ? 8.300   -15.061 10.194  1.00 11.14 ? 540  ASN A N   1 
ATOM   23   C  CA  . ASN A 1 4   ? 7.171   -15.761 10.801  1.00 11.85 ? 540  ASN A CA  1 
ATOM   24   C  C   . ASN A 1 4   ? 5.940   -15.807 9.896   1.00 11.24 ? 540  ASN A C   1 
ATOM   25   O  O   . ASN A 1 4   ? 5.038   -14.996 10.034  1.00 11.92 ? 540  ASN A O   1 
ATOM   26   C  CB  . ASN A 1 4   ? 6.821   -15.183 12.171  1.00 13.67 ? 540  ASN A CB  1 
ATOM   27   C  CG  . ASN A 1 4   ? 6.402   -13.726 12.136  1.00 14.48 ? 540  ASN A CG  1 
ATOM   28   O  OD1 . ASN A 1 4   ? 6.941   -12.897 11.366  1.00 14.66 ? 540  ASN A OD1 1 
ATOM   29   N  ND2 . ASN A 1 4   ? 5.452   -13.378 13.020  1.00 16.62 ? 540  ASN A ND2 1 
ATOM   30   N  N   . GLY A 1 5   ? 5.906   -16.760 8.982   1.00 9.08  ? 541  GLY A N   1 
ATOM   31   C  CA  . GLY A 1 5   ? 4.669   -17.158 8.362   1.00 8.92  ? 541  GLY A CA  1 
ATOM   32   C  C   . GLY A 1 5   ? 3.935   -16.064 7.598   1.00 7.97  ? 541  GLY A C   1 
ATOM   33   O  O   . GLY A 1 5   ? 4.526   -15.196 7.002   1.00 7.68  ? 541  GLY A O   1 
ATOM   34   N  N   . PRO A 1 6   ? 2.612   -16.166 7.535   1.00 8.46  ? 542  PRO A N   1 
ATOM   35   C  CA  . PRO A 1 6   ? 1.811   -15.195 6.851   1.00 8.23  ? 542  PRO A CA  1 
ATOM   36   C  C   . PRO A 1 6   ? 2.087   -13.764 7.317   1.00 7.59  ? 542  PRO A C   1 
ATOM   37   O  O   . PRO A 1 6   ? 2.107   -12.877 6.490   1.00 6.38  ? 542  PRO A O   1 
ATOM   38   C  CB  . PRO A 1 6   ? 0.384   -15.687 7.134   1.00 8.82  ? 542  PRO A CB  1 
ATOM   39   C  CG  . PRO A 1 6   ? 0.519   -17.084 7.420   1.00 10.73 ? 542  PRO A CG  1 
ATOM   40   C  CD  . PRO A 1 6   ? 1.798   -17.266 8.090   1.00 9.18  ? 542  PRO A CD  1 
ATOM   41   N  N   . GLU A 1 7   ? 2.316   -13.568 8.607   1.00 6.81  ? 543  GLU A N   1 
ATOM   42   C  CA  . GLU A 1 7   ? 2.569   -12.220 9.083   1.00 7.09  ? 543  GLU A CA  1 
ATOM   43   C  C   . GLU A 1 7   ? 3.796   -11.678 8.386   1.00 6.22  ? 543  GLU A C   1 
ATOM   44   O  O   . GLU A 1 7   ? 3.816   -10.518 7.937   1.00 6.11  ? 543  GLU A O   1 
ATOM   45   C  CB  . GLU A 1 7   ? 2.770   -12.225 10.596  1.00 8.46  ? 543  GLU A CB  1 
ATOM   46   C  CG  . GLU A 1 7   ? 3.452   -11.008 11.133  1.00 14.23 ? 543  GLU A CG  1 
ATOM   47   C  CD  . GLU A 1 7   ? 3.376   -10.899 12.623  1.00 20.55 ? 543  GLU A CD  1 
ATOM   48   O  OE1 . GLU A 1 7   ? 2.347   -11.335 13.195  1.00 22.81 ? 543  GLU A OE1 1 
ATOM   49   O  OE2 . GLU A 1 7   ? 4.326   -10.353 13.213  1.00 24.23 ? 543  GLU A OE2 1 
ATOM   50   N  N   . SER A 1 8   ? 4.833   -12.492 8.257   1.00 6.33  ? 544  SER A N   1 
ATOM   51   C  CA  . SER A 1 8   ? 6.044   -12.035 7.577   1.00 5.52  ? 544  SER A CA  1 
ATOM   52   C  C   . SER A 1 8   ? 5.805   -11.670 6.107   1.00 5.73  ? 544  SER A C   1 
ATOM   53   O  O   . SER A 1 8   ? 6.417   -10.741 5.554   1.00 5.62  ? 544  SER A O   1 
ATOM   54   C  CB  . SER A 1 8   ? 7.191   -13.045 7.682   1.00 6.05  ? 544  SER A CB  1 
ATOM   55   O  OG  . SER A 1 8   ? 6.986   -14.204 6.914   1.00 7.44  ? 544  SER A OG  1 
ATOM   56   N  N   . VAL A 1 9   ? 4.930   -12.383 5.445   1.00 4.89  ? 545  VAL A N   1 
ATOM   57   C  CA  . VAL A 1 9   ? 4.644   -12.071 4.045   1.00 5.07  ? 545  VAL A CA  1 
ATOM   58   C  C   . VAL A 1 9   ? 4.091   -10.649 3.958   1.00 4.81  ? 545  VAL A C   1 
ATOM   59   O  O   . VAL A 1 9   ? 4.483   -9.878  3.077   1.00 5.26  ? 545  VAL A O   1 
ATOM   60   C  CB  . VAL A 1 9   ? 3.633   -13.063 3.423   1.00 4.92  ? 545  VAL A CB  1 
ATOM   61   C  CG1 . VAL A 1 9   ? 3.158   -12.563 2.062   1.00 6.82  ? 545  VAL A CG1 1 
ATOM   62   C  CG2 . VAL A 1 9   ? 4.268   -14.419 3.291   1.00 6.34  ? 545  VAL A CG2 1 
ATOM   63   N  N   . LEU A 1 10  ? 3.191   -10.300 4.890   1.00 4.64  ? 546  LEU A N   1 
ATOM   64   C  CA  A LEU A 1 10  ? 2.587   -8.985  4.899   0.80 5.64  ? 546  LEU A CA  1 
ATOM   65   C  CA  B LEU A 1 10  ? 2.589   -8.973  4.905   0.20 4.27  ? 546  LEU A CA  1 
ATOM   66   C  C   . LEU A 1 10  ? 3.633   -7.924  5.197   1.00 4.54  ? 546  LEU A C   1 
ATOM   67   O  O   . LEU A 1 10  ? 3.763   -6.949  4.460   1.00 4.43  ? 546  LEU A O   1 
ATOM   68   C  CB  A LEU A 1 10  ? 1.431   -8.917  5.896   0.80 6.59  ? 546  LEU A CB  1 
ATOM   69   C  CB  B LEU A 1 10  ? 1.481   -8.867  5.949   0.20 4.41  ? 546  LEU A CB  1 
ATOM   70   C  CG  A LEU A 1 10  ? 0.429   -7.779  5.731   0.80 9.78  ? 546  LEU A CG  1 
ATOM   71   C  CG  B LEU A 1 10  ? 0.188   -9.612  5.650   0.20 3.37  ? 546  LEU A CG  1 
ATOM   72   C  CD1 A LEU A 1 10  ? -0.336  -8.023  4.454   0.80 11.41 ? 546  LEU A CD1 1 
ATOM   73   C  CD1 B LEU A 1 10  ? -0.822  -9.355  6.740   0.20 2.09  ? 546  LEU A CD1 1 
ATOM   74   C  CD2 A LEU A 1 10  ? -0.540  -7.698  6.900   0.80 9.72  ? 546  LEU A CD2 1 
ATOM   75   C  CD2 B LEU A 1 10  ? -0.386  -9.175  4.309   0.20 3.25  ? 546  LEU A CD2 1 
ATOM   76   N  N   . VAL A 1 11  ? 4.365   -8.113  6.301   1.00 4.24  ? 547  VAL A N   1 
ATOM   77   C  CA  . VAL A 1 11  ? 5.397   -7.156  6.673   1.00 3.98  ? 547  VAL A CA  1 
ATOM   78   C  C   . VAL A 1 11  ? 6.402   -6.944  5.528   1.00 4.73  ? 547  VAL A C   1 
ATOM   79   O  O   . VAL A 1 11  ? 6.732   -5.808  5.156   1.00 4.93  ? 547  VAL A O   1 
ATOM   80   C  CB  . VAL A 1 11  ? 6.105   -7.573  7.989   1.00 3.73  ? 547  VAL A CB  1 
ATOM   81   C  CG1 . VAL A 1 11  ? 7.233   -6.641  8.324   1.00 5.69  ? 547  VAL A CG1 1 
ATOM   82   C  CG2 . VAL A 1 11  ? 5.112   -7.663  9.165   1.00 6.09  ? 547  VAL A CG2 1 
ATOM   83   N  N   . ASN A 1 12  ? 6.878   -8.048  4.954   1.00 4.06  ? 548  ASN A N   1 
ATOM   84   C  CA  . ASN A 1 12  ? 7.918   -7.966  3.980   1.00 3.83  ? 548  ASN A CA  1 
ATOM   85   C  C   . ASN A 1 12  ? 7.454   -7.323  2.669   1.00 3.52  ? 548  ASN A C   1 
ATOM   86   O  O   . ASN A 1 12  ? 8.253   -6.673  1.994   1.00 4.07  ? 548  ASN A O   1 
ATOM   87   C  CB  . ASN A 1 12  ? 8.481   -9.354  3.699   1.00 4.82  ? 548  ASN A CB  1 
ATOM   88   C  CG  . ASN A 1 12  ? 9.202   -9.961  4.887   1.00 6.32  ? 548  ASN A CG  1 
ATOM   89   O  OD1 . ASN A 1 12  ? 9.474   -9.277  5.881   1.00 7.01  ? 548  ASN A OD1 1 
ATOM   90   N  ND2 . ASN A 1 12  ? 9.484   -11.281 4.798   1.00 7.57  ? 548  ASN A ND2 1 
ATOM   91   N  N   . THR A 1 13  ? 6.179   -7.520  2.323   1.00 3.47  ? 549  THR A N   1 
ATOM   92   C  CA  . THR A 1 13  ? 5.625   -6.907  1.112   1.00 4.28  ? 549  THR A CA  1 
ATOM   93   C  C   . THR A 1 13  ? 5.669   -5.389  1.255   1.00 3.93  ? 549  THR A C   1 
ATOM   94   O  O   . THR A 1 13  ? 6.123   -4.654  0.384   1.00 3.96  ? 549  THR A O   1 
ATOM   95   C  CB  . THR A 1 13  ? 4.190   -7.376  0.838   1.00 5.00  ? 549  THR A CB  1 
ATOM   96   O  OG1 . THR A 1 13  ? 4.161   -8.792  0.654   1.00 5.46  ? 549  THR A OG1 1 
ATOM   97   C  CG2 . THR A 1 13  ? 3.619   -6.703  -0.430  1.00 6.84  ? 549  THR A CG2 1 
ATOM   98   N  N   . TYR A 1 14  ? 5.204   -4.891  2.383   1.00 4.56  ? 550  TYR A N   1 
ATOM   99   C  CA  . TYR A 1 14  ? 5.246   -3.447  2.597   1.00 4.13  ? 550  TYR A CA  1 
ATOM   100  C  C   . TYR A 1 14  ? 6.683   -2.927  2.740   1.00 4.08  ? 550  TYR A C   1 
ATOM   101  O  O   . TYR A 1 14  ? 6.982   -1.824  2.278   1.00 3.76  ? 550  TYR A O   1 
ATOM   102  C  CB  . TYR A 1 14  ? 4.349   -3.062  3.779   1.00 4.11  ? 550  TYR A CB  1 
ATOM   103  C  CG  . TYR A 1 14  ? 2.882   -3.175  3.457   1.00 3.02  ? 550  TYR A CG  1 
ATOM   104  C  CD1 . TYR A 1 14  ? 2.308   -2.334  2.489   1.00 3.77  ? 550  TYR A CD1 1 
ATOM   105  C  CD2 . TYR A 1 14  ? 2.025   -4.048  4.128   1.00 3.61  ? 550  TYR A CD2 1 
ATOM   106  C  CE1 . TYR A 1 14  ? 0.962   -2.409  2.154   1.00 3.52  ? 550  TYR A CE1 1 
ATOM   107  C  CE2 . TYR A 1 14  ? 0.685   -4.148  3.812   1.00 3.41  ? 550  TYR A CE2 1 
ATOM   108  C  CZ  . TYR A 1 14  ? 0.133   -3.328  2.815   1.00 2.78  ? 550  TYR A CZ  1 
ATOM   109  O  OH  . TYR A 1 14  ? -1.196  -3.399  2.534   1.00 4.37  ? 550  TYR A OH  1 
ATOM   110  N  N   . GLN A 1 15  ? 7.578   -3.710  3.360   1.00 3.30  ? 551  GLN A N   1 
ATOM   111  C  CA  . GLN A 1 15  ? 8.981   -3.342  3.405   1.00 4.73  ? 551  GLN A CA  1 
ATOM   112  C  C   . GLN A 1 15  ? 9.548   -3.186  1.997   1.00 4.12  ? 551  GLN A C   1 
ATOM   113  O  O   . GLN A 1 15  ? 10.277  -2.252  1.737   1.00 5.27  ? 551  GLN A O   1 
ATOM   114  C  CB  . GLN A 1 15  ? 9.802   -4.417  4.138   1.00 5.62  ? 551  GLN A CB  1 
ATOM   115  C  CG  . GLN A 1 15  ? 9.654   -4.400  5.638   1.00 6.72  ? 551  GLN A CG  1 
ATOM   116  C  CD  . GLN A 1 15  ? 10.674  -5.272  6.384   1.00 11.12 ? 551  GLN A CD  1 
ATOM   117  O  OE1 . GLN A 1 15  ? 11.591  -5.835  5.776   1.00 14.75 ? 551  GLN A OE1 1 
ATOM   118  N  NE2 . GLN A 1 15  ? 10.566  -5.300  7.712   1.00 12.02 ? 551  GLN A NE2 1 
ATOM   119  N  N   . TRP A 1 16  ? 9.210   -4.141  1.136   1.00 4.73  ? 552  TRP A N   1 
ATOM   120  C  CA  . TRP A 1 16  ? 9.663   -4.098  -0.221  1.00 4.61  ? 552  TRP A CA  1 
ATOM   121  C  C   . TRP A 1 16  ? 9.149   -2.834  -0.910  1.00 5.03  ? 552  TRP A C   1 
ATOM   122  O  O   . TRP A 1 16  ? 9.889   -2.150  -1.606  1.00 4.76  ? 552  TRP A O   1 
ATOM   123  C  CB  . TRP A 1 16  ? 9.211   -5.351  -0.983  1.00 6.00  ? 552  TRP A CB  1 
ATOM   124  C  CG  . TRP A 1 16  ? 9.751   -5.415  -2.383  1.00 6.02  ? 552  TRP A CG  1 
ATOM   125  C  CD1 . TRP A 1 16  ? 10.887  -6.067  -2.818  1.00 6.89  ? 552  TRP A CD1 1 
ATOM   126  C  CD2 . TRP A 1 16  ? 9.145   -4.835  -3.556  1.00 6.49  ? 552  TRP A CD2 1 
ATOM   127  N  NE1 . TRP A 1 16  ? 11.025  -5.899  -4.199  1.00 8.00  ? 552  TRP A NE1 1 
ATOM   128  C  CE2 . TRP A 1 16  ? 9.989   -5.128  -4.667  1.00 6.68  ? 552  TRP A CE2 1 
ATOM   129  C  CE3 . TRP A 1 16  ? 7.986   -4.067  -3.768  1.00 7.90  ? 552  TRP A CE3 1 
ATOM   130  C  CZ2 . TRP A 1 16  ? 9.687   -4.693  -5.956  1.00 7.19  ? 552  TRP A CZ2 1 
ATOM   131  C  CZ3 . TRP A 1 16  ? 7.693   -3.634  -5.054  1.00 7.29  ? 552  TRP A CZ3 1 
ATOM   132  C  CH2 . TRP A 1 16  ? 8.538   -3.948  -6.133  1.00 8.52  ? 552  TRP A CH2 1 
ATOM   133  N  N   . ILE A 1 17  ? 7.861   -2.537  -0.756  1.00 4.01  ? 553  ILE A N   1 
ATOM   134  C  CA  . ILE A 1 17  ? 7.325   -1.340  -1.435  1.00 4.47  ? 553  ILE A CA  1 
ATOM   135  C  C   . ILE A 1 17  ? 8.045   -0.079  -0.959  1.00 5.25  ? 553  ILE A C   1 
ATOM   136  O  O   . ILE A 1 17  ? 8.429   0.805   -1.744  1.00 4.87  ? 553  ILE A O   1 
ATOM   137  C  CB  . ILE A 1 17  ? 5.804   -1.210  -1.253  1.00 3.25  ? 553  ILE A CB  1 
ATOM   138  C  CG1 . ILE A 1 17  ? 5.045   -2.410  -1.882  1.00 4.03  ? 553  ILE A CG1 1 
ATOM   139  C  CG2 . ILE A 1 17  ? 5.323   0.116   -1.826  1.00 5.10  ? 553  ILE A CG2 1 
ATOM   140  C  CD1 . ILE A 1 17  ? 3.616   -2.545  -1.393  1.00 6.37  ? 553  ILE A CD1 1 
ATOM   141  N  N   . ILE A 1 18  ? 8.237   0.021   0.349   1.00 5.45  ? 554  ILE A N   1 
ATOM   142  C  CA  . ILE A 1 18  ? 8.907   1.208   0.940   1.00 6.42  ? 554  ILE A CA  1 
ATOM   143  C  C   . ILE A 1 18  ? 10.336  1.301   0.419   1.00 7.31  ? 554  ILE A C   1 
ATOM   144  O  O   . ILE A 1 18  ? 10.805  2.389   0.020   1.00 7.27  ? 554  ILE A O   1 
ATOM   145  C  CB  . ILE A 1 18  ? 8.843   1.153   2.455   1.00 6.63  ? 554  ILE A CB  1 
ATOM   146  C  CG1 . ILE A 1 18  ? 7.432   1.444   2.915   1.00 8.64  ? 554  ILE A CG1 1 
ATOM   147  C  CG2 . ILE A 1 18  ? 9.828   2.179   3.101   1.00 8.76  ? 554  ILE A CG2 1 
ATOM   148  C  CD1 . ILE A 1 18  ? 7.117   1.058   4.359   1.00 11.10 ? 554  ILE A CD1 1 
ATOM   149  N  N   . ARG A 1 19  ? 11.049  0.182   0.430   1.00 6.57  ? 555  ARG A N   1 
ATOM   150  C  CA  . ARG A 1 19  ? 12.445  0.193   -0.038  1.00 7.99  ? 555  ARG A CA  1 
ATOM   151  C  C   . ARG A 1 19  ? 12.591  0.548   -1.508  1.00 7.98  ? 555  ARG A C   1 
ATOM   152  O  O   . ARG A 1 19  ? 13.590  1.151   -1.916  1.00 9.51  ? 555  ARG A O   1 
ATOM   153  C  CB  . ARG A 1 19  ? 13.156  -1.112  0.288   1.00 9.40  ? 555  ARG A CB  1 
ATOM   154  C  CG  . ARG A 1 19  ? 13.409  -1.209  1.769   1.00 14.98 ? 555  ARG A CG  1 
ATOM   155  C  CD  . ARG A 1 19  ? 14.381  -2.277  2.174   1.00 23.24 ? 555  ARG A CD  1 
ATOM   156  N  NE  . ARG A 1 19  ? 14.375  -2.349  3.640   1.00 27.75 ? 555  ARG A NE  1 
ATOM   157  C  CZ  . ARG A 1 19  ? 13.671  -3.229  4.348   1.00 30.36 ? 555  ARG A CZ  1 
ATOM   158  N  NH1 . ARG A 1 19  ? 12.951  -4.148  3.723   1.00 34.85 ? 555  ARG A NH1 1 
ATOM   159  N  NH2 . ARG A 1 19  ? 13.702  -3.217  5.678   1.00 31.92 ? 555  ARG A NH2 1 
ATOM   160  N  N   . ASN A 1 20  ? 11.569  0.200   -2.292  1.00 5.52  ? 556  ASN A N   1 
ATOM   161  C  CA  . ASN A 1 20  ? 11.580  0.444   -3.720  1.00 6.28  ? 556  ASN A CA  1 
ATOM   162  C  C   . ASN A 1 20  ? 10.637  1.579   -4.126  1.00 5.70  ? 556  ASN A C   1 
ATOM   163  O  O   . ASN A 1 20  ? 10.274  1.687   -5.282  1.00 5.33  ? 556  ASN A O   1 
ATOM   164  C  CB  . ASN A 1 20  ? 11.186  -0.859  -4.420  1.00 6.16  ? 556  ASN A CB  1 
ATOM   165  C  CG  . ASN A 1 20  ? 12.260  -1.901  -4.319  1.00 8.88  ? 556  ASN A CG  1 
ATOM   166  O  OD1 . ASN A 1 20  ? 13.210  -1.892  -5.094  1.00 15.11 ? 556  ASN A OD1 1 
ATOM   167  N  ND2 . ASN A 1 20  ? 12.104  -2.807  -3.370  1.00 7.72  ? 556  ASN A ND2 1 
ATOM   168  N  N   . TRP A 1 21  ? 10.254  2.435   -3.189  1.00 5.38  ? 557  TRP A N   1 
ATOM   169  C  CA  . TRP A 1 21  ? 9.201   3.397   -3.447  1.00 5.07  ? 557  TRP A CA  1 
ATOM   170  C  C   . TRP A 1 21  ? 9.538   4.335   -4.601  1.00 5.97  ? 557  TRP A C   1 
ATOM   171  O  O   . TRP A 1 21  ? 8.662   4.693   -5.375  1.00 5.10  ? 557  TRP A O   1 
ATOM   172  C  CB  . TRP A 1 21  ? 8.823   4.205   -2.208  1.00 5.95  ? 557  TRP A CB  1 
ATOM   173  C  CG  . TRP A 1 21  ? 7.898   5.325   -2.509  1.00 6.28  ? 557  TRP A CG  1 
ATOM   174  C  CD1 . TRP A 1 21  ? 8.173   6.674   -2.443  1.00 7.20  ? 557  TRP A CD1 1 
ATOM   175  C  CD2 . TRP A 1 21  ? 6.546   5.224   -2.959  1.00 5.08  ? 557  TRP A CD2 1 
ATOM   176  N  NE1 . TRP A 1 21  ? 7.081   7.400   -2.823  1.00 7.56  ? 557  TRP A NE1 1 
ATOM   177  C  CE2 . TRP A 1 21  ? 6.058   6.548   -3.133  1.00 5.23  ? 557  TRP A CE2 1 
ATOM   178  C  CE3 . TRP A 1 21  ? 5.703   4.145   -3.248  1.00 6.03  ? 557  TRP A CE3 1 
ATOM   179  C  CZ2 . TRP A 1 21  ? 4.782   6.800   -3.592  1.00 6.97  ? 557  TRP A CZ2 1 
ATOM   180  C  CZ3 . TRP A 1 21  ? 4.432   4.403   -3.671  1.00 7.91  ? 557  TRP A CZ3 1 
ATOM   181  C  CH2 . TRP A 1 21  ? 3.993   5.713   -3.871  1.00 7.29  ? 557  TRP A CH2 1 
ATOM   182  N  N   . GLU A 1 22  ? 10.798  4.754   -4.711  1.00 7.45  ? 558  GLU A N   1 
ATOM   183  C  CA  . GLU A 1 22  ? 11.146  5.748   -5.717  1.00 8.99  ? 558  GLU A CA  1 
ATOM   184  C  C   . GLU A 1 22  ? 11.013  5.210   -7.119  1.00 9.22  ? 558  GLU A C   1 
ATOM   185  O  O   . GLU A 1 22  ? 10.986  6.020   -8.033  1.00 12.81 ? 558  GLU A O   1 
ATOM   186  C  CB  . GLU A 1 22  ? 12.544  6.308   -5.444  1.00 10.28 ? 558  GLU A CB  1 
ATOM   187  C  CG  . GLU A 1 22  ? 12.686  6.883   -4.032  1.00 12.46 ? 558  GLU A CG  1 
ATOM   188  C  CD  . GLU A 1 22  ? 11.792  8.093   -3.801  1.00 12.40 ? 558  GLU A CD  1 
ATOM   189  O  OE1 . GLU A 1 22  ? 11.646  8.912   -4.723  1.00 16.12 ? 558  GLU A OE1 1 
ATOM   190  O  OE2 . GLU A 1 22  ? 11.260  8.234   -2.697  1.00 15.07 ? 558  GLU A OE2 1 
ATOM   191  N  N   . THR A 1 23  ? 10.975  3.881   -7.302  1.00 7.31  ? 559  THR A N   1 
ATOM   192  C  CA  . THR A 1 23  ? 10.715  3.207   -8.559  1.00 8.30  ? 559  THR A CA  1 
ATOM   193  C  C   . THR A 1 23  ? 9.229   2.917   -8.683  1.00 7.22  ? 559  THR A C   1 
ATOM   194  O  O   . THR A 1 23  ? 8.615   3.187   -9.699  1.00 8.34  ? 559  THR A O   1 
ATOM   195  C  CB  . THR A 1 23  ? 11.476  1.866   -8.648  1.00 9.53  ? 559  THR A CB  1 
ATOM   196  O  OG1 . THR A 1 23  ? 12.895  2.137   -8.648  1.00 12.23 ? 559  THR A OG1 1 
ATOM   197  C  CG2 . THR A 1 23  ? 11.056  1.096   -9.880  1.00 11.41 ? 559  THR A CG2 1 
ATOM   198  N  N   . VAL A 1 24  ? 8.640   2.385   -7.623  1.00 5.23  ? 560  VAL A N   1 
ATOM   199  C  CA  . VAL A 1 24  ? 7.234   2.061   -7.601  1.00 4.84  ? 560  VAL A CA  1 
ATOM   200  C  C   . VAL A 1 24  ? 6.353   3.278   -7.935  1.00 3.40  ? 560  VAL A C   1 
ATOM   201  O  O   . VAL A 1 24  ? 5.394   3.169   -8.688  1.00 3.78  ? 560  VAL A O   1 
ATOM   202  C  CB  . VAL A 1 24  ? 6.840   1.499   -6.224  1.00 4.48  ? 560  VAL A CB  1 
ATOM   203  C  CG1 . VAL A 1 24  ? 5.306   1.442   -6.029  1.00 4.31  ? 560  VAL A CG1 1 
ATOM   204  C  CG2 . VAL A 1 24  ? 7.520   0.121   -5.981  1.00 6.18  ? 560  VAL A CG2 1 
ATOM   205  N  N   . LYS A 1 25  ? 6.682   4.440   -7.384  1.00 3.49  ? 561  LYS A N   1 
ATOM   206  C  CA  A LYS A 1 25  ? 5.892   5.649   -7.635  0.70 3.82  ? 561  LYS A CA  1 
ATOM   207  C  CA  B LYS A 1 25  ? 5.930   5.672   -7.632  0.30 3.51  ? 561  LYS A CA  1 
ATOM   208  C  C   . LYS A 1 25  ? 5.902   6.019   -9.113  1.00 4.19  ? 561  LYS A C   1 
ATOM   209  O  O   . LYS A 1 25  ? 4.883   6.456   -9.669  1.00 4.23  ? 561  LYS A O   1 
ATOM   210  C  CB  A LYS A 1 25  ? 6.370   6.816   -6.790  0.70 5.29  ? 561  LYS A CB  1 
ATOM   211  C  CB  B LYS A 1 25  ? 6.562   6.837   -6.882  0.30 3.98  ? 561  LYS A CB  1 
ATOM   212  C  CG  A LYS A 1 25  ? 7.686   7.417   -7.185  0.70 6.80  ? 561  LYS A CG  1 
ATOM   213  C  CG  B LYS A 1 25  ? 5.616   7.999   -6.740  0.30 3.17  ? 561  LYS A CG  1 
ATOM   214  C  CD  A LYS A 1 25  ? 7.976   8.657   -6.320  0.70 7.44  ? 561  LYS A CD  1 
ATOM   215  C  CD  B LYS A 1 25  ? 6.263   9.238   -6.156  0.30 4.41  ? 561  LYS A CD  1 
ATOM   216  C  CE  A LYS A 1 25  ? 9.285   9.230   -6.718  0.70 9.29  ? 561  LYS A CE  1 
ATOM   217  C  CE  B LYS A 1 25  ? 5.171   10.272  -5.927  0.30 5.40  ? 561  LYS A CE  1 
ATOM   218  N  NZ  A LYS A 1 25  ? 9.599   10.435  -5.893  0.70 7.02  ? 561  LYS A NZ  1 
ATOM   219  N  NZ  B LYS A 1 25  ? 5.472   11.668  -6.330  0.30 4.93  ? 561  LYS A NZ  1 
ATOM   220  N  N   . ILE A 1 26  ? 7.034   5.834   -9.746  1.00 4.06  ? 562  ILE A N   1 
ATOM   221  C  CA  A ILE A 1 26  ? 7.147   6.147   -11.151 0.80 3.77  ? 562  ILE A CA  1 
ATOM   222  C  CA  B ILE A 1 26  ? 7.170   6.128   -11.168 0.20 3.71  ? 562  ILE A CA  1 
ATOM   223  C  C   . ILE A 1 26  ? 6.370   5.123   -11.999 1.00 3.20  ? 562  ILE A C   1 
ATOM   224  O  O   . ILE A 1 26  ? 5.656   5.496   -12.917 1.00 4.35  ? 562  ILE A O   1 
ATOM   225  C  CB  A ILE A 1 26  ? 8.618   6.198   -11.578 0.80 4.50  ? 562  ILE A CB  1 
ATOM   226  C  CB  B ILE A 1 26  ? 8.647   6.103   -11.621 0.20 3.84  ? 562  ILE A CB  1 
ATOM   227  C  CG1 A ILE A 1 26  ? 9.291   7.447   -11.003 0.80 5.43  ? 562  ILE A CG1 1 
ATOM   228  C  CG1 B ILE A 1 26  ? 9.526   6.895   -10.649 0.20 3.60  ? 562  ILE A CG1 1 
ATOM   229  C  CG2 A ILE A 1 26  ? 8.779   6.142   -13.161 0.80 5.04  ? 562  ILE A CG2 1 
ATOM   230  C  CG2 B ILE A 1 26  ? 8.789   6.667   -13.049 0.20 3.74  ? 562  ILE A CG2 1 
ATOM   231  C  CD1 A ILE A 1 26  ? 10.811  7.365   -11.126 0.80 5.48  ? 562  ILE A CD1 1 
ATOM   232  N  N   . GLN A 1 27  ? 6.493   3.831   -11.684 1.00 3.75  ? 563  GLN A N   1 
ATOM   233  C  CA  . GLN A 1 27  ? 5.715   2.820   -12.377 1.00 3.58  ? 563  GLN A CA  1 
ATOM   234  C  C   . GLN A 1 27  ? 4.216   3.008   -12.167 1.00 2.74  ? 563  GLN A C   1 
ATOM   235  O  O   . GLN A 1 27  ? 3.405   2.832   -13.079 1.00 4.23  ? 563  GLN A O   1 
ATOM   236  C  CB  . GLN A 1 27  ? 6.170   1.437   -11.942 1.00 4.33  ? 563  GLN A CB  1 
ATOM   237  C  CG  . GLN A 1 27  ? 7.620   1.184   -12.342 1.00 5.29  ? 563  GLN A CG  1 
ATOM   238  C  CD  . GLN A 1 27  ? 8.156   -0.124  -11.819 1.00 11.59 ? 563  GLN A CD  1 
ATOM   239  O  OE1 . GLN A 1 27  ? 7.848   -0.537  -10.686 1.00 13.40 ? 563  GLN A OE1 1 
ATOM   240  N  NE2 . GLN A 1 27  ? 9.003   -0.756  -12.621 1.00 13.32 ? 563  GLN A NE2 1 
ATOM   241  N  N   . TRP A 1 28  ? 3.823   3.385   -10.950 1.00 3.15  ? 564  TRP A N   1 
ATOM   242  C  CA  . TRP A 1 28  ? 2.405   3.627   -10.667 1.00 3.20  ? 564  TRP A CA  1 
ATOM   243  C  C   . TRP A 1 28  ? 1.853   4.796   -11.493 1.00 3.25  ? 564  TRP A C   1 
ATOM   244  O  O   . TRP A 1 28  ? 0.671   4.800   -11.874 1.00 4.37  ? 564  TRP A O   1 
ATOM   245  C  CB  . TRP A 1 28  ? 2.174   3.919   -9.169  1.00 3.15  ? 564  TRP A CB  1 
ATOM   246  C  CG  . TRP A 1 28  ? 0.779   4.068   -8.748  1.00 3.23  ? 564  TRP A CG  1 
ATOM   247  C  CD1 . TRP A 1 28  ? -0.017  3.099   -8.208  1.00 4.45  ? 564  TRP A CD1 1 
ATOM   248  C  CD2 . TRP A 1 28  ? 0.022   5.278   -8.703  1.00 3.78  ? 564  TRP A CD2 1 
ATOM   249  N  NE1 . TRP A 1 28  ? -1.239  3.621   -7.892  1.00 5.63  ? 564  TRP A NE1 1 
ATOM   250  C  CE2 . TRP A 1 28  ? -1.237  4.968   -8.168  1.00 4.41  ? 564  TRP A CE2 1 
ATOM   251  C  CE3 . TRP A 1 28  ? 0.284   6.596   -9.083  1.00 3.73  ? 564  TRP A CE3 1 
ATOM   252  C  CZ2 . TRP A 1 28  ? -2.234  5.958   -7.986  1.00 3.84  ? 564  TRP A CZ2 1 
ATOM   253  C  CZ3 . TRP A 1 28  ? -0.694  7.549   -8.923  1.00 4.09  ? 564  TRP A CZ3 1 
ATOM   254  C  CH2 . TRP A 1 28  ? -1.938  7.219   -8.382  1.00 5.03  ? 564  TRP A CH2 1 
ATOM   255  N  N   . SER A 1 29  ? 2.713   5.778   -11.776 1.00 3.23  ? 565  SER A N   1 
ATOM   256  C  CA  . SER A 1 29  ? 2.343   6.943   -12.581 1.00 3.29  ? 565  SER A CA  1 
ATOM   257  C  C   . SER A 1 29  ? 2.277   6.599   -14.059 1.00 3.90  ? 565  SER A C   1 
ATOM   258  O  O   . SER A 1 29  ? 1.393   7.088   -14.754 1.00 4.28  ? 565  SER A O   1 
ATOM   259  C  CB  . SER A 1 29  ? 3.359   8.042   -12.353 1.00 4.57  ? 565  SER A CB  1 
ATOM   260  O  OG  . SER A 1 29  ? 3.326   8.470   -10.993 1.00 6.02  ? 565  SER A OG  1 
ATOM   261  N  N   . GLN A 1 30  ? 3.253   5.822   -14.544 1.00 4.04  ? 566  GLN A N   1 
ATOM   262  C  CA  . GLN A 1 30  ? 3.509   5.691   -15.990 1.00 4.72  ? 566  GLN A CA  1 
ATOM   263  C  C   . GLN A 1 30  ? 2.998   4.364   -16.569 1.00 5.13  ? 566  GLN A C   1 
ATOM   264  O  O   . GLN A 1 30  ? 2.573   4.283   -17.725 1.00 4.36  ? 566  GLN A O   1 
ATOM   265  C  CB  . GLN A 1 30  ? 5.019   5.788   -16.256 1.00 5.66  ? 566  GLN A CB  1 
ATOM   266  C  CG  . GLN A 1 30  ? 5.471   5.719   -17.730 1.00 5.98  ? 566  GLN A CG  1 
ATOM   267  C  CD  . GLN A 1 30  ? 6.977   5.863   -17.857 1.00 7.15  ? 566  GLN A CD  1 
ATOM   268  O  OE1 . GLN A 1 30  ? 7.730   5.268   -17.068 1.00 9.03  ? 566  GLN A OE1 1 
ATOM   269  N  NE2 . GLN A 1 30  ? 7.417   6.679   -18.796 1.00 8.75  ? 566  GLN A NE2 1 
ATOM   270  N  N   . ASN A 1 31  ? 3.102   3.298   -15.796 1.00 4.07  ? 567  ASN A N   1 
ATOM   271  C  CA  . ASN A 1 31  ? 2.745   1.965   -16.311 1.00 4.26  ? 567  ASN A CA  1 
ATOM   272  C  C   . ASN A 1 31  ? 2.275   1.107   -15.161 1.00 3.82  ? 567  ASN A C   1 
ATOM   273  O  O   . ASN A 1 31  ? 2.903   0.103   -14.820 1.00 4.90  ? 567  ASN A O   1 
ATOM   274  C  CB  . ASN A 1 31  ? 3.907   1.313   -17.078 1.00 3.46  ? 567  ASN A CB  1 
ATOM   275  C  CG  . ASN A 1 31  ? 3.494   0.054   -17.845 1.00 4.92  ? 567  ASN A CG  1 
ATOM   276  O  OD1 . ASN A 1 31  ? 2.346   -0.363  -17.829 1.00 6.34  ? 567  ASN A OD1 1 
ATOM   277  N  ND2 . ASN A 1 31  ? 4.470   -0.542  -18.528 1.00 7.95  ? 567  ASN A ND2 1 
ATOM   278  N  N   . PRO A 1 32  ? 1.148   1.529   -14.572 1.00 4.55  ? 568  PRO A N   1 
ATOM   279  C  CA  . PRO A 1 32  ? 0.668   0.853   -13.353 1.00 5.09  ? 568  PRO A CA  1 
ATOM   280  C  C   . PRO A 1 32  ? 0.269   -0.578  -13.574 1.00 6.21  ? 568  PRO A C   1 
ATOM   281  O  O   . PRO A 1 32  ? 0.485   -1.410  -12.672 1.00 6.71  ? 568  PRO A O   1 
ATOM   282  C  CB  . PRO A 1 32  ? -0.540  1.663   -12.949 1.00 6.05  ? 568  PRO A CB  1 
ATOM   283  C  CG  . PRO A 1 32  ? -0.991  2.352   -14.174 1.00 5.68  ? 568  PRO A CG  1 
ATOM   284  C  CD  . PRO A 1 32  ? 0.289   2.659   -14.929 1.00 5.35  ? 568  PRO A CD  1 
ATOM   285  N  N   . THR A 1 33  ? -0.308  -0.872  -14.747 1.00 6.22  ? 569  THR A N   1 
ATOM   286  C  CA  . THR A 1 33  ? -0.729  -2.227  -14.969 1.00 7.57  ? 569  THR A CA  1 
ATOM   287  C  C   . THR A 1 33  ? 0.471   -3.179  -14.849 1.00 6.72  ? 569  THR A C   1 
ATOM   288  O  O   . THR A 1 33  ? 0.358   -4.247  -14.271 1.00 8.26  ? 569  THR A O   1 
ATOM   289  C  CB  . THR A 1 33  ? -1.451  -2.393  -16.285 1.00 6.11  ? 569  THR A CB  1 
ATOM   290  O  OG1 . THR A 1 33  ? -2.597  -1.532  -16.281 1.00 8.63  ? 569  THR A OG1 1 
ATOM   291  C  CG2 . THR A 1 33  ? -1.855  -3.828  -16.472 1.00 6.97  ? 569  THR A CG2 1 
HETATM 292  N  N   A MSE A 1 34  ? 1.596   -2.779  -15.408 0.60 8.09  ? 570  MSE A N   1 
HETATM 293  N  N   B MSE A 1 34  ? 1.608   -2.793  -15.413 0.40 9.38  ? 570  MSE A N   1 
HETATM 294  C  CA  A MSE A 1 34  ? 2.794   -3.570  -15.300 0.60 8.45  ? 570  MSE A CA  1 
HETATM 295  C  CA  B MSE A 1 34  ? 2.802   -3.610  -15.282 0.40 11.46 ? 570  MSE A CA  1 
HETATM 296  C  C   A MSE A 1 34  ? 3.187   -3.766  -13.836 0.60 8.66  ? 570  MSE A C   1 
HETATM 297  C  C   B MSE A 1 34  ? 3.171   -3.781  -13.818 0.40 9.82  ? 570  MSE A C   1 
HETATM 298  O  O   A MSE A 1 34  ? 3.549   -4.877  -13.401 0.60 7.76  ? 570  MSE A O   1 
HETATM 299  O  O   B MSE A 1 34  ? 3.521   -4.886  -13.371 0.40 9.33  ? 570  MSE A O   1 
HETATM 300  C  CB  A MSE A 1 34  ? 3.897   -2.877  -16.097 0.60 9.00  ? 570  MSE A CB  1 
HETATM 301  C  CB  B MSE A 1 34  ? 3.972   -2.983  -16.033 0.40 11.48 ? 570  MSE A CB  1 
HETATM 302  C  CG  A MSE A 1 34  ? 5.226   -3.572  -16.083 0.60 10.32 ? 570  MSE A CG  1 
HETATM 303  C  CG  B MSE A 1 34  ? 5.234   -3.822  -15.966 0.40 13.82 ? 570  MSE A CG  1 
HETATM 304  SE SE  A MSE A 1 34  ? 6.277   -3.010  -14.564 0.60 18.69 ? 570  MSE A SE  1 
HETATM 305  SE SE  B MSE A 1 34  ? 6.767   -2.992  -16.812 0.40 21.30 ? 570  MSE A SE  1 
HETATM 306  C  CE  A MSE A 1 34  ? 6.270   -1.080  -14.902 0.60 14.69 ? 570  MSE A CE  1 
HETATM 307  C  CE  B MSE A 1 34  ? 6.845   -1.350  -15.771 0.40 17.95 ? 570  MSE A CE  1 
ATOM   308  N  N   . LEU A 1 35  ? 3.099   -2.688  -13.066 1.00 8.20  ? 571  LEU A N   1 
ATOM   309  C  CA  . LEU A 1 35  ? 3.407   -2.737  -11.644 1.00 6.82  ? 571  LEU A CA  1 
ATOM   310  C  C   . LEU A 1 35  ? 2.524   -3.758  -10.887 1.00 7.27  ? 571  LEU A C   1 
ATOM   311  O  O   . LEU A 1 35  ? 2.964   -4.581  -10.091 1.00 7.12  ? 571  LEU A O   1 
ATOM   312  C  CB  . LEU A 1 35  ? 3.215   -1.330  -11.058 1.00 6.76  ? 571  LEU A CB  1 
ATOM   313  C  CG  . LEU A 1 35  ? 3.409   -1.179  -9.533  1.00 5.11  ? 571  LEU A CG  1 
ATOM   314  C  CD1 . LEU A 1 35  ? 4.870   -1.483  -9.070  1.00 7.26  ? 571  LEU A CD1 1 
ATOM   315  C  CD2 . LEU A 1 35  ? 3.030   0.222   -9.132  1.00 5.82  ? 571  LEU A CD2 1 
ATOM   316  N  N   . TYR A 1 36  ? 1.243   -3.705  -11.159 1.00 6.45  ? 572  TYR A N   1 
ATOM   317  C  CA  . TYR A 1 36  ? 0.321   -4.588  -10.485 1.00 6.37  ? 572  TYR A CA  1 
ATOM   318  C  C   . TYR A 1 36  ? 0.608   -6.057  -10.744 1.00 5.88  ? 572  TYR A C   1 
ATOM   319  O  O   . TYR A 1 36  ? 0.344   -6.922  -9.900  1.00 8.52  ? 572  TYR A O   1 
ATOM   320  C  CB  . TYR A 1 36  ? -1.130  -4.306  -10.926 1.00 6.27  ? 572  TYR A CB  1 
ATOM   321  C  CG  . TYR A 1 36  ? -1.609  -2.888  -10.829 1.00 5.62  ? 572  TYR A CG  1 
ATOM   322  C  CD1 . TYR A 1 36  ? -1.143  -2.005  -9.815  1.00 5.01  ? 572  TYR A CD1 1 
ATOM   323  C  CD2 . TYR A 1 36  ? -2.596  -2.400  -11.682 1.00 6.87  ? 572  TYR A CD2 1 
ATOM   324  C  CE1 . TYR A 1 36  ? -1.599  -0.668  -9.738  1.00 5.51  ? 572  TYR A CE1 1 
ATOM   325  C  CE2 . TYR A 1 36  ? -3.054  -1.086  -11.602 1.00 5.77  ? 572  TYR A CE2 1 
ATOM   326  C  CZ  . TYR A 1 36  ? -2.574  -0.217  -10.609 1.00 4.80  ? 572  TYR A CZ  1 
ATOM   327  O  OH  . TYR A 1 36  ? -3.099  1.026   -10.594 1.00 7.24  ? 572  TYR A OH  1 
ATOM   328  N  N   . ASN A 1 37  ? 1.126   -6.358  -11.933 1.00 6.91  ? 573  ASN A N   1 
ATOM   329  C  CA  . ASN A 1 37  ? 1.416   -7.719  -12.383 1.00 7.11  ? 573  ASN A CA  1 
ATOM   330  C  C   . ASN A 1 37  ? 2.775   -8.300  -11.966 1.00 7.12  ? 573  ASN A C   1 
ATOM   331  O  O   . ASN A 1 37  ? 3.109   -9.444  -12.311 1.00 7.92  ? 573  ASN A O   1 
ATOM   332  C  CB  . ASN A 1 37  ? 1.224   -7.764  -13.935 1.00 6.06  ? 573  ASN A CB  1 
ATOM   333  C  CG  . ASN A 1 37  ? -0.212  -7.905  -14.341 1.00 6.90  ? 573  ASN A CG  1 
ATOM   334  O  OD1 . ASN A 1 37  ? -0.761  -9.007  -14.303 1.00 9.83  ? 573  ASN A OD1 1 
ATOM   335  N  ND2 . ASN A 1 37  ? -0.801  -6.830  -14.825 1.00 6.62  ? 573  ASN A ND2 1 
ATOM   336  N  N   . LYS A 1 38  ? 3.522   -7.560  -11.144 1.00 8.37  ? 574  LYS A N   1 
ATOM   337  C  CA  . LYS A 1 38  ? 4.844   -8.045  -10.734 1.00 8.87  ? 574  LYS A CA  1 
ATOM   338  C  C   . LYS A 1 38  ? 4.732   -9.277  -9.848  1.00 9.42  ? 574  LYS A C   1 
ATOM   339  O  O   . LYS A 1 38  ? 3.870   -9.341  -8.983  1.00 8.21  ? 574  LYS A O   1 
ATOM   340  C  CB  . LYS A 1 38  ? 5.616   -6.959  -10.006 1.00 9.27  ? 574  LYS A CB  1 
ATOM   341  C  CG  . LYS A 1 38  ? 6.149   -5.905  -10.879 1.00 10.86 ? 574  LYS A CG  1 
ATOM   342  C  CD  . LYS A 1 38  ? 6.908   -4.831  -10.103 1.00 15.99 ? 574  LYS A CD  1 
ATOM   343  C  CE  . LYS A 1 38  ? 8.230   -5.386  -9.531  1.00 19.85 ? 574  LYS A CE  1 
ATOM   344  N  NZ  . LYS A 1 38  ? 9.247   -5.633  -10.584 1.00 22.19 ? 574  LYS A NZ  1 
HETATM 345  N  N   A MSE A 1 39  ? 5.616   -10.256 -10.030 0.40 10.95 ? 575  MSE A N   1 
HETATM 346  N  N   B MSE A 1 39  ? 5.635   -10.235 -10.065 0.30 9.52  ? 575  MSE A N   1 
HETATM 347  N  N   C MSE A 1 39  ? 5.639   -10.225 -10.069 0.30 10.56 ? 575  MSE A N   1 
HETATM 348  C  CA  A MSE A 1 39  ? 5.551   -11.472 -9.222  0.40 13.54 ? 575  MSE A CA  1 
HETATM 349  C  CA  B MSE A 1 39  ? 5.716   -11.457 -9.266  0.30 10.05 ? 575  MSE A CA  1 
HETATM 350  C  CA  C MSE A 1 39  ? 5.735   -11.456 -9.293  0.30 12.52 ? 575  MSE A CA  1 
HETATM 351  C  C   A MSE A 1 39  ? 5.854   -11.182 -7.746  0.40 10.04 ? 575  MSE A C   1 
HETATM 352  C  C   B MSE A 1 39  ? 5.872   -11.176 -7.773  0.30 8.74  ? 575  MSE A C   1 
HETATM 353  C  C   C MSE A 1 39  ? 5.899   -11.188 -7.789  0.30 9.84  ? 575  MSE A C   1 
HETATM 354  O  O   A MSE A 1 39  ? 5.504   -11.981 -6.883  0.40 9.46  ? 575  MSE A O   1 
HETATM 355  O  O   B MSE A 1 39  ? 5.460   -11.974 -6.936  0.30 8.14  ? 575  MSE A O   1 
HETATM 356  O  O   C MSE A 1 39  ? 5.500   -12.000 -6.960  0.30 9.43  ? 575  MSE A O   1 
HETATM 357  C  CB  A MSE A 1 39  ? 6.502   -12.557 -9.738  0.40 13.52 ? 575  MSE A CB  1 
HETATM 358  C  CB  B MSE A 1 39  ? 6.910   -12.311 -9.718  0.30 11.14 ? 575  MSE A CB  1 
HETATM 359  C  CB  C MSE A 1 39  ? 6.922   -12.274 -9.824  0.30 12.63 ? 575  MSE A CB  1 
HETATM 360  C  CG  A MSE A 1 39  ? 6.310   -12.937 -11.200 0.40 17.36 ? 575  MSE A CG  1 
HETATM 361  C  CG  B MSE A 1 39  ? 6.743   -12.980 -11.070 0.30 14.50 ? 575  MSE A CG  1 
HETATM 362  C  CG  C MSE A 1 39  ? 7.144   -13.621 -9.163  0.30 15.64 ? 575  MSE A CG  1 
HETATM 363  SE SE  A MSE A 1 39  ? 7.683   -14.172 -11.805 0.40 27.28 ? 575  MSE A SE  1 
HETATM 364  SE SE  B MSE A 1 39  ? 5.115   -14.040 -11.175 0.30 25.46 ? 575  MSE A SE  1 
HETATM 365  SE SE  C MSE A 1 39  ? 8.067   -14.901 -10.352 0.30 22.59 ? 575  MSE A SE  1 
HETATM 366  C  CE  A MSE A 1 39  ? 7.142   -15.733 -10.793 0.40 21.10 ? 575  MSE A CE  1 
HETATM 367  C  CE  B MSE A 1 39  ? 3.981   -12.740 -12.084 0.30 22.28 ? 575  MSE A CE  1 
HETATM 368  C  CE  C MSE A 1 39  ? 9.166   -13.633 -11.350 0.30 20.62 ? 575  MSE A CE  1 
ATOM   369  N  N   . GLU A 1 40  ? 6.458   -10.028 -7.463  1.00 9.06  ? 576  GLU A N   1 
ATOM   370  C  CA  . GLU A 1 40  ? 6.660   -9.594  -6.075  1.00 8.05  ? 576  GLU A CA  1 
ATOM   371  C  C   . GLU A 1 40  ? 5.436   -9.738  -5.220  1.00 7.59  ? 576  GLU A C   1 
ATOM   372  O  O   . GLU A 1 40  ? 5.530   -10.090 -4.035  1.00 7.27  ? 576  GLU A O   1 
ATOM   373  C  CB  . GLU A 1 40  ? 7.093   -8.129  -6.042  1.00 8.01  ? 576  GLU A CB  1 
ATOM   374  C  CG  . GLU A 1 40  ? 6.859   -7.401  -4.721  1.00 7.84  ? 576  GLU A CG  1 
ATOM   375  C  CD  . GLU A 1 40  ? 7.553   -7.991  -3.524  1.00 8.37  ? 576  GLU A CD  1 
ATOM   376  O  OE1 . GLU A 1 40  ? 8.601   -8.635  -3.666  1.00 7.54  ? 576  GLU A OE1 1 
ATOM   377  O  OE2 . GLU A 1 40  ? 7.041   -7.775  -2.410  1.00 7.98  ? 576  GLU A OE2 1 
ATOM   378  N  N   . PHE A 1 41  ? 4.269   -9.443  -5.813  1.00 5.87  ? 577  PHE A N   1 
ATOM   379  C  CA  . PHE A 1 41  ? 3.011   -9.423  -5.073  1.00 6.25  ? 577  PHE A CA  1 
ATOM   380  C  C   . PHE A 1 41  ? 2.269   -10.768 -4.962  1.00 6.87  ? 577  PHE A C   1 
ATOM   381  O  O   . PHE A 1 41  ? 1.215   -10.877 -4.287  1.00 8.07  ? 577  PHE A O   1 
ATOM   382  C  CB  . PHE A 1 41  ? 2.096   -8.360  -5.685  1.00 6.27  ? 577  PHE A CB  1 
ATOM   383  C  CG  . PHE A 1 41  ? 2.673   -7.000  -5.673  1.00 5.85  ? 577  PHE A CG  1 
ATOM   384  C  CD1 . PHE A 1 41  ? 3.063   -6.418  -4.470  1.00 6.72  ? 577  PHE A CD1 1 
ATOM   385  C  CD2 . PHE A 1 41  ? 2.885   -6.272  -6.810  1.00 7.02  ? 577  PHE A CD2 1 
ATOM   386  C  CE1 . PHE A 1 41  ? 3.655   -5.188  -4.438  1.00 7.54  ? 577  PHE A CE1 1 
ATOM   387  C  CE2 . PHE A 1 41  ? 3.452   -4.991  -6.765  1.00 7.75  ? 577  PHE A CE2 1 
ATOM   388  C  CZ  . PHE A 1 41  ? 3.848   -4.467  -5.575  1.00 7.81  ? 577  PHE A CZ  1 
ATOM   389  N  N   . GLU A 1 42  ? 2.803   -11.806 -5.593  1.00 8.26  ? 578  GLU A N   1 
ATOM   390  C  CA  . GLU A 1 42  ? 2.113   -13.097 -5.551  1.00 8.63  ? 578  GLU A CA  1 
ATOM   391  C  C   . GLU A 1 42  ? 1.925   -13.621 -4.096  1.00 7.45  ? 578  GLU A C   1 
ATOM   392  O  O   . GLU A 1 42  ? 0.846   -14.077 -3.715  1.00 8.64  ? 578  GLU A O   1 
ATOM   393  C  CB  . GLU A 1 42  ? 2.823   -14.141 -6.433  1.00 9.66  ? 578  GLU A CB  1 
ATOM   394  C  CG  . GLU A 1 42  ? 2.637   -13.896 -7.891  1.00 14.80 ? 578  GLU A CG  1 
ATOM   395  C  CD  . GLU A 1 42  ? 3.256   -14.973 -8.733  1.00 21.32 ? 578  GLU A CD  1 
ATOM   396  O  OE1 . GLU A 1 42  ? 3.769   -15.967 -8.169  1.00 25.46 ? 578  GLU A OE1 1 
ATOM   397  O  OE2 . GLU A 1 42  ? 3.210   -14.805 -9.970  1.00 27.72 ? 578  GLU A OE2 1 
ATOM   398  N  N   . PRO A 1 43  ? 2.962   -13.562 -3.252  1.00 6.34  ? 579  PRO A N   1 
ATOM   399  C  CA  . PRO A 1 43  ? 2.717   -14.027 -1.900  1.00 7.37  ? 579  PRO A CA  1 
ATOM   400  C  C   . PRO A 1 43  ? 1.604   -13.265 -1.144  1.00 6.27  ? 579  PRO A C   1 
ATOM   401  O  O   . PRO A 1 43  ? 0.792   -13.862 -0.457  1.00 6.11  ? 579  PRO A O   1 
ATOM   402  C  CB  . PRO A 1 43  ? 4.094   -13.854 -1.246  1.00 7.10  ? 579  PRO A CB  1 
ATOM   403  C  CG  . PRO A 1 43  ? 5.042   -14.009 -2.365  1.00 7.23  ? 579  PRO A CG  1 
ATOM   404  C  CD  . PRO A 1 43  ? 4.383   -13.201 -3.428  1.00 7.01  ? 579  PRO A CD  1 
ATOM   405  N  N   . PHE A 1 44  ? 1.597   -11.945 -1.280  1.00 6.63  ? 580  PHE A N   1 
ATOM   406  C  CA  . PHE A 1 44  ? 0.518   -11.155 -0.697  1.00 7.38  ? 580  PHE A CA  1 
ATOM   407  C  C   . PHE A 1 44  ? -0.826  -11.616 -1.225  1.00 7.04  ? 580  PHE A C   1 
ATOM   408  O  O   . PHE A 1 44  ? -1.762  -11.801 -0.449  1.00 7.54  ? 580  PHE A O   1 
ATOM   409  C  CB  . PHE A 1 44  ? 0.731   -9.653  -0.956  1.00 7.58  ? 580  PHE A CB  1 
ATOM   410  C  CG  . PHE A 1 44  ? -0.201  -8.749  -0.181  1.00 7.37  ? 580  PHE A CG  1 
ATOM   411  C  CD1 . PHE A 1 44  ? 0.260   -8.006  0.893   1.00 9.21  ? 580  PHE A CD1 1 
ATOM   412  C  CD2 . PHE A 1 44  ? -1.519  -8.600  -0.548  1.00 9.78  ? 580  PHE A CD2 1 
ATOM   413  C  CE1 . PHE A 1 44  ? -0.554  -7.150  1.578   1.00 11.03 ? 580  PHE A CE1 1 
ATOM   414  C  CE2 . PHE A 1 44  ? -2.354  -7.720  0.182   1.00 9.28  ? 580  PHE A CE2 1 
ATOM   415  C  CZ  . PHE A 1 44  ? -1.861  -7.031  1.230   1.00 9.37  ? 580  PHE A CZ  1 
ATOM   416  N  N   . GLN A 1 45  ? -0.898  -11.779 -2.545  1.00 7.52  ? 581  GLN A N   1 
ATOM   417  C  CA  A GLN A 1 45  ? -2.148  -12.179 -3.135  0.40 7.96  ? 581  GLN A CA  1 
ATOM   418  C  CA  B GLN A 1 45  ? -2.137  -12.205 -3.197  0.40 8.49  ? 581  GLN A CA  1 
ATOM   419  C  CA  C GLN A 1 45  ? -2.121  -12.236 -3.225  0.20 7.98  ? 581  GLN A CA  1 
ATOM   420  C  C   . GLN A 1 45  ? -2.670  -13.475 -2.519  1.00 8.30  ? 581  GLN A C   1 
ATOM   421  O  O   . GLN A 1 45  ? -3.865  -13.608 -2.290  1.00 8.74  ? 581  GLN A O   1 
ATOM   422  C  CB  A GLN A 1 45  ? -1.999  -12.259 -4.642  0.40 8.28  ? 581  GLN A CB  1 
ATOM   423  C  CB  B GLN A 1 45  ? -1.941  -12.437 -4.710  0.40 8.89  ? 581  GLN A CB  1 
ATOM   424  C  CB  C GLN A 1 45  ? -1.846  -12.585 -4.706  0.20 8.17  ? 581  GLN A CB  1 
ATOM   425  C  CG  A GLN A 1 45  ? -2.310  -10.922 -5.256  0.40 6.28  ? 581  GLN A CG  1 
ATOM   426  C  CG  B GLN A 1 45  ? -3.157  -13.109 -5.343  0.40 7.69  ? 581  GLN A CG  1 
ATOM   427  C  CG  C GLN A 1 45  ? -1.603  -11.394 -5.652  0.20 7.45  ? 581  GLN A CG  1 
ATOM   428  C  CD  A GLN A 1 45  ? -3.733  -10.511 -4.948  0.40 5.50  ? 581  GLN A CD  1 
ATOM   429  C  CD  B GLN A 1 45  ? -3.268  -13.072 -6.857  0.40 10.32 ? 581  GLN A CD  1 
ATOM   430  C  CD  C GLN A 1 45  ? -1.261  -11.805 -7.096  0.20 7.78  ? 581  GLN A CD  1 
ATOM   431  O  OE1 A GLN A 1 45  ? -4.632  -11.363 -4.971  0.40 5.94  ? 581  GLN A OE1 1 
ATOM   432  O  OE1 B GLN A 1 45  ? -2.316  -12.815 -7.593  0.40 12.34 ? 581  GLN A OE1 1 
ATOM   433  O  OE1 C GLN A 1 45  ? -1.972  -12.581 -7.710  0.20 9.41  ? 581  GLN A OE1 1 
ATOM   434  N  NE2 A GLN A 1 45  ? -3.957  -9.209  -4.676  0.40 2.00  ? 581  GLN A NE2 1 
ATOM   435  N  NE2 B GLN A 1 45  ? -4.469  -13.354 -7.322  0.40 6.86  ? 581  GLN A NE2 1 
ATOM   436  N  NE2 C GLN A 1 45  ? -0.174  -11.264 -7.632  0.20 8.43  ? 581  GLN A NE2 1 
ATOM   437  N  N   . SER A 1 46  ? -1.790  -14.413 -2.214  1.00 8.48  ? 582  SER A N   1 
ATOM   438  C  CA  . SER A 1 46  ? -2.196  -15.664 -1.564  1.00 9.95  ? 582  SER A CA  1 
ATOM   439  C  C   . SER A 1 46  ? -2.758  -15.516 -0.149  1.00 9.33  ? 582  SER A C   1 
ATOM   440  O  O   . SER A 1 46  ? -3.459  -16.400 0.327   1.00 10.72 ? 582  SER A O   1 
ATOM   441  C  CB  . SER A 1 46  ? -1.060  -16.672 -1.595  1.00 10.21 ? 582  SER A CB  1 
ATOM   442  O  OG  . SER A 1 46  ? -0.838  -17.019 -2.973  1.00 14.28 ? 582  SER A OG  1 
ATOM   443  N  N   . LEU A 1 47  ? -2.486  -14.383 0.518   1.00 8.31  ? 583  LEU A N   1 
ATOM   444  C  CA  . LEU A 1 47  ? -3.060  -14.057 1.806   1.00 8.05  ? 583  LEU A CA  1 
ATOM   445  C  C   . LEU A 1 47  ? -4.478  -13.515 1.686   1.00 7.58  ? 583  LEU A C   1 
ATOM   446  O  O   . LEU A 1 47  ? -5.211  -13.462 2.668   1.00 7.63  ? 583  LEU A O   1 
ATOM   447  C  CB  . LEU A 1 47  ? -2.244  -12.947 2.458   1.00 9.95  ? 583  LEU A CB  1 
ATOM   448  C  CG  . LEU A 1 47  ? -0.772  -13.219 2.731   1.00 13.09 ? 583  LEU A CG  1 
ATOM   449  C  CD1 . LEU A 1 47  ? -0.207  -11.980 3.372   1.00 13.98 ? 583  LEU A CD1 1 
ATOM   450  C  CD2 . LEU A 1 47  ? -0.620  -14.449 3.614   1.00 14.42 ? 583  LEU A CD2 1 
ATOM   451  N  N   . VAL A 1 48  ? -4.831  -13.026 0.493   1.00 6.72  ? 584  VAL A N   1 
ATOM   452  C  CA  . VAL A 1 48  ? -6.180  -12.487 0.306   1.00 6.55  ? 584  VAL A CA  1 
ATOM   453  C  C   . VAL A 1 48  ? -7.127  -13.649 -0.027  1.00 7.61  ? 584  VAL A C   1 
ATOM   454  O  O   . VAL A 1 48  ? -6.799  -14.481 -0.880  1.00 8.15  ? 584  VAL A O   1 
ATOM   455  C  CB  . VAL A 1 48  ? -6.205  -11.475 -0.814  1.00 4.96  ? 584  VAL A CB  1 
ATOM   456  C  CG1 . VAL A 1 48  ? -7.619  -10.900 -0.998  1.00 7.15  ? 584  VAL A CG1 1 
ATOM   457  C  CG2 . VAL A 1 48  ? -5.118  -10.407 -0.603  1.00 5.15  ? 584  VAL A CG2 1 
ATOM   458  N  N   . PRO A 1 49  ? -8.265  -13.748 0.666   1.00 8.72  ? 585  PRO A N   1 
ATOM   459  C  CA  . PRO A 1 49  ? -9.115  -14.895 0.399   1.00 9.18  ? 585  PRO A CA  1 
ATOM   460  C  C   . PRO A 1 49  ? -9.404  -15.054 -1.090  1.00 8.64  ? 585  PRO A C   1 
ATOM   461  O  O   . PRO A 1 49  ? -9.849  -14.114 -1.754  1.00 7.48  ? 585  PRO A O   1 
ATOM   462  C  CB  . PRO A 1 49  ? -10.382 -14.572 1.179   1.00 9.53  ? 585  PRO A CB  1 
ATOM   463  C  CG  . PRO A 1 49  ? -9.932  -13.703 2.309   1.00 9.43  ? 585  PRO A CG  1 
ATOM   464  C  CD  . PRO A 1 49  ? -8.818  -12.869 1.707   1.00 8.95  ? 585  PRO A CD  1 
ATOM   465  N  N   . LYS A 1 50  ? -9.235  -16.273 -1.587  1.00 9.53  ? 586  LYS A N   1 
ATOM   466  C  CA  . LYS A 1 50  ? -9.349  -16.576 -3.006  1.00 10.47 ? 586  LYS A CA  1 
ATOM   467  C  C   . LYS A 1 50  ? -10.702 -16.123 -3.596  1.00 8.69  ? 586  LYS A C   1 
ATOM   468  O  O   . LYS A 1 50  ? -10.795 -15.652 -4.720  1.00 9.49  ? 586  LYS A O   1 
ATOM   469  C  CB  . LYS A 1 50  ? -9.170  -18.092 -3.205  1.00 13.28 ? 586  LYS A CB  1 
ATOM   470  C  CG  . LYS A 1 50  ? -9.153  -18.595 -4.616  1.00 19.33 ? 586  LYS A CG  1 
ATOM   471  C  CD  . LYS A 1 50  ? -9.378  -20.119 -4.597  1.00 25.71 ? 586  LYS A CD  1 
ATOM   472  C  CE  . LYS A 1 50  ? -8.962  -20.804 -5.877  1.00 29.10 ? 586  LYS A CE  1 
ATOM   473  N  NZ  . LYS A 1 50  ? -9.919  -20.621 -7.010  1.00 32.51 ? 586  LYS A NZ  1 
ATOM   474  N  N   . ALA A 1 51  ? -11.762 -16.234 -2.805  1.00 7.05  ? 587  ALA A N   1 
ATOM   475  C  CA  . ALA A 1 51  ? -13.086 -15.928 -3.293  1.00 7.13  ? 587  ALA A CA  1 
ATOM   476  C  C   . ALA A 1 51  ? -13.351 -14.441 -3.553  1.00 7.91  ? 587  ALA A C   1 
ATOM   477  O  O   . ALA A 1 51  ? -14.332 -14.061 -4.190  1.00 9.26  ? 587  ALA A O   1 
ATOM   478  C  CB  . ALA A 1 51  ? -14.121 -16.471 -2.314  1.00 8.42  ? 587  ALA A CB  1 
ATOM   479  N  N   . ILE A 1 52  ? -12.500 -13.583 -3.004  1.00 6.24  ? 588  ILE A N   1 
ATOM   480  C  CA  . ILE A 1 52  ? -12.710 -12.147 -3.123  1.00 6.90  ? 588  ILE A CA  1 
ATOM   481  C  C   . ILE A 1 52  ? -11.496 -11.360 -3.669  1.00 5.40  ? 588  ILE A C   1 
ATOM   482  O  O   . ILE A 1 52  ? -11.612 -10.166 -3.873  1.00 5.52  ? 588  ILE A O   1 
ATOM   483  C  CB  . ILE A 1 52  ? -13.152 -11.516 -1.792  1.00 6.84  ? 588  ILE A CB  1 
ATOM   484  C  CG1 . ILE A 1 52  ? -12.005 -11.531 -0.755  1.00 7.35  ? 588  ILE A CG1 1 
ATOM   485  C  CG2 . ILE A 1 52  ? -14.430 -12.241 -1.296  1.00 9.36  ? 588  ILE A CG2 1 
ATOM   486  C  CD1 . ILE A 1 52  ? -12.351 -11.137 0.717   1.00 8.64  ? 588  ILE A CD1 1 
ATOM   487  N  N   . ARG A 1 53  ? -10.366 -12.032 -3.888  1.00 6.19  ? 589  ARG A N   1 
ATOM   488  C  CA  . ARG A 1 53  ? -9.130  -11.421 -4.453  1.00 6.98  ? 589  ARG A CA  1 
ATOM   489  C  C   . ARG A 1 53  ? -9.415  -10.555 -5.651  1.00 5.83  ? 589  ARG A C   1 
ATOM   490  O  O   . ARG A 1 53  ? -8.890  -9.428  -5.797  1.00 5.18  ? 589  ARG A O   1 
ATOM   491  C  CB  . ARG A 1 53  ? -8.173  -12.526 -5.015  1.00 8.77  ? 589  ARG A CB  1 
ATOM   492  C  CG  . ARG A 1 53  ? -7.572  -13.258 -4.062  1.00 14.19 ? 589  ARG A CG  1 
ATOM   493  C  CD  . ARG A 1 53  ? -6.579  -14.211 -4.648  1.00 13.55 ? 589  ARG A CD  1 
ATOM   494  N  NE  . ARG A 1 53  ? -6.240  -14.980 -3.516  1.00 17.03 ? 589  ARG A NE  1 
ATOM   495  C  CZ  . ARG A 1 53  ? -5.730  -16.191 -3.518  1.00 15.40 ? 589  ARG A CZ  1 
ATOM   496  N  NH1 . ARG A 1 53  ? -5.481  -16.808 -4.668  1.00 20.26 ? 589  ARG A NH1 1 
ATOM   497  N  NH2 . ARG A 1 53  ? -5.507  -16.770 -2.364  1.00 15.72 ? 589  ARG A NH2 1 
ATOM   498  N  N   . GLY A 1 54  ? -10.143 -11.119 -6.614  1.00 4.62  ? 590  GLY A N   1 
ATOM   499  C  CA  . GLY A 1 54  ? -10.387 -10.419 -7.855  1.00 4.59  ? 590  GLY A CA  1 
ATOM   500  C  C   . GLY A 1 54  ? -11.257 -9.188  -7.679  1.00 3.93  ? 590  GLY A C   1 
ATOM   501  O  O   . GLY A 1 54  ? -10.991 -8.128  -8.242  1.00 4.72  ? 590  GLY A O   1 
ATOM   502  N  N   . GLN A 1 55  ? -12.295 -9.305  -6.853  1.00 4.26  ? 591  GLN A N   1 
ATOM   503  C  CA  . GLN A 1 55  ? -13.172 -8.183  -6.543  1.00 3.56  ? 591  GLN A CA  1 
ATOM   504  C  C   . GLN A 1 55  ? -12.394 -7.050  -5.874  1.00 3.63  ? 591  GLN A C   1 
ATOM   505  O  O   . GLN A 1 55  ? -12.580 -5.871  -6.210  1.00 3.30  ? 591  GLN A O   1 
ATOM   506  C  CB  . GLN A 1 55  ? -14.338 -8.626  -5.648  1.00 4.81  ? 591  GLN A CB  1 
ATOM   507  C  CG  . GLN A 1 55  ? -15.330 -9.572  -6.354  1.00 5.89  ? 591  GLN A CG  1 
ATOM   508  C  CD  . GLN A 1 55  ? -14.977 -11.048 -6.247  1.00 6.49  ? 591  GLN A CD  1 
ATOM   509  O  OE1 . GLN A 1 55  ? -13.819 -11.455 -6.158  1.00 5.85  ? 591  GLN A OE1 1 
ATOM   510  N  NE2 . GLN A 1 55  ? -16.012 -11.886 -6.277  1.00 9.99  ? 591  GLN A NE2 1 
ATOM   511  N  N   . TYR A 1 56  ? -11.511 -7.412  -4.933  1.00 3.63  ? 592  TYR A N   1 
ATOM   512  C  CA  . TYR A 1 56  ? -10.692 -6.396  -4.300  1.00 2.80  ? 592  TYR A CA  1 
ATOM   513  C  C   . TYR A 1 56  ? -9.828  -5.712  -5.330  1.00 3.94  ? 592  TYR A C   1 
ATOM   514  O  O   . TYR A 1 56  ? -9.639  -4.501  -5.287  1.00 4.46  ? 592  TYR A O   1 
ATOM   515  C  CB  . TYR A 1 56  ? -9.798  -7.031  -3.252  1.00 3.64  ? 592  TYR A CB  1 
ATOM   516  C  CG  . TYR A 1 56  ? -10.411 -7.390  -1.933  1.00 3.49  ? 592  TYR A CG  1 
ATOM   517  C  CD1 . TYR A 1 56  ? -11.728 -7.118  -1.614  1.00 4.47  ? 592  TYR A CD1 1 
ATOM   518  C  CD2 . TYR A 1 56  ? -9.616  -7.948  -0.953  1.00 3.40  ? 592  TYR A CD2 1 
ATOM   519  C  CE1 . TYR A 1 56  ? -12.215 -7.385  -0.303  1.00 4.17  ? 592  TYR A CE1 1 
ATOM   520  C  CE2 . TYR A 1 56  ? -10.070 -8.198  0.335   1.00 5.03  ? 592  TYR A CE2 1 
ATOM   521  C  CZ  . TYR A 1 56  ? -11.367 -7.950  0.630   1.00 4.63  ? 592  TYR A CZ  1 
ATOM   522  O  OH  . TYR A 1 56  ? -11.831 -8.159  1.914   1.00 7.16  ? 592  TYR A OH  1 
ATOM   523  N  N   . SER A 1 57  ? -9.257  -6.483  -6.243  1.00 4.47  ? 593  SER A N   1 
ATOM   524  C  CA  . SER A 1 57  ? -8.355  -5.891  -7.235  1.00 3.79  ? 593  SER A CA  1 
ATOM   525  C  C   . SER A 1 57  ? -9.106  -4.961  -8.154  1.00 3.38  ? 593  SER A C   1 
ATOM   526  O  O   . SER A 1 57  ? -8.595  -3.891  -8.517  1.00 3.69  ? 593  SER A O   1 
ATOM   527  C  CB  . SER A 1 57  ? -7.647  -6.987  -8.029  1.00 4.81  ? 593  SER A CB  1 
ATOM   528  O  OG  . SER A 1 57  ? -6.858  -6.416  -9.030  1.00 4.78  ? 593  SER A OG  1 
ATOM   529  N  N   . GLY A 1 58  ? -10.290 -5.370  -8.599  1.00 3.75  ? 594  GLY A N   1 
ATOM   530  C  CA  . GLY A 1 58  ? -11.094 -4.453  -9.421  1.00 3.19  ? 594  GLY A CA  1 
ATOM   531  C  C   . GLY A 1 58  ? -11.345 -3.156  -8.674  1.00 3.39  ? 594  GLY A C   1 
ATOM   532  O  O   . GLY A 1 58  ? -11.227 -2.038  -9.208  1.00 4.73  ? 594  GLY A O   1 
ATOM   533  N  N   . PHE A 1 59  ? -11.671 -3.256  -7.399  1.00 3.34  ? 595  PHE A N   1 
ATOM   534  C  CA  . PHE A 1 59  ? -11.921 -2.060  -6.610  1.00 3.77  ? 595  PHE A CA  1 
ATOM   535  C  C   . PHE A 1 59  ? -10.700 -1.143  -6.510  1.00 4.11  ? 595  PHE A C   1 
ATOM   536  O  O   . PHE A 1 59  ? -10.775 0.076   -6.735  1.00 3.57  ? 595  PHE A O   1 
ATOM   537  C  CB  . PHE A 1 59  ? -12.390 -2.463  -5.197  1.00 4.66  ? 595  PHE A CB  1 
ATOM   538  C  CG  . PHE A 1 59  ? -12.426 -1.305  -4.207  1.00 4.87  ? 595  PHE A CG  1 
ATOM   539  C  CD1 . PHE A 1 59  ? -13.479 -0.367  -4.241  1.00 4.75  ? 595  PHE A CD1 1 
ATOM   540  C  CD2 . PHE A 1 59  ? -11.451 -1.153  -3.234  1.00 5.04  ? 595  PHE A CD2 1 
ATOM   541  C  CE1 . PHE A 1 59  ? -13.508 0.676   -3.328  1.00 5.36  ? 595  PHE A CE1 1 
ATOM   542  C  CE2 . PHE A 1 59  ? -11.491 -0.094  -2.341  1.00 5.69  ? 595  PHE A CE2 1 
ATOM   543  C  CZ  . PHE A 1 59  ? -12.507 0.786   -2.397  1.00 4.76  ? 595  PHE A CZ  1 
ATOM   544  N  N   . VAL A 1 60  ? -9.550  -1.727  -6.213  1.00 2.81  ? 596  VAL A N   1 
ATOM   545  C  CA  . VAL A 1 60  ? -8.343  -0.928  -6.008  1.00 3.27  ? 596  VAL A CA  1 
ATOM   546  C  C   . VAL A 1 60  ? -7.832  -0.399  -7.341  1.00 2.20  ? 596  VAL A C   1 
ATOM   547  O  O   . VAL A 1 60  ? -7.440  0.759   -7.411  1.00 3.17  ? 596  VAL A O   1 
ATOM   548  C  CB  . VAL A 1 60  ? -7.233  -1.694  -5.281  1.00 2.28  ? 596  VAL A CB  1 
ATOM   549  C  CG1 . VAL A 1 60  ? -5.901  -0.919  -5.367  1.00 5.18  ? 596  VAL A CG1 1 
ATOM   550  C  CG2 . VAL A 1 60  ? -7.666  -1.937  -3.826  1.00 4.50  ? 596  VAL A CG2 1 
ATOM   551  N  N   . ARG A 1 61  ? -7.848  -1.207  -8.399  1.00 3.03  ? 597  ARG A N   1 
ATOM   552  C  CA  . ARG A 1 61  ? -7.339  -0.684  -9.687  1.00 3.19  ? 597  ARG A CA  1 
ATOM   553  C  C   . ARG A 1 61  ? -8.239  0.481   -10.162 1.00 3.68  ? 597  ARG A C   1 
ATOM   554  O  O   . ARG A 1 61  ? -7.765  1.503   -10.676 1.00 3.89  ? 597  ARG A O   1 
ATOM   555  C  CB  . ARG A 1 61  ? -7.277  -1.791  -10.726 1.00 3.12  ? 597  ARG A CB  1 
ATOM   556  C  CG  . ARG A 1 61  ? -6.218  -2.825  -10.433 1.00 3.84  ? 597  ARG A CG  1 
ATOM   557  C  CD  . ARG A 1 61  ? -5.980  -3.736  -11.638 1.00 4.09  ? 597  ARG A CD  1 
ATOM   558  N  NE  . ARG A 1 61  ? -5.116  -4.860  -11.334 1.00 3.97  ? 597  ARG A NE  1 
ATOM   559  C  CZ  . ARG A 1 61  ? -4.520  -5.615  -12.236 1.00 3.92  ? 597  ARG A CZ  1 
ATOM   560  N  NH1 . ARG A 1 61  ? -4.694  -5.334  -13.522 1.00 5.75  ? 597  ARG A NH1 1 
ATOM   561  N  NH2 . ARG A 1 61  ? -3.761  -6.634  -11.878 1.00 4.37  ? 597  ARG A NH2 1 
ATOM   562  N  N   . THR A 1 62  ? -9.547  0.345   -9.962  1.00 2.84  ? 598  THR A N   1 
ATOM   563  C  CA  . THR A 1 62  ? -10.479 1.393   -10.357 1.00 4.07  ? 598  THR A CA  1 
ATOM   564  C  C   . THR A 1 62  ? -10.257 2.646   -9.521  1.00 4.43  ? 598  THR A C   1 
ATOM   565  O  O   . THR A 1 62  ? -10.236 3.770   -10.052 1.00 5.11  ? 598  THR A O   1 
ATOM   566  C  CB  . THR A 1 62  ? -11.914 0.903   -10.261 1.00 5.31  ? 598  THR A CB  1 
ATOM   567  O  OG1 . THR A 1 62  ? -12.081 -0.163  -11.189 1.00 8.15  ? 598  THR A OG1 1 
ATOM   568  C  CG2 . THR A 1 62  ? -12.881 2.054   -10.565 1.00 7.29  ? 598  THR A CG2 1 
ATOM   569  N  N   . LEU A 1 63  ? -10.108 2.466   -8.216  1.00 3.44  ? 599  LEU A N   1 
ATOM   570  C  CA  A LEU A 1 63  ? -9.843  3.577   -7.314  0.80 4.82  ? 599  LEU A CA  1 
ATOM   571  C  CA  B LEU A 1 63  ? -9.840  3.584   -7.309  0.20 4.14  ? 599  LEU A CA  1 
ATOM   572  C  C   . LEU A 1 63  ? -8.547  4.287   -7.702  1.00 4.37  ? 599  LEU A C   1 
ATOM   573  O  O   . LEU A 1 63  ? -8.467  5.526   -7.762  1.00 5.28  ? 599  LEU A O   1 
ATOM   574  C  CB  A LEU A 1 63  ? -9.749  3.090   -5.862  0.80 5.63  ? 599  LEU A CB  1 
ATOM   575  C  CB  B LEU A 1 63  ? -9.746  3.107   -5.853  0.20 4.02  ? 599  LEU A CB  1 
ATOM   576  C  CG  A LEU A 1 63  ? -9.449  4.135   -4.809  0.80 8.49  ? 599  LEU A CG  1 
ATOM   577  C  CG  B LEU A 1 63  ? -9.518  4.199   -4.803  0.20 4.15  ? 599  LEU A CG  1 
ATOM   578  C  CD1 A LEU A 1 63  ? -10.468 5.276   -4.875  0.80 12.35 ? 599  LEU A CD1 1 
ATOM   579  C  CD1 B LEU A 1 63  ? -10.056 3.776   -3.445  0.20 3.21  ? 599  LEU A CD1 1 
ATOM   580  C  CD2 A LEU A 1 63  ? -9.448  3.507   -3.455  0.80 9.34  ? 599  LEU A CD2 1 
ATOM   581  C  CD2 B LEU A 1 63  ? -8.045  4.598   -4.694  0.20 2.00  ? 599  LEU A CD2 1 
ATOM   582  N  N   . PHE A 1 64  ? -7.497  3.522   -7.934  1.00 4.61  ? 600  PHE A N   1 
ATOM   583  C  CA  . PHE A 1 64  ? -6.247  4.110   -8.434  1.00 4.13  ? 600  PHE A CA  1 
ATOM   584  C  C   . PHE A 1 64  ? -6.428  4.887   -9.730  1.00 3.92  ? 600  PHE A C   1 
ATOM   585  O  O   . PHE A 1 64  ? -5.821  5.919   -9.940  1.00 4.71  ? 600  PHE A O   1 
ATOM   586  C  CB  . PHE A 1 64  ? -5.204  3.014   -8.648  1.00 4.35  ? 600  PHE A CB  1 
ATOM   587  C  CG  . PHE A 1 64  ? -4.517  2.514   -7.399  1.00 3.51  ? 600  PHE A CG  1 
ATOM   588  C  CD1 . PHE A 1 64  ? -4.538  3.215   -6.182  1.00 4.27  ? 600  PHE A CD1 1 
ATOM   589  C  CD2 . PHE A 1 64  ? -3.743  1.360   -7.461  1.00 3.29  ? 600  PHE A CD2 1 
ATOM   590  C  CE1 . PHE A 1 64  ? -3.800  2.778   -5.076  1.00 4.09  ? 600  PHE A CE1 1 
ATOM   591  C  CE2 . PHE A 1 64  ? -3.004  0.912   -6.360  1.00 3.94  ? 600  PHE A CE2 1 
ATOM   592  C  CZ  . PHE A 1 64  ? -3.022  1.603   -5.180  1.00 3.98  ? 600  PHE A CZ  1 
ATOM   593  N  N   . GLN A 1 65  ? -7.231  4.365   -10.653 1.00 3.89  ? 601  GLN A N   1 
ATOM   594  C  CA  A GLN A 1 65  ? -7.403  5.040   -11.930 0.30 3.67  ? 601  GLN A CA  1 
ATOM   595  C  CA  B GLN A 1 65  ? -7.401  5.032   -11.942 0.30 3.79  ? 601  GLN A CA  1 
ATOM   596  C  C   . GLN A 1 65  ? -8.076  6.379   -11.673 1.00 6.07  ? 601  GLN A C   1 
ATOM   597  O  O   . GLN A 1 65  ? -7.676  7.389   -12.207 1.00 6.82  ? 601  GLN A O   1 
ATOM   598  C  CB  A GLN A 1 65  ? -8.219  4.184   -12.896 0.30 3.92  ? 601  GLN A CB  1 
ATOM   599  C  CB  B GLN A 1 65  ? -8.201  4.158   -12.934 0.30 4.02  ? 601  GLN A CB  1 
ATOM   600  C  CG  A GLN A 1 65  ? -8.841  4.966   -14.068 0.30 2.51  ? 601  GLN A CG  1 
ATOM   601  C  CG  B GLN A 1 65  ? -8.200  4.670   -14.410 0.30 3.02  ? 601  GLN A CG  1 
ATOM   602  C  CD  A GLN A 1 65  ? -10.271 5.444   -13.792 0.30 4.43  ? 601  GLN A CD  1 
ATOM   603  C  CD  B GLN A 1 65  ? -8.836  3.694   -15.441 0.30 4.07  ? 601  GLN A CD  1 
ATOM   604  O  OE1 A GLN A 1 65  ? -10.604 6.632   -13.943 0.30 5.03  ? 601  GLN A OE1 1 
ATOM   605  O  OE1 B GLN A 1 65  ? -9.430  2.682   -15.075 0.30 9.00  ? 601  GLN A OE1 1 
ATOM   606  N  NE2 A GLN A 1 65  ? -11.117 4.524   -13.374 0.30 4.47  ? 601  GLN A NE2 1 
ATOM   607  N  NE2 B GLN A 1 65  ? -8.701  4.011   -16.739 0.30 5.38  ? 601  GLN A NE2 1 
ATOM   608  N  N   . GLN A 1 66  ? -9.097  6.368   -10.843 1.00 8.02  ? 602  GLN A N   1 
ATOM   609  C  CA  . GLN A 1 66  ? -9.858  7.574   -10.569 1.00 11.32 ? 602  GLN A CA  1 
ATOM   610  C  C   . GLN A 1 66  ? -8.948  8.561   -9.824  1.00 11.12 ? 602  GLN A C   1 
ATOM   611  O  O   . GLN A 1 66  ? -8.874  9.740   -10.217 1.00 14.77 ? 602  GLN A O   1 
ATOM   612  C  CB  . GLN A 1 66  ? -11.218 7.196   -9.892  1.00 11.55 ? 602  GLN A CB  1 
ATOM   613  C  CG  . GLN A 1 66  ? -12.125 6.339   -10.821 1.00 15.04 ? 602  GLN A CG  1 
ATOM   614  C  CD  . GLN A 1 66  ? -13.386 5.710   -10.144 1.00 15.82 ? 602  GLN A CD  1 
ATOM   615  O  OE1 . GLN A 1 66  ? -13.585 5.818   -8.936  1.00 23.09 ? 602  GLN A OE1 1 
ATOM   616  N  NE2 . GLN A 1 66  ? -14.213 5.032   -10.949 1.00 20.80 ? 602  GLN A NE2 1 
HETATM 617  N  N   A MSE A 1 67  ? -8.275  8.080   -8.762  0.50 10.27 ? 603  MSE A N   1 
HETATM 618  N  N   B MSE A 1 67  ? -8.178  8.158   -8.842  0.50 10.86 ? 603  MSE A N   1 
HETATM 619  C  CA  A MSE A 1 67  ? -7.244  8.827   -7.989  0.50 10.33 ? 603  MSE A CA  1 
HETATM 620  C  CA  B MSE A 1 67  ? -7.388  9.156   -8.122  0.50 11.36 ? 603  MSE A CA  1 
HETATM 621  C  C   A MSE A 1 67  ? -6.288  9.522   -8.955  0.50 8.70  ? 603  MSE A C   1 
HETATM 622  C  C   B MSE A 1 67  ? -6.035  9.522   -8.804  0.50 9.65  ? 603  MSE A C   1 
HETATM 623  O  O   A MSE A 1 67  ? -6.279  10.764  -9.020  0.50 5.72  ? 603  MSE A O   1 
HETATM 624  O  O   B MSE A 1 67  ? -5.430  10.571  -8.522  0.50 8.34  ? 603  MSE A O   1 
HETATM 625  C  CB  A MSE A 1 67  ? -6.448  7.941   -6.990  0.50 10.59 ? 603  MSE A CB  1 
HETATM 626  C  CB  B MSE A 1 67  ? -7.258  8.724   -6.685  0.50 12.47 ? 603  MSE A CB  1 
HETATM 627  C  CG  A MSE A 1 67  ? -7.118  7.780   -5.605  0.50 11.54 ? 603  MSE A CG  1 
HETATM 628  C  CG  B MSE A 1 67  ? -8.611  8.427   -6.030  0.50 14.13 ? 603  MSE A CG  1 
HETATM 629  SE SE  A MSE A 1 67  ? -6.292  6.457   -4.417  0.50 14.25 ? 603  MSE A SE  1 
HETATM 630  SE SE  B MSE A 1 67  ? -9.803  9.970   -5.747  0.50 19.83 ? 603  MSE A SE  1 
HETATM 631  C  CE  A MSE A 1 67  ? -4.575  7.350   -4.003  0.50 7.40  ? 603  MSE A CE  1 
HETATM 632  C  CE  B MSE A 1 67  ? -11.050 9.678   -7.223  0.50 15.82 ? 603  MSE A CE  1 
ATOM   633  N  N   . ARG A 1 68  ? -5.572  8.709   -9.746  1.00 7.70  ? 604  ARG A N   1 
ATOM   634  C  CA  . ARG A 1 68  ? -4.485  9.178   -10.624 1.00 5.97  ? 604  ARG A CA  1 
ATOM   635  C  C   . ARG A 1 68  ? -4.993  10.230  -11.582 1.00 5.36  ? 604  ARG A C   1 
ATOM   636  O  O   . ARG A 1 68  ? -4.344  11.246  -11.810 1.00 6.08  ? 604  ARG A O   1 
ATOM   637  C  CB  . ARG A 1 68  ? -3.864  8.009   -11.374 1.00 5.73  ? 604  ARG A CB  1 
ATOM   638  C  CG  . ARG A 1 68  ? -2.661  8.330   -12.181 1.00 5.36  ? 604  ARG A CG  1 
ATOM   639  C  CD  . ARG A 1 68  ? -2.211  7.161   -13.029 1.00 7.00  ? 604  ARG A CD  1 
ATOM   640  N  NE  . ARG A 1 68  ? -1.857  5.986   -12.256 1.00 5.55  ? 604  ARG A NE  1 
ATOM   641  C  CZ  . ARG A 1 68  ? -2.627  4.928   -12.067 1.00 6.08  ? 604  ARG A CZ  1 
ATOM   642  N  NH1 . ARG A 1 68  ? -3.836  4.882   -12.622 1.00 8.41  ? 604  ARG A NH1 1 
ATOM   643  N  NH2 . ARG A 1 68  ? -2.208  3.916   -11.296 1.00 6.28  ? 604  ARG A NH2 1 
ATOM   644  N  N   . ASP A 1 69  ? -6.201  10.006  -12.097 1.00 5.07  ? 605  ASP A N   1 
ATOM   645  C  CA  . ASP A 1 69  ? -6.792  10.885  -13.103 1.00 7.05  ? 605  ASP A CA  1 
ATOM   646  C  C   . ASP A 1 69  ? -7.022  12.272  -12.521 1.00 8.11  ? 605  ASP A C   1 
ATOM   647  O  O   . ASP A 1 69  ? -6.859  13.271  -13.241 1.00 7.77  ? 605  ASP A O   1 
ATOM   648  C  CB  . ASP A 1 69  ? -8.143  10.358  -13.595 1.00 7.15  ? 605  ASP A CB  1 
ATOM   649  C  CG  . ASP A 1 69  ? -8.085  9.224   -14.604 1.00 10.80 ? 605  ASP A CG  1 
ATOM   650  O  OD1 . ASP A 1 69  ? -7.013  8.813   -15.067 1.00 11.89 ? 605  ASP A OD1 1 
ATOM   651  O  OD2 . ASP A 1 69  ? -9.192  8.762   -14.963 1.00 12.69 ? 605  ASP A OD2 1 
ATOM   652  N  N   . VAL A 1 70  ? -7.382  12.366  -11.248 1.00 7.93  ? 606  VAL A N   1 
ATOM   653  C  CA  A VAL A 1 70  ? -7.732  13.689  -10.724 0.80 9.78  ? 606  VAL A CA  1 
ATOM   654  C  CA  B VAL A 1 70  ? -7.783  13.627  -10.597 0.20 8.81  ? 606  VAL A CA  1 
ATOM   655  C  C   . VAL A 1 70  ? -6.672  14.254  -9.770  1.00 9.54  ? 606  VAL A C   1 
ATOM   656  O  O   . VAL A 1 70  ? -6.548  15.486  -9.658  1.00 11.55 ? 606  VAL A O   1 
ATOM   657  C  CB  A VAL A 1 70  ? -9.175  13.692  -10.123 0.80 10.35 ? 606  VAL A CB  1 
ATOM   658  C  CB  B VAL A 1 70  ? -8.962  13.378  -9.616  0.20 8.49  ? 606  VAL A CB  1 
ATOM   659  C  CG1 A VAL A 1 70  ? -10.232 13.285  -11.183 0.80 10.52 ? 606  VAL A CG1 1 
ATOM   660  C  CG1 B VAL A 1 70  ? -9.157  14.571  -8.669  0.20 7.64  ? 606  VAL A CG1 1 
ATOM   661  C  CG2 A VAL A 1 70  ? -9.233  12.819  -8.934  0.80 11.43 ? 606  VAL A CG2 1 
ATOM   662  C  CG2 B VAL A 1 70  ? -10.233 13.090  -10.383 0.20 8.24  ? 606  VAL A CG2 1 
ATOM   663  N  N   . LEU A 1 71  ? -5.870  13.395  -9.131  1.00 9.32  ? 607  LEU A N   1 
ATOM   664  C  CA  . LEU A 1 71  ? -4.879  13.798  -8.148  1.00 10.58 ? 607  LEU A CA  1 
ATOM   665  C  C   . LEU A 1 71  ? -3.411  13.485  -8.461  1.00 11.22 ? 607  LEU A C   1 
ATOM   666  O  O   . LEU A 1 71  ? -2.539  14.006  -7.800  1.00 14.05 ? 607  LEU A O   1 
ATOM   667  C  CB  . LEU A 1 71  ? -5.201  13.166  -6.800  1.00 11.49 ? 607  LEU A CB  1 
ATOM   668  C  CG  . LEU A 1 71  ? -6.579  13.427  -6.205  1.00 12.22 ? 607  LEU A CG  1 
ATOM   669  C  CD1 . LEU A 1 71  ? -6.755  12.643  -4.896  1.00 15.53 ? 607  LEU A CD1 1 
ATOM   670  C  CD2 . LEU A 1 71  ? -6.682  14.925  -5.997  1.00 14.71 ? 607  LEU A CD2 1 
ATOM   671  N  N   A GLY A 1 72  ? -3.113  12.541  -9.339  0.50 10.85 ? 608  GLY A N   1 
ATOM   672  N  N   B GLY A 1 72  ? -3.159  12.746  -9.537  0.50 9.77  ? 608  GLY A N   1 
ATOM   673  C  CA  A GLY A 1 72  ? -1.729  12.036  -9.434  0.50 10.26 ? 608  GLY A CA  1 
ATOM   674  C  CA  B GLY A 1 72  ? -1.805  12.268  -9.823  0.50 8.92  ? 608  GLY A CA  1 
ATOM   675  C  C   A GLY A 1 72  ? -1.206  11.299  -8.195  0.50 10.61 ? 608  GLY A C   1 
ATOM   676  C  C   B GLY A 1 72  ? -1.355  11.382  -8.675  0.50 8.48  ? 608  GLY A C   1 
ATOM   677  O  O   A GLY A 1 72  ? -1.973  10.629  -7.477  0.50 9.28  ? 608  GLY A O   1 
ATOM   678  O  O   B GLY A 1 72  ? -2.182  10.639  -8.107  0.50 8.30  ? 608  GLY A O   1 
ATOM   679  N  N   A THR A 1 73  ? 0.103   11.399  -7.941  0.50 10.28 ? 609  THR A N   1 
ATOM   680  N  N   B THR A 1 73  ? -0.068  11.423  -8.309  0.50 8.27  ? 609  THR A N   1 
ATOM   681  C  CA  A THR A 1 73  ? 0.778   10.605  -6.880  0.50 10.31 ? 609  THR A CA  1 
ATOM   682  C  CA  B THR A 1 73  ? 0.396   10.733  -7.076  0.50 8.78  ? 609  THR A CA  1 
ATOM   683  C  C   A THR A 1 73  ? 0.760   11.211  -5.478  0.50 10.88 ? 609  THR A C   1 
ATOM   684  C  C   B THR A 1 73  ? -0.126  11.383  -5.788  0.50 8.72  ? 609  THR A C   1 
ATOM   685  O  O   A THR A 1 73  ? 1.539   10.819  -4.622  0.50 11.06 ? 609  THR A O   1 
ATOM   686  O  O   B THR A 1 73  ? 0.503   12.281  -5.201  0.50 9.57  ? 609  THR A O   1 
ATOM   687  C  CB  A THR A 1 73  ? 2.263   10.305  -7.241  0.50 10.62 ? 609  THR A CB  1 
ATOM   688  C  CB  B THR A 1 73  ? 1.934   10.604  -6.956  0.50 8.68  ? 609  THR A CB  1 
ATOM   689  O  OG1 A THR A 1 73  ? 3.036   11.518  -7.220  0.50 10.61 ? 609  THR A OG1 1 
ATOM   690  O  OG1 B THR A 1 73  ? 2.545   11.876  -7.210  0.50 8.80  ? 609  THR A OG1 1 
ATOM   691  C  CG2 A THR A 1 73  ? 2.343   9.675   -8.614  0.50 9.10  ? 609  THR A CG2 1 
ATOM   692  C  CG2 B THR A 1 73  ? 2.491   9.503   -7.909  0.50 8.06  ? 609  THR A CG2 1 
ATOM   693  N  N   A PHE A 1 74  ? -0.154  12.128  -5.209  0.50 10.71 ? 610  PHE A N   1 
ATOM   694  N  N   B PHE A 1 74  ? -1.260  10.903  -5.317  0.50 8.59  ? 610  PHE A N   1 
ATOM   695  C  CA  A PHE A 1 74  ? -0.116  12.843  -3.950  0.50 10.09 ? 610  PHE A CA  1 
ATOM   696  C  CA  B PHE A 1 74  ? -1.806  11.394  -4.056  0.50 8.79  ? 610  PHE A CA  1 
ATOM   697  C  C   A PHE A 1 74  ? -0.111  11.943  -2.722  0.50 10.27 ? 610  PHE A C   1 
ATOM   698  C  C   B PHE A 1 74  ? -1.076  10.676  -2.924  0.50 9.00  ? 610  PHE A C   1 
ATOM   699  O  O   A PHE A 1 74  ? 0.611   12.209  -1.780  0.50 11.20 ? 610  PHE A O   1 
ATOM   700  O  O   B PHE A 1 74  ? -0.044  10.056  -3.174  0.50 8.90  ? 610  PHE A O   1 
ATOM   701  C  CB  A PHE A 1 74  ? -1.296  13.810  -3.865  0.50 10.27 ? 610  PHE A CB  1 
ATOM   702  C  CB  B PHE A 1 74  ? -3.324  11.169  -4.010  0.50 9.45  ? 610  PHE A CB  1 
ATOM   703  N  N   A ASP A 1 75  ? -0.923  10.900  -2.729  0.50 9.92  ? 611  ASP A N   1 
ATOM   704  N  N   B ASP A 1 75  ? -1.627  10.729  -1.706  0.50 8.28  ? 611  ASP A N   1 
ATOM   705  C  CA  A ASP A 1 75  ? -1.216  10.158  -1.496  0.50 9.37  ? 611  ASP A CA  1 
ATOM   706  C  CA  B ASP A 1 75  ? -0.963  10.255  -0.496  0.50 8.22  ? 611  ASP A CA  1 
ATOM   707  C  C   A ASP A 1 75  ? -0.338  8.888   -1.278  0.50 8.69  ? 611  ASP A C   1 
ATOM   708  C  C   B ASP A 1 75  ? -0.122  9.001   -0.736  0.50 7.45  ? 611  ASP A C   1 
ATOM   709  O  O   A ASP A 1 75  ? -0.826  7.766   -1.357  0.50 8.91  ? 611  ASP A O   1 
ATOM   710  O  O   B ASP A 1 75  ? -0.676  7.943   -1.048  0.50 7.40  ? 611  ASP A O   1 
ATOM   711  C  CB  A ASP A 1 75  ? -2.720  9.821   -1.433  0.50 10.06 ? 611  ASP A CB  1 
ATOM   712  C  CB  B ASP A 1 75  ? -2.013  9.956   0.575   0.50 8.38  ? 611  ASP A CB  1 
ATOM   713  C  CG  A ASP A 1 75  ? -3.630  11.050  -1.641  0.50 12.56 ? 611  ASP A CG  1 
ATOM   714  C  CG  B ASP A 1 75  ? -1.419  9.804   1.946   0.50 9.83  ? 611  ASP A CG  1 
ATOM   715  O  OD1 A ASP A 1 75  ? -4.049  11.661  -0.640  0.50 15.08 ? 611  ASP A OD1 1 
ATOM   716  O  OD1 B ASP A 1 75  ? -0.173  9.946   2.092   0.50 9.46  ? 611  ASP A OD1 1 
ATOM   717  O  OD2 A ASP A 1 75  ? -3.928  11.416  -2.808  0.50 15.63 ? 611  ASP A OD2 1 
ATOM   718  O  OD2 B ASP A 1 75  ? -2.218  9.588   2.887   0.50 15.33 ? 611  ASP A OD2 1 
ATOM   719  N  N   A THR A 1 76  ? 0.943   9.081   -0.953  0.50 8.00  ? 612  THR A N   1 
ATOM   720  N  N   B THR A 1 76  ? 1.199   9.111   -0.538  0.50 6.55  ? 612  THR A N   1 
ATOM   721  C  CA  A THR A 1 76  ? 1.927   8.004   -0.753  0.50 6.96  ? 612  THR A CA  1 
ATOM   722  C  CA  B THR A 1 76  ? 2.090   7.977   -0.655  0.50 6.19  ? 612  THR A CA  1 
ATOM   723  C  C   . THR A 1 76  ? 1.485   6.858   0.173   1.00 6.23  ? 612  THR A C   1 
ATOM   724  O  O   . THR A 1 76  ? 1.511   5.687   -0.214  1.00 6.17  ? 612  THR A O   1 
ATOM   725  C  CB  A THR A 1 76  ? 3.219   8.589   -0.201  0.50 7.44  ? 612  THR A CB  1 
ATOM   726  C  CB  B THR A 1 76  ? 3.521   8.287   -0.115  0.50 5.39  ? 612  THR A CB  1 
ATOM   727  O  OG1 A THR A 1 76  ? 3.569   9.719   -1.011  0.50 6.47  ? 612  THR A OG1 1 
ATOM   728  O  OG1 B THR A 1 76  ? 4.175   9.204   -1.008  0.50 7.47  ? 612  THR A OG1 1 
ATOM   729  C  CG2 A THR A 1 76  ? 4.332   7.557   -0.194  0.50 7.22  ? 612  THR A CG2 1 
ATOM   730  C  CG2 B THR A 1 76  ? 4.363   7.019   0.052   0.50 7.31  ? 612  THR A CG2 1 
ATOM   731  N  N   . THR A 1 77  ? 1.003   7.199   1.372   1.00 6.97  ? 613  THR A N   1 
ATOM   732  C  CA  . THR A 1 77  ? 0.593   6.173   2.301   1.00 7.18  ? 613  THR A CA  1 
ATOM   733  C  C   . THR A 1 77  ? -0.547  5.312   1.719   1.00 6.07  ? 613  THR A C   1 
ATOM   734  O  O   . THR A 1 77  ? -0.526  4.108   1.886   1.00 5.87  ? 613  THR A O   1 
ATOM   735  C  CB  . THR A 1 77  ? 0.125   6.781   3.653   1.00 8.14  ? 613  THR A CB  1 
ATOM   736  O  OG1 . THR A 1 77  ? 1.156   7.655   4.148   1.00 11.39 ? 613  THR A OG1 1 
ATOM   737  C  CG2 . THR A 1 77  ? -0.141  5.667   4.654   1.00 10.23 ? 613  THR A CG2 1 
ATOM   738  N  N   A GLN A 1 78  ? -1.485  5.940   1.020   0.70 5.67  ? 614  GLN A N   1 
ATOM   739  N  N   B GLN A 1 78  ? -1.515  5.935   1.049   0.30 5.67  ? 614  GLN A N   1 
ATOM   740  C  CA  A GLN A 1 78  ? -2.622  5.232   0.482   0.70 6.27  ? 614  GLN A CA  1 
ATOM   741  C  CA  B GLN A 1 78  ? -2.629  5.194   0.468   0.30 5.70  ? 614  GLN A CA  1 
ATOM   742  C  C   A GLN A 1 78  ? -2.253  4.411   -0.728  0.70 4.91  ? 614  GLN A C   1 
ATOM   743  C  C   B GLN A 1 78  ? -2.163  4.338   -0.688  0.30 4.92  ? 614  GLN A C   1 
ATOM   744  O  O   A GLN A 1 78  ? -2.813  3.334   -0.930  0.70 4.68  ? 614  GLN A O   1 
ATOM   745  O  O   B GLN A 1 78  ? -2.545  3.167   -0.806  0.30 4.53  ? 614  GLN A O   1 
ATOM   746  C  CB  A GLN A 1 78  ? -3.771  6.174   0.175   0.70 6.75  ? 614  GLN A CB  1 
ATOM   747  C  CB  B GLN A 1 78  ? -3.734  6.121   -0.016  0.30 5.85  ? 614  GLN A CB  1 
ATOM   748  C  CG  A GLN A 1 78  ? -4.377  6.771   1.436   0.70 7.89  ? 614  GLN A CG  1 
ATOM   749  C  CG  B GLN A 1 78  ? -5.009  5.393   -0.436  0.30 6.17  ? 614  GLN A CG  1 
ATOM   750  C  CD  A GLN A 1 78  ? -5.147  5.741   2.250   0.70 6.93  ? 614  GLN A CD  1 
ATOM   751  C  CD  B GLN A 1 78  ? -5.831  4.911   0.738   0.30 6.36  ? 614  GLN A CD  1 
ATOM   752  O  OE1 A GLN A 1 78  ? -4.570  5.036   3.108   0.70 9.02  ? 614  GLN A OE1 1 
ATOM   753  O  OE1 B GLN A 1 78  ? -5.344  4.820   1.853   0.30 10.04 ? 614  GLN A OE1 1 
ATOM   754  N  NE2 A GLN A 1 78  ? -6.459  5.646   1.999   0.70 9.68  ? 614  GLN A NE2 1 
ATOM   755  N  NE2 B GLN A 1 78  ? -7.085  4.584   0.480   0.30 7.82  ? 614  GLN A NE2 1 
ATOM   756  N  N   . ILE A 1 79  ? -1.339  4.901   -1.560  1.00 4.99  ? 615  ILE A N   1 
ATOM   757  C  CA  . ILE A 1 79  ? -0.878  4.114   -2.702  1.00 4.39  ? 615  ILE A CA  1 
ATOM   758  C  C   . ILE A 1 79  ? -0.147  2.851   -2.174  1.00 4.36  ? 615  ILE A C   1 
ATOM   759  O  O   . ILE A 1 79  ? -0.410  1.724   -2.624  1.00 4.48  ? 615  ILE A O   1 
ATOM   760  C  CB  . ILE A 1 79  ? 0.015   4.932   -3.626  1.00 5.35  ? 615  ILE A CB  1 
ATOM   761  C  CG1 . ILE A 1 79  ? -0.833  6.055   -4.229  1.00 6.09  ? 615  ILE A CG1 1 
ATOM   762  C  CG2 . ILE A 1 79  ? 0.645   4.042   -4.698  1.00 5.56  ? 615  ILE A CG2 1 
ATOM   763  C  CD1 . ILE A 1 79  ? -0.044  7.099   -4.981  1.00 8.19  ? 615  ILE A CD1 1 
ATOM   764  N  N   . ILE A 1 80  ? 0.749   3.033   -1.195  1.00 3.68  ? 616  ILE A N   1 
ATOM   765  C  CA  . ILE A 1 80  ? 1.463   1.908   -0.631  1.00 4.19  ? 616  ILE A CA  1 
ATOM   766  C  C   . ILE A 1 80  ? 0.479   0.896   -0.007  1.00 3.50  ? 616  ILE A C   1 
ATOM   767  O  O   . ILE A 1 80  ? 0.554   -0.289  -0.270  1.00 3.74  ? 616  ILE A O   1 
ATOM   768  C  CB  . ILE A 1 80  ? 2.540   2.381   0.356   1.00 5.05  ? 616  ILE A CB  1 
ATOM   769  C  CG1 . ILE A 1 80  ? 3.637   3.125   -0.422  1.00 5.56  ? 616  ILE A CG1 1 
ATOM   770  C  CG2 . ILE A 1 80  ? 3.126   1.204   1.204   1.00 5.05  ? 616  ILE A CG2 1 
ATOM   771  C  CD1 . ILE A 1 80  ? 4.785   3.702   0.470   1.00 5.51  ? 616  ILE A CD1 1 
ATOM   772  N  N   . LYS A 1 81  ? -0.458  1.392   0.788   1.00 3.78  ? 617  LYS A N   1 
ATOM   773  C  CA  . LYS A 1 81  ? -1.389  0.544   1.495   1.00 3.31  ? 617  LYS A CA  1 
ATOM   774  C  C   . LYS A 1 81  ? -2.131  -0.381  0.543   1.00 3.01  ? 617  LYS A C   1 
ATOM   775  O  O   . LYS A 1 81  ? -2.267  -1.584  0.797   1.00 3.62  ? 617  LYS A O   1 
ATOM   776  C  CB  . LYS A 1 81  ? -2.425  1.386   2.219   1.00 3.32  ? 617  LYS A CB  1 
ATOM   777  C  CG  . LYS A 1 81  ? -3.458  0.583   2.996   1.00 4.95  ? 617  LYS A CG  1 
ATOM   778  C  CD  . LYS A 1 81  ? -4.677  1.423   3.379   1.00 4.78  ? 617  LYS A CD  1 
ATOM   779  C  CE  . LYS A 1 81  ? -4.332  2.315   4.532   1.00 8.50  ? 617  LYS A CE  1 
ATOM   780  N  NZ  . LYS A 1 81  ? -5.501  3.269   4.852   1.00 6.61  ? 617  LYS A NZ  1 
ATOM   781  N  N   . LEU A 1 82  ? -2.687  0.210   -0.516  1.00 3.22  ? 618  LEU A N   1 
ATOM   782  C  CA  . LEU A 1 82  ? -3.635  -0.516  -1.342  1.00 2.52  ? 618  LEU A CA  1 
ATOM   783  C  C   . LEU A 1 82  ? -2.939  -1.297  -2.449  1.00 3.29  ? 618  LEU A C   1 
ATOM   784  O  O   . LEU A 1 82  ? -3.511  -2.221  -3.010  1.00 3.57  ? 618  LEU A O   1 
ATOM   785  C  CB  . LEU A 1 82  ? -4.670  0.427   -1.923  1.00 4.06  ? 618  LEU A CB  1 
ATOM   786  C  CG  . LEU A 1 82  ? -5.499  1.189   -0.897  1.00 3.77  ? 618  LEU A CG  1 
ATOM   787  C  CD1 . LEU A 1 82  ? -6.367  2.240   -1.692  1.00 8.06  ? 618  LEU A CD1 1 
ATOM   788  C  CD2 . LEU A 1 82  ? -6.401  0.261   -0.048  1.00 5.89  ? 618  LEU A CD2 1 
ATOM   789  N  N   . LEU A 1 83  ? -1.708  -0.902  -2.791  1.00 3.04  ? 619  LEU A N   1 
ATOM   790  C  CA  . LEU A 1 83  ? -1.066  -1.491  -3.981  1.00 4.37  ? 619  LEU A CA  1 
ATOM   791  C  C   . LEU A 1 83  ? -1.098  -3.031  -4.078  1.00 4.87  ? 619  LEU A C   1 
ATOM   792  O  O   . LEU A 1 83  ? -1.432  -3.583  -5.105  1.00 4.18  ? 619  LEU A O   1 
ATOM   793  C  CB  . LEU A 1 83  ? 0.364   -0.950  -4.134  1.00 4.07  ? 619  LEU A CB  1 
ATOM   794  C  CG  . LEU A 1 83  ? 1.245   -1.496  -5.260  1.00 5.08  ? 619  LEU A CG  1 
ATOM   795  C  CD1 . LEU A 1 83  ? 0.613   -1.244  -6.616  1.00 5.83  ? 619  LEU A CD1 1 
ATOM   796  C  CD2 . LEU A 1 83  ? 2.611   -0.807  -5.169  1.00 4.97  ? 619  LEU A CD2 1 
ATOM   797  N  N   . PRO A 1 84  ? -0.726  -3.767  -3.027  1.00 4.16  ? 620  PRO A N   1 
ATOM   798  C  CA  . PRO A 1 84  ? -0.682  -5.220  -3.183  1.00 4.16  ? 620  PRO A CA  1 
ATOM   799  C  C   . PRO A 1 84  ? -2.041  -5.833  -3.505  1.00 4.32  ? 620  PRO A C   1 
ATOM   800  O  O   . PRO A 1 84  ? -2.086  -6.920  -4.058  1.00 4.98  ? 620  PRO A O   1 
ATOM   801  C  CB  . PRO A 1 84  ? -0.099  -5.717  -1.849  1.00 5.56  ? 620  PRO A CB  1 
ATOM   802  C  CG  . PRO A 1 84  ? 0.422   -4.539  -1.178  1.00 8.50  ? 620  PRO A CG  1 
ATOM   803  C  CD  . PRO A 1 84  ? -0.251  -3.336  -1.698  1.00 5.58  ? 620  PRO A CD  1 
ATOM   804  N  N   . PHE A 1 85  ? -3.122  -5.178  -3.088  1.00 3.72  ? 621  PHE A N   1 
ATOM   805  C  CA  . PHE A 1 85  ? -4.457  -5.678  -3.423  1.00 3.86  ? 621  PHE A CA  1 
ATOM   806  C  C   . PHE A 1 85  ? -4.803  -5.511  -4.888  1.00 4.86  ? 621  PHE A C   1 
ATOM   807  O  O   . PHE A 1 85  ? -5.778  -6.085  -5.328  1.00 5.14  ? 621  PHE A O   1 
ATOM   808  C  CB  . PHE A 1 85  ? -5.509  -4.989  -2.596  1.00 4.67  ? 621  PHE A CB  1 
ATOM   809  C  CG  . PHE A 1 85  ? -5.455  -5.331  -1.114  1.00 3.57  ? 621  PHE A CG  1 
ATOM   810  C  CD1 . PHE A 1 85  ? -6.065  -6.518  -0.628  1.00 4.03  ? 621  PHE A CD1 1 
ATOM   811  C  CD2 . PHE A 1 85  ? -4.832  -4.462  -0.189  1.00 3.51  ? 621  PHE A CD2 1 
ATOM   812  C  CE1 . PHE A 1 85  ? -6.056  -6.819  0.734   1.00 4.99  ? 621  PHE A CE1 1 
ATOM   813  C  CE2 . PHE A 1 85  ? -4.836  -4.761  1.191   1.00 5.51  ? 621  PHE A CE2 1 
ATOM   814  C  CZ  . PHE A 1 85  ? -5.443  -5.955  1.651   1.00 5.79  ? 621  PHE A CZ  1 
ATOM   815  N  N   . ALA A 1 86  ? -4.025  -4.748  -5.632  1.00 3.55  ? 622  ALA A N   1 
ATOM   816  C  CA  . ALA A 1 86  ? -4.243  -4.638  -7.073  1.00 4.11  ? 622  ALA A CA  1 
ATOM   817  C  C   . ALA A 1 86  ? -3.644  -5.783  -7.854  1.00 4.99  ? 622  ALA A C   1 
ATOM   818  O  O   . ALA A 1 86  ? -3.825  -5.841  -9.086  1.00 6.11  ? 622  ALA A O   1 
ATOM   819  C  CB  . ALA A 1 86  ? -3.658  -3.308  -7.607  1.00 4.85  ? 622  ALA A CB  1 
ATOM   820  N  N   . ALA A 1 87  ? -2.925  -6.689  -7.203  1.00 4.20  ? 623  ALA A N   1 
ATOM   821  C  CA  . ALA A 1 87  ? -2.137  -7.697  -7.889  1.00 5.58  ? 623  ALA A CA  1 
ATOM   822  C  C   . ALA A 1 87  ? -2.956  -8.763  -8.527  1.00 7.16  ? 623  ALA A C   1 
ATOM   823  O  O   . ALA A 1 87  ? -2.611  -9.222  -9.609  1.00 9.18  ? 623  ALA A O   1 
ATOM   824  C  CB  . ALA A 1 87  ? -1.066  -8.286  -6.935  1.00 6.14  ? 623  ALA A CB  1 
ATOM   825  N  N   . ALA A 1 88  ? -4.081  -9.130  -7.939  1.00 6.66  ? 624  ALA A N   1 
ATOM   826  C  CA  . ALA A 1 88  ? -4.876  -10.223 -8.503  1.00 7.63  ? 624  ALA A CA  1 
ATOM   827  C  C   . ALA A 1 88  ? -5.505  -9.818  -9.842  1.00 7.43  ? 624  ALA A C   1 
ATOM   828  O  O   . ALA A 1 88  ? -5.796  -8.650  -10.067 1.00 8.13  ? 624  ALA A O   1 
ATOM   829  C  CB  . ALA A 1 88  ? -5.954  -10.641 -7.544  1.00 8.70  ? 624  ALA A CB  1 
ATOM   830  N  N   . PRO A 1 89  ? -5.772  -10.787 -10.730 1.00 8.65  ? 625  PRO A N   1 
ATOM   831  C  CA  . PRO A 1 89  ? -6.544  -10.424 -11.920 1.00 8.79  ? 625  PRO A CA  1 
ATOM   832  C  C   . PRO A 1 89  ? -7.874  -9.785  -11.496 1.00 8.92  ? 625  PRO A C   1 
ATOM   833  O  O   . PRO A 1 89  ? -8.590  -10.353 -10.658 1.00 8.92  ? 625  PRO A O   1 
ATOM   834  C  CB  . PRO A 1 89  ? -6.773  -11.773 -12.629 1.00 10.31 ? 625  PRO A CB  1 
ATOM   835  C  CG  . PRO A 1 89  ? -5.705  -12.631 -12.117 1.00 10.34 ? 625  PRO A CG  1 
ATOM   836  C  CD  . PRO A 1 89  ? -5.393  -12.201 -10.703 1.00 9.92  ? 625  PRO A CD  1 
ATOM   837  N  N   . PRO A 1 90  ? -8.152  -8.592  -11.998 1.00 8.06  ? 626  PRO A N   1 
ATOM   838  C  CA  . PRO A 1 90  ? -9.307  -7.841  -11.492 1.00 8.73  ? 626  PRO A CA  1 
ATOM   839  C  C   . PRO A 1 90  ? -10.631 -8.399  -11.934 1.00 9.40  ? 626  PRO A C   1 
ATOM   840  O  O   . PRO A 1 90  ? -10.780 -8.869  -13.065 1.00 9.89  ? 626  PRO A O   1 
ATOM   841  C  CB  . PRO A 1 90  ? -9.077  -6.417  -12.017 1.00 8.94  ? 626  PRO A CB  1 
ATOM   842  C  CG  . PRO A 1 90  ? -8.253  -6.576  -13.237 1.00 9.06  ? 626  PRO A CG  1 
ATOM   843  C  CD  . PRO A 1 90  ? -7.363  -7.784  -12.962 1.00 9.01  ? 626  PRO A CD  1 
ATOM   844  N  N   . LYS A 1 91  ? -11.607 -8.314  -11.051 1.00 8.56  ? 627  LYS A N   1 
ATOM   845  C  CA  . LYS A 1 91  ? -12.987 -8.637  -11.347 1.00 10.65 ? 627  LYS A CA  1 
ATOM   846  C  C   . LYS A 1 91  ? -13.779 -7.398  -10.989 1.00 11.47 ? 627  LYS A C   1 
ATOM   847  O  O   . LYS A 1 91  ? -13.824 -6.962  -9.831  1.00 13.98 ? 627  LYS A O   1 
ATOM   848  C  CB  . LYS A 1 91  ? -13.455 -9.846  -10.546 1.00 10.79 ? 627  LYS A CB  1 
ATOM   849  C  CG  . LYS A 1 91  ? -12.753 -11.140 -10.826 1.00 14.30 ? 627  LYS A CG  1 
ATOM   850  C  CD  . LYS A 1 91  ? -13.442 -12.257 -10.038 1.00 18.58 ? 627  LYS A CD  1 
ATOM   851  C  CE  . LYS A 1 91  ? -12.814 -13.605 -10.275 1.00 23.45 ? 627  LYS A CE  1 
ATOM   852  N  NZ  . LYS A 1 91  ? -13.391 -14.656 -9.396  1.00 26.72 ? 627  LYS A NZ  1 
ATOM   853  N  N   . GLN A 1 92  ? -14.355 -6.729  -11.962 1.00 11.76 ? 628  GLN A N   1 
ATOM   854  C  CA  . GLN A 1 92  ? -15.016 -5.480  -11.682 1.00 11.76 ? 628  GLN A CA  1 
ATOM   855  C  C   . GLN A 1 92  ? -16.383 -5.720  -11.078 1.00 10.82 ? 628  GLN A C   1 
ATOM   856  O  O   . GLN A 1 92  ? -17.082 -6.648  -11.464 1.00 11.77 ? 628  GLN A O   1 
ATOM   857  C  CB  . GLN A 1 92  ? -15.144 -4.612  -12.939 1.00 13.55 ? 628  GLN A CB  1 
ATOM   858  C  CG  . GLN A 1 92  ? -13.836 -4.314  -13.682 1.00 17.63 ? 628  GLN A CG  1 
ATOM   859  C  CD  . GLN A 1 92  ? -12.720 -3.677  -12.833 1.00 21.65 ? 628  GLN A CD  1 
ATOM   860  O  OE1 . GLN A 1 92  ? -11.527 -3.896  -13.096 1.00 25.91 ? 628  GLN A OE1 1 
ATOM   861  N  NE2 . GLN A 1 92  ? -13.095 -2.878  -11.844 1.00 20.02 ? 628  GLN A NE2 1 
ATOM   862  N  N   . SER A 1 93  ? -16.737 -4.864  -10.130 1.00 9.89  ? 629  SER A N   1 
ATOM   863  C  CA  . SER A 1 93  ? -18.039 -4.883  -9.488  1.00 8.75  ? 629  SER A CA  1 
ATOM   864  C  C   . SER A 1 93  ? -18.380 -3.475  -9.035  1.00 9.05  ? 629  SER A C   1 
ATOM   865  O  O   . SER A 1 93  ? -17.544 -2.580  -8.995  1.00 9.75  ? 629  SER A O   1 
ATOM   866  C  CB  . SER A 1 93  ? -18.086 -5.823  -8.284  1.00 8.72  ? 629  SER A CB  1 
ATOM   867  O  OG  . SER A 1 93  ? -17.547 -5.210  -7.130  1.00 8.40  ? 629  SER A OG  1 
ATOM   868  N  N   . ARG A 1 94  ? -19.617 -3.282  -8.638  1.00 8.71  ? 630  ARG A N   1 
ATOM   869  C  CA  . ARG A 1 94  ? -20.041 -2.021  -8.057  1.00 9.50  ? 630  ARG A CA  1 
ATOM   870  C  C   . ARG A 1 94  ? -19.943 -1.979  -6.533  1.00 9.94  ? 630  ARG A C   1 
ATOM   871  O  O   . ARG A 1 94  ? -20.507 -1.080  -5.905  1.00 12.59 ? 630  ARG A O   1 
ATOM   872  C  CB  . ARG A 1 94  ? -21.476 -1.737  -8.465  1.00 10.24 ? 630  ARG A CB  1 
ATOM   873  C  CG  . ARG A 1 94  ? -21.658 -1.509  -9.958  1.00 12.56 ? 630  ARG A CG  1 
ATOM   874  C  CD  . ARG A 1 94  ? -23.097 -1.145  -10.314 1.00 14.41 ? 630  ARG A CD  1 
ATOM   875  N  NE  . ARG A 1 94  ? -23.275 -1.134  -11.752 1.00 20.85 ? 630  ARG A NE  1 
ATOM   876  C  CZ  . ARG A 1 94  ? -23.596 -2.186  -12.492 1.00 22.57 ? 630  ARG A CZ  1 
ATOM   877  N  NH1 . ARG A 1 94  ? -23.837 -3.387  -11.948 1.00 22.15 ? 630  ARG A NH1 1 
ATOM   878  N  NH2 . ARG A 1 94  ? -23.714 -2.021  -13.804 1.00 25.13 ? 630  ARG A NH2 1 
HETATM 879  N  N   . MSE A 1 95  ? -19.261 -2.949  -5.931  1.00 7.88  ? 631  MSE A N   1 
HETATM 880  C  CA  . MSE A 1 95  ? -19.092 -2.943  -4.473  1.00 8.40  ? 631  MSE A CA  1 
HETATM 881  C  C   . MSE A 1 95  ? -18.004 -2.005  -3.986  1.00 8.22  ? 631  MSE A C   1 
HETATM 882  O  O   . MSE A 1 95  ? -16.908 -1.988  -4.544  1.00 8.82  ? 631  MSE A O   1 
HETATM 883  C  CB  . MSE A 1 95  ? -18.855 -4.351  -3.945  1.00 7.26  ? 631  MSE A CB  1 
HETATM 884  C  CG  . MSE A 1 95  ? -20.065 -5.237  -4.208  1.00 7.01  ? 631  MSE A CG  1 
HETATM 885  SE SE  . MSE A 1 95  ? -19.830 -7.062  -3.525  1.00 12.67 ? 631  MSE A SE  1 
HETATM 886  C  CE  . MSE A 1 95  ? -18.627 -7.693  -4.933  1.00 8.80  ? 631  MSE A CE  1 
ATOM   887  N  N   . GLN A 1 96  ? -18.352 -1.195  -2.997  1.00 8.47  ? 632  GLN A N   1 
ATOM   888  C  CA  . GLN A 1 96  ? -17.423 -0.224  -2.388  1.00 9.31  ? 632  GLN A CA  1 
ATOM   889  C  C   . GLN A 1 96  ? -16.981 -0.733  -1.035  1.00 8.66  ? 632  GLN A C   1 
ATOM   890  O  O   . GLN A 1 96  ? -17.705 -0.642  -0.038  1.00 10.80 ? 632  GLN A O   1 
ATOM   891  C  CB  . GLN A 1 96  ? -18.109 1.130   -2.200  1.00 10.05 ? 632  GLN A CB  1 
ATOM   892  C  CG  . GLN A 1 96  ? -18.600 1.790   -3.463  1.00 13.24 ? 632  GLN A CG  1 
ATOM   893  C  CD  . GLN A 1 96  ? -17.502 2.039   -4.449  1.00 18.26 ? 632  GLN A CD  1 
ATOM   894  O  OE1 . GLN A 1 96  ? -17.639 1.699   -5.628  1.00 25.06 ? 632  GLN A OE1 1 
ATOM   895  N  NE2 . GLN A 1 96  ? -16.393 2.647   -3.982  1.00 15.76 ? 632  GLN A NE2 1 
ATOM   896  N  N   . PHE A 1 97  ? -15.758 -1.204  -0.976  1.00 7.61  ? 633  PHE A N   1 
ATOM   897  C  CA  . PHE A 1 97  ? -15.217 -1.773  0.247   1.00 5.55  ? 633  PHE A CA  1 
ATOM   898  C  C   . PHE A 1 97  ? -14.664 -0.732  1.179   1.00 5.98  ? 633  PHE A C   1 
ATOM   899  O  O   . PHE A 1 97  ? -13.907 0.127   0.731   1.00 7.24  ? 633  PHE A O   1 
ATOM   900  C  CB  . PHE A 1 97  ? -14.091 -2.732  -0.116  1.00 5.77  ? 633  PHE A CB  1 
ATOM   901  C  CG  . PHE A 1 97  ? -14.529 -3.829  -1.047  1.00 4.95  ? 633  PHE A CG  1 
ATOM   902  C  CD1 . PHE A 1 97  ? -15.326 -4.853  -0.623  1.00 6.13  ? 633  PHE A CD1 1 
ATOM   903  C  CD2 . PHE A 1 97  ? -14.155 -3.803  -2.358  1.00 7.12  ? 633  PHE A CD2 1 
ATOM   904  C  CE1 . PHE A 1 97  ? -15.751 -5.826  -1.534  1.00 5.96  ? 633  PHE A CE1 1 
ATOM   905  C  CE2 . PHE A 1 97  ? -14.560 -4.801  -3.269  1.00 6.84  ? 633  PHE A CE2 1 
ATOM   906  C  CZ  . PHE A 1 97  ? -15.357 -5.794  -2.836  1.00 5.55  ? 633  PHE A CZ  1 
ATOM   907  N  N   . SER A 1 98  ? -14.990 -0.838  2.474   1.00 6.27  ? 634  SER A N   1 
ATOM   908  C  CA  A SER A 1 98  ? -14.443 0.062   3.491   0.70 6.80  ? 634  SER A CA  1 
ATOM   909  C  CA  B SER A 1 98  ? -14.431 0.076   3.472   0.30 6.25  ? 634  SER A CA  1 
ATOM   910  C  C   . SER A 1 98  ? -13.183 -0.517  4.122   1.00 6.46  ? 634  SER A C   1 
ATOM   911  O  O   . SER A 1 98  ? -12.401 0.213   4.755   1.00 5.51  ? 634  SER A O   1 
ATOM   912  C  CB  A SER A 1 98  ? -15.503 0.320   4.578   0.70 7.91  ? 634  SER A CB  1 
ATOM   913  C  CB  B SER A 1 98  ? -15.464 0.351   4.551   0.30 6.84  ? 634  SER A CB  1 
ATOM   914  O  OG  A SER A 1 98  ? -16.567 1.074   4.028   0.70 12.02 ? 634  SER A OG  1 
ATOM   915  O  OG  B SER A 1 98  ? -15.791 -0.865  5.169   0.30 7.50  ? 634  SER A OG  1 
ATOM   916  N  N   . SER A 1 99  ? -12.999 -1.827  3.946   1.00 5.26  ? 635  SER A N   1 
ATOM   917  C  CA  . SER A 1 99  ? -11.839 -2.555  4.454   1.00 5.58  ? 635  SER A CA  1 
ATOM   918  C  C   . SER A 1 99  ? -11.550 -3.720  3.524   1.00 5.84  ? 635  SER A C   1 
ATOM   919  O  O   . SER A 1 99  ? -12.435 -4.197  2.792   1.00 5.41  ? 635  SER A O   1 
ATOM   920  C  CB  . SER A 1 99  ? -12.051 -3.063  5.871   1.00 7.24  ? 635  SER A CB  1 
ATOM   921  O  OG  . SER A 1 99  ? -13.023 -4.064  5.922   1.00 7.82  ? 635  SER A OG  1 
ATOM   922  N  N   . LEU A 1 100 ? -10.317 -4.201  3.614   1.00 5.23  ? 636  LEU A N   1 
ATOM   923  C  CA  . LEU A 1 100 ? -9.817  -5.293  2.804   1.00 6.35  ? 636  LEU A CA  1 
ATOM   924  C  C   . LEU A 1 100 ? -9.108  -6.301  3.707   1.00 7.49  ? 636  LEU A C   1 
ATOM   925  O  O   . LEU A 1 100 ? -8.219  -5.935  4.464   1.00 7.61  ? 636  LEU A O   1 
ATOM   926  C  CB  . LEU A 1 100 ? -8.858  -4.743  1.744   1.00 6.60  ? 636  LEU A CB  1 
ATOM   927  C  CG  . LEU A 1 100 ? -9.357  -3.649  0.799   1.00 6.00  ? 636  LEU A CG  1 
ATOM   928  C  CD1 . LEU A 1 100 ? -8.245  -3.016  -0.066  1.00 7.79  ? 636  LEU A CD1 1 
ATOM   929  C  CD2 . LEU A 1 100 ? -10.514 -4.119  -0.073  1.00 7.76  ? 636  LEU A CD2 1 
ATOM   930  N  N   . THR A 1 101 ? -9.496  -7.564  3.657   1.00 6.37  ? 637  THR A N   1 
ATOM   931  C  CA  A THR A 1 101 ? -9.020  -8.555  4.570   0.60 6.28  ? 637  THR A CA  1 
ATOM   932  C  CA  B THR A 1 101 ? -8.988  -8.561  4.595   0.40 6.68  ? 637  THR A CA  1 
ATOM   933  C  C   . THR A 1 101 ? -7.824  -9.335  4.015   1.00 6.62  ? 637  THR A C   1 
ATOM   934  O  O   . THR A 1 101 ? -7.769  -9.617  2.803   1.00 6.62  ? 637  THR A O   1 
ATOM   935  C  CB  A THR A 1 101 ? -10.206 -9.475  4.910   0.60 6.93  ? 637  THR A CB  1 
ATOM   936  C  CB  B THR A 1 101 ? -10.057 -9.609  5.076   0.40 7.06  ? 637  THR A CB  1 
ATOM   937  O  OG1 A THR A 1 101 ? -11.093 -8.739  5.762   0.60 7.87  ? 637  THR A OG1 1 
ATOM   938  O  OG1 B THR A 1 101 ? -9.550  -10.331 6.215   0.40 9.18  ? 637  THR A OG1 1 
ATOM   939  C  CG2 A THR A 1 101 ? -9.759  -10.790 5.553   0.60 7.81  ? 637  THR A CG2 1 
ATOM   940  C  CG2 B THR A 1 101 ? -10.389 -10.619 3.973   0.40 8.02  ? 637  THR A CG2 1 
ATOM   941  N  N   . VAL A 1 102 ? -6.909  -9.695  4.920   1.00 6.84  ? 638  VAL A N   1 
ATOM   942  C  CA  . VAL A 1 102 ? -5.851  -10.639 4.665   1.00 8.23  ? 638  VAL A CA  1 
ATOM   943  C  C   . VAL A 1 102 ? -5.884  -11.731 5.748   1.00 9.62  ? 638  VAL A C   1 
ATOM   944  O  O   . VAL A 1 102 ? -6.260  -11.457 6.904   1.00 10.85 ? 638  VAL A O   1 
ATOM   945  C  CB  . VAL A 1 102 ? -4.456  -9.954  4.640   1.00 8.11  ? 638  VAL A CB  1 
ATOM   946  C  CG1 . VAL A 1 102 ? -4.255  -9.168  3.352   1.00 7.95  ? 638  VAL A CG1 1 
ATOM   947  C  CG2 . VAL A 1 102 ? -4.245  -9.061  5.826   1.00 8.69  ? 638  VAL A CG2 1 
ATOM   948  N  N   . ASN A 1 103 ? -5.488  -12.949 5.321   1.00 11.22 ? 639  ASN A N   1 
ATOM   949  C  CA  . ASN A 1 103 ? -5.361  -14.119 6.174   1.00 13.75 ? 639  ASN A CA  1 
ATOM   950  C  C   . ASN A 1 103 ? -4.050  -14.204 6.896   1.00 15.11 ? 639  ASN A C   1 
ATOM   951  O  O   . ASN A 1 103 ? -3.086  -14.776 6.415   1.00 14.81 ? 639  ASN A O   1 
ATOM   952  C  CB  . ASN A 1 103 ? -5.576  -15.361 5.323   1.00 13.04 ? 639  ASN A CB  1 
ATOM   953  C  CG  . ASN A 1 103 ? -7.002  -15.518 4.956   1.00 14.41 ? 639  ASN A CG  1 
ATOM   954  O  OD1 . ASN A 1 103 ? -7.875  -15.194 5.741   1.00 17.97 ? 639  ASN A OD1 1 
ATOM   955  N  ND2 . ASN A 1 103 ? -7.260  -16.074 3.781   1.00 14.22 ? 639  ASN A ND2 1 
ATOM   956  N  N   . VAL A 1 104 ? -4.072  -13.651 8.103   1.00 18.16 ? 640  VAL A N   1 
ATOM   957  C  CA  . VAL A 1 104 ? -2.946  -13.665 9.022   1.00 20.72 ? 640  VAL A CA  1 
ATOM   958  C  C   . VAL A 1 104 ? -3.490  -14.004 10.410  1.00 22.12 ? 640  VAL A C   1 
ATOM   959  O  O   . VAL A 1 104 ? -4.698  -13.982 10.642  1.00 25.41 ? 640  VAL A O   1 
ATOM   960  C  CB  . VAL A 1 104 ? -2.174  -12.314 8.990   1.00 20.89 ? 640  VAL A CB  1 
ATOM   961  C  CG1 . VAL A 1 104 ? -1.508  -12.119 7.644   1.00 21.14 ? 640  VAL A CG1 1 
ATOM   962  C  CG2 . VAL A 1 104 ? -3.099  -11.129 9.271   1.00 19.90 ? 640  VAL A CG2 1 
ATOM   963  N  N   . ARG A 1 105 ? -2.608  -14.359 11.337  1.00 24.15 ? 641  ARG A N   1 
ATOM   964  C  C   . SER A 1 107 ? -8.318  -14.154 9.944   1.00 24.13 ? 643  SER A C   1 
ATOM   965  O  O   . SER A 1 107 ? -7.203  -13.812 9.556   1.00 25.98 ? 643  SER A O   1 
ATOM   966  N  N   . GLY A 1 108 ? -9.433  -13.652 9.420   1.00 24.69 ? 644  GLY A N   1 
ATOM   967  C  CA  . GLY A 1 108 ? -9.379  -12.472 8.551   1.00 23.49 ? 644  GLY A CA  1 
ATOM   968  C  C   . GLY A 1 108 ? -9.045  -11.261 9.401   1.00 22.41 ? 644  GLY A C   1 
ATOM   969  O  O   . GLY A 1 108 ? -9.751  -10.986 10.385  1.00 23.74 ? 644  GLY A O   1 
HETATM 970  N  N   . MSE A 1 109 ? -7.955  -10.560 9.074   1.00 19.67 ? 645  MSE A N   1 
HETATM 971  C  CA  . MSE A 1 109 ? -7.703  -9.250  9.685   1.00 18.37 ? 645  MSE A CA  1 
HETATM 972  C  C   . MSE A 1 109 ? -7.892  -8.191  8.638   1.00 13.24 ? 645  MSE A C   1 
HETATM 973  O  O   . MSE A 1 109 ? -7.545  -8.389  7.496   1.00 13.59 ? 645  MSE A O   1 
HETATM 974  C  CB  . MSE A 1 109 ? -6.304  -9.165  10.254  1.00 17.42 ? 645  MSE A CB  1 
HETATM 975  C  CG  . MSE A 1 109 ? -6.127  -10.085 11.435  1.00 20.57 ? 645  MSE A CG  1 
HETATM 976  SE SE  . MSE A 1 109 ? -4.498  -9.773  12.407  1.00 30.37 ? 645  MSE A SE  1 
HETATM 977  C  CE  . MSE A 1 109 ? -4.964  -8.094  13.284  1.00 24.72 ? 645  MSE A CE  1 
ATOM   978  N  N   . ARG A 1 110 ? -8.351  -7.029  9.070   1.00 11.00 ? 646  ARG A N   1 
ATOM   979  C  CA  A ARG A 1 110 ? -8.798  -5.971  8.167   0.60 9.65  ? 646  ARG A CA  1 
ATOM   980  C  CA  B ARG A 1 110 ? -8.794  -5.980  8.168   0.40 10.37 ? 646  ARG A CA  1 
ATOM   981  C  C   . ARG A 1 110 ? -7.796  -4.811  8.052   1.00 9.23  ? 646  ARG A C   1 
ATOM   982  O  O   . ARG A 1 110 ? -7.284  -4.273  9.055   1.00 10.40 ? 646  ARG A O   1 
ATOM   983  C  CB  A ARG A 1 110 ? -10.144 -5.418  8.642   0.60 8.94  ? 646  ARG A CB  1 
ATOM   984  C  CB  B ARG A 1 110 ? -10.159 -5.480  8.643   0.40 9.99  ? 646  ARG A CB  1 
ATOM   985  C  CG  A ARG A 1 110 ? -11.296 -6.462  8.576   0.60 10.24 ? 646  ARG A CG  1 
ATOM   986  C  CG  B ARG A 1 110 ? -11.245 -6.596  8.600   0.40 11.42 ? 646  ARG A CG  1 
ATOM   987  C  CD  A ARG A 1 110 ? -12.604 -5.964  9.207   0.60 9.78  ? 646  ARG A CD  1 
ATOM   988  C  CD  B ARG A 1 110 ? -12.426 -6.410  9.575   0.40 12.12 ? 646  ARG A CD  1 
ATOM   989  N  NE  A ARG A 1 110 ? -12.345 -5.503  10.572  0.60 9.25  ? 646  ARG A NE  1 
ATOM   990  N  NE  B ARG A 1 110 ? -13.150 -5.153  9.370   0.40 14.08 ? 646  ARG A NE  1 
ATOM   991  C  CZ  A ARG A 1 110 ? -12.668 -4.316  11.085  0.60 9.05  ? 646  ARG A CZ  1 
ATOM   992  C  CZ  B ARG A 1 110 ? -12.857 -4.003  9.985   0.40 15.31 ? 646  ARG A CZ  1 
ATOM   993  N  NH1 A ARG A 1 110 ? -13.347 -3.413  10.406  0.60 10.61 ? 646  ARG A NH1 1 
ATOM   994  N  NH1 B ARG A 1 110 ? -11.869 -3.927  10.868  0.40 18.03 ? 646  ARG A NH1 1 
ATOM   995  N  NH2 A ARG A 1 110 ? -12.306 -4.038  12.333  0.60 8.72  ? 646  ARG A NH2 1 
ATOM   996  N  NH2 B ARG A 1 110 ? -13.567 -2.910  9.722   0.40 16.28 ? 646  ARG A NH2 1 
ATOM   997  N  N   . ILE A 1 111 ? -7.531  -4.419  6.817   1.00 7.37  ? 647  ILE A N   1 
ATOM   998  C  CA  . ILE A 1 111 ? -6.853  -3.182  6.506   1.00 6.23  ? 647  ILE A CA  1 
ATOM   999  C  C   . ILE A 1 111 ? -7.991  -2.194  6.134   1.00 6.21  ? 647  ILE A C   1 
ATOM   1000 O  O   . ILE A 1 111 ? -8.713  -2.378  5.157   1.00 6.03  ? 647  ILE A O   1 
ATOM   1001 C  CB  . ILE A 1 111 ? -5.831  -3.355  5.375   1.00 6.15  ? 647  ILE A CB  1 
ATOM   1002 C  CG1 . ILE A 1 111 ? -4.683  -4.233  5.892   1.00 7.74  ? 647  ILE A CG1 1 
ATOM   1003 C  CG2 . ILE A 1 111 ? -5.310  -1.950  4.908   1.00 7.10  ? 647  ILE A CG2 1 
ATOM   1004 C  CD1 . ILE A 1 111 ? -3.674  -4.603  4.819   1.00 8.95  ? 647  ILE A CD1 1 
ATOM   1005 N  N   . LEU A 1 112 ? -8.179  -1.154  6.928   1.00 5.97  ? 648  LEU A N   1 
ATOM   1006 C  CA  . LEU A 1 112 ? -9.179  -0.164  6.599   1.00 6.44  ? 648  LEU A CA  1 
ATOM   1007 C  C   . LEU A 1 112 ? -8.714  0.635   5.386   1.00 6.22  ? 648  LEU A C   1 
ATOM   1008 O  O   . LEU A 1 112 ? -7.535  1.051   5.307   1.00 6.26  ? 648  LEU A O   1 
ATOM   1009 C  CB  . LEU A 1 112 ? -9.414  0.796   7.750   1.00 7.33  ? 648  LEU A CB  1 
ATOM   1010 C  CG  . LEU A 1 112 ? -10.390 0.310   8.801   1.00 10.55 ? 648  LEU A CG  1 
ATOM   1011 C  CD1 . LEU A 1 112 ? -10.289 1.368   9.860   1.00 16.68 ? 648  LEU A CD1 1 
ATOM   1012 C  CD2 . LEU A 1 112 ? -11.802 0.157   8.229   1.00 14.58 ? 648  LEU A CD2 1 
ATOM   1013 N  N   . VAL A 1 113 ? -9.617  0.920   4.450   1.00 5.67  ? 649  VAL A N   1 
ATOM   1014 C  CA  . VAL A 1 113 ? -9.276  1.677   3.252   1.00 5.86  ? 649  VAL A CA  1 
ATOM   1015 C  C   . VAL A 1 113 ? -8.800  3.097   3.638   1.00 6.34  ? 649  VAL A C   1 
ATOM   1016 O  O   . VAL A 1 113 ? -7.757  3.525   3.142   1.00 7.58  ? 649  VAL A O   1 
ATOM   1017 C  CB  . VAL A 1 113 ? -10.414 1.669   2.208   1.00 6.28  ? 649  VAL A CB  1 
ATOM   1018 C  CG1 . VAL A 1 113 ? -10.145 2.659   1.120   1.00 6.52  ? 649  VAL A CG1 1 
ATOM   1019 C  CG2 . VAL A 1 113 ? -10.609 0.246   1.659   1.00 6.10  ? 649  VAL A CG2 1 
ATOM   1020 N  N   . ARG A 1 114 ? -9.549  3.790   4.497   1.00 6.17  ? 650  ARG A N   1 
ATOM   1021 C  CA  . ARG A 1 114 ? -9.132  5.101   4.981   1.00 6.22  ? 650  ARG A CA  1 
ATOM   1022 C  C   . ARG A 1 114 ? -8.597  4.951   6.403   1.00 8.26  ? 650  ARG A C   1 
ATOM   1023 O  O   . ARG A 1 114 ? -9.289  4.440   7.289   1.00 7.84  ? 650  ARG A O   1 
ATOM   1024 C  CB  . ARG A 1 114 ? -10.292 6.094   5.005   1.00 7.56  ? 650  ARG A CB  1 
ATOM   1025 C  CG  . ARG A 1 114 ? -9.808  7.520   5.215   1.00 6.35  ? 650  ARG A CG  1 
ATOM   1026 C  CD  . ARG A 1 114 ? -10.937 8.525   5.311   1.00 7.06  ? 650  ARG A CD  1 
ATOM   1027 N  NE  . ARG A 1 114 ? -11.673 8.355   6.571   1.00 6.02  ? 650  ARG A NE  1 
ATOM   1028 C  CZ  . ARG A 1 114 ? -12.817 7.717   6.721   1.00 4.18  ? 650  ARG A CZ  1 
ATOM   1029 N  NH1 . ARG A 1 114 ? -13.451 7.187   5.675   1.00 6.71  ? 650  ARG A NH1 1 
ATOM   1030 N  NH2 . ARG A 1 114 ? -13.381 7.621   7.923   1.00 8.24  ? 650  ARG A NH2 1 
ATOM   1031 N  N   . GLY A 1 115 ? -7.379  5.435   6.595   1.00 9.96  ? 651  GLY A N   1 
ATOM   1032 C  CA  . GLY A 1 115 ? -6.831  5.492   7.940   1.00 9.91  ? 651  GLY A CA  1 
ATOM   1033 C  C   . GLY A 1 115 ? -6.224  4.193   8.427   1.00 9.45  ? 651  GLY A C   1 
ATOM   1034 O  O   . GLY A 1 115 ? -6.122  3.219   7.666   1.00 8.82  ? 651  GLY A O   1 
ATOM   1035 N  N   . ASN A 1 116 ? -5.842  4.162   9.714   1.00 8.60  ? 652  ASN A N   1 
ATOM   1036 C  CA  . ASN A 1 116 ? -5.074  3.059   10.264  1.00 8.56  ? 652  ASN A CA  1 
ATOM   1037 C  C   . ASN A 1 116 ? -5.901  1.922   10.812  1.00 9.39  ? 652  ASN A C   1 
ATOM   1038 O  O   . ASN A 1 116 ? -7.117  2.059   11.024  1.00 10.89 ? 652  ASN A O   1 
ATOM   1039 C  CB  . ASN A 1 116 ? -4.158  3.634   11.340  1.00 7.02  ? 652  ASN A CB  1 
ATOM   1040 C  CG  . ASN A 1 116 ? -3.013  4.470   10.775  1.00 7.27  ? 652  ASN A CG  1 
ATOM   1041 O  OD1 . ASN A 1 116 ? -2.560  4.279   9.650   1.00 7.77  ? 652  ASN A OD1 1 
ATOM   1042 N  ND2 . ASN A 1 116 ? -2.471  5.348   11.628  1.00 10.17 ? 652  ASN A ND2 1 
ATOM   1043 N  N   . SER A 1 117 ? -5.239  0.815   11.074  1.00 10.47 ? 653  SER A N   1 
ATOM   1044 C  CA  . SER A 1 117 ? -5.860  -0.379  11.606  1.00 11.24 ? 653  SER A CA  1 
ATOM   1045 C  C   . SER A 1 117 ? -4.780  -1.174  12.338  1.00 12.79 ? 653  SER A C   1 
ATOM   1046 O  O   . SER A 1 117 ? -3.577  -0.892  12.185  1.00 11.54 ? 653  SER A O   1 
ATOM   1047 C  CB  . SER A 1 117 ? -6.484  -1.203  10.465  1.00 11.57 ? 653  SER A CB  1 
ATOM   1048 O  OG  . SER A 1 117 ? -5.493  -1.762  9.632   1.00 13.29 ? 653  SER A OG  1 
ATOM   1049 N  N   . PRO A 1 118 ? -5.188  -2.180  13.127  1.00 13.47 ? 654  PRO A N   1 
ATOM   1050 C  CA  . PRO A 1 118 ? -4.189  -3.088  13.711  1.00 14.72 ? 654  PRO A CA  1 
ATOM   1051 C  C   . PRO A 1 118 ? -3.182  -3.621  12.708  1.00 13.41 ? 654  PRO A C   1 
ATOM   1052 O  O   . PRO A 1 118 ? -2.011  -3.811  13.038  1.00 16.23 ? 654  PRO A O   1 
ATOM   1053 C  CB  . PRO A 1 118 ? -5.047  -4.214  14.306  1.00 15.43 ? 654  PRO A CB  1 
ATOM   1054 C  CG  . PRO A 1 118 ? -6.301  -3.525  14.679  1.00 16.26 ? 654  PRO A CG  1 
ATOM   1055 C  CD  . PRO A 1 118 ? -6.542  -2.444  13.645  1.00 15.81 ? 654  PRO A CD  1 
ATOM   1056 N  N   . VAL A 1 119 ? -3.614  -3.883  11.481  1.00 11.20 ? 655  VAL A N   1 
ATOM   1057 C  CA  . VAL A 1 119 ? -2.753  -4.456  10.484  1.00 9.84  ? 655  VAL A CA  1 
ATOM   1058 C  C   . VAL A 1 119 ? -1.783  -3.407  9.907   1.00 8.22  ? 655  VAL A C   1 
ATOM   1059 O  O   . VAL A 1 119 ? -0.572  -3.662  9.777   1.00 9.67  ? 655  VAL A O   1 
ATOM   1060 C  CB  . VAL A 1 119 ? -3.550  -5.131  9.332   1.00 9.23  ? 655  VAL A CB  1 
ATOM   1061 C  CG1 . VAL A 1 119 ? -2.646  -5.650  8.264   1.00 9.54  ? 655  VAL A CG1 1 
ATOM   1062 C  CG2 . VAL A 1 119 ? -4.450  -6.252  9.852   1.00 13.80 ? 655  VAL A CG2 1 
ATOM   1063 N  N   . PHE A 1 120 ? -2.334  -2.254  9.496   1.00 7.07  ? 656  PHE A N   1 
ATOM   1064 C  CA  . PHE A 1 120 ? -1.610  -1.206  8.778   1.00 6.39  ? 656  PHE A CA  1 
ATOM   1065 C  C   . PHE A 1 120 ? -1.684  0.086   9.585   1.00 6.64  ? 656  PHE A C   1 
ATOM   1066 O  O   . PHE A 1 120 ? -2.749  0.684   9.691   1.00 7.06  ? 656  PHE A O   1 
ATOM   1067 C  CB  . PHE A 1 120 ? -2.210  -0.995  7.372   1.00 6.31  ? 656  PHE A CB  1 
ATOM   1068 C  CG  . PHE A 1 120 ? -1.441  -0.040  6.491   1.00 5.51  ? 656  PHE A CG  1 
ATOM   1069 C  CD1 . PHE A 1 120 ? -0.588  -0.500  5.526   1.00 6.10  ? 656  PHE A CD1 1 
ATOM   1070 C  CD2 . PHE A 1 120 ? -1.616  1.344   6.627   1.00 4.86  ? 656  PHE A CD2 1 
ATOM   1071 C  CE1 . PHE A 1 120 ? 0.094   0.397   4.701   1.00 6.08  ? 656  PHE A CE1 1 
ATOM   1072 C  CE2 . PHE A 1 120 ? -0.927  2.257   5.803   1.00 5.62  ? 656  PHE A CE2 1 
ATOM   1073 C  CZ  . PHE A 1 120 ? -0.091  1.784   4.848   1.00 6.32  ? 656  PHE A CZ  1 
ATOM   1074 N  N   . ASN A 1 121 ? -0.554  0.569   10.089  1.00 6.09  ? 657  ASN A N   1 
ATOM   1075 C  CA  . ASN A 1 121 ? -0.536  1.735   10.951  1.00 6.85  ? 657  ASN A CA  1 
ATOM   1076 C  C   . ASN A 1 121 ? 0.613   2.647   10.583  1.00 6.15  ? 657  ASN A C   1 
ATOM   1077 O  O   . ASN A 1 121 ? 1.784   2.357   10.900  1.00 6.52  ? 657  ASN A O   1 
ATOM   1078 C  CB  . ASN A 1 121 ? -0.464  1.351   12.434  1.00 7.76  ? 657  ASN A CB  1 
ATOM   1079 C  CG  . ASN A 1 121 ? -0.652  2.570   13.337  1.00 9.25  ? 657  ASN A CG  1 
ATOM   1080 O  OD1 . ASN A 1 121 ? -0.118  3.642   13.059  1.00 14.20 ? 657  ASN A OD1 1 
ATOM   1081 N  ND2 . ASN A 1 121 ? -1.501  2.440   14.329  1.00 22.58 ? 657  ASN A ND2 1 
ATOM   1082 N  N   . TYR A 1 122 ? 0.279   3.723   9.878   1.00 5.91  ? 658  TYR A N   1 
ATOM   1083 C  CA  . TYR A 1 122 ? 1.217   4.753   9.497   1.00 5.91  ? 658  TYR A CA  1 
ATOM   1084 C  C   . TYR A 1 122 ? 1.220   5.834   10.568  1.00 6.58  ? 658  TYR A C   1 
ATOM   1085 O  O   . TYR A 1 122 ? 0.163   6.300   10.970  1.00 8.14  ? 658  TYR A O   1 
ATOM   1086 C  CB  . TYR A 1 122 ? 0.853   5.411   8.170   1.00 7.58  ? 658  TYR A CB  1 
ATOM   1087 C  CG  . TYR A 1 122 ? 1.786   6.556   7.838   1.00 8.05  ? 658  TYR A CG  1 
ATOM   1088 C  CD1 . TYR A 1 122 ? 3.140   6.345   7.648   1.00 9.20  ? 658  TYR A CD1 1 
ATOM   1089 C  CD2 . TYR A 1 122 ? 1.312   7.848   7.793   1.00 10.50 ? 658  TYR A CD2 1 
ATOM   1090 C  CE1 . TYR A 1 122 ? 3.985   7.407   7.389   1.00 8.69  ? 658  TYR A CE1 1 
ATOM   1091 C  CE2 . TYR A 1 122 ? 2.149   8.901   7.518   1.00 10.72 ? 658  TYR A CE2 1 
ATOM   1092 C  CZ  . TYR A 1 122 ? 3.473   8.672   7.325   1.00 9.43  ? 658  TYR A CZ  1 
ATOM   1093 O  OH  . TYR A 1 122 ? 4.337   9.710   7.096   1.00 12.57 ? 658  TYR A OH  1 
ATOM   1094 N  N   . ASN A 1 123 ? 2.386   6.194   11.069  1.00 6.26  ? 659  ASN A N   1 
ATOM   1095 C  CA  . ASN A 1 123 ? 2.394   7.303   11.986  1.00 7.33  ? 659  ASN A CA  1 
ATOM   1096 C  C   . ASN A 1 123 ? 3.038   8.539   11.426  1.00 7.33  ? 659  ASN A C   1 
ATOM   1097 O  O   . ASN A 1 123 ? 4.195   8.470   10.990  1.00 5.74  ? 659  ASN A O   1 
ATOM   1098 C  CB  . ASN A 1 123 ? 3.073   6.923   13.254  1.00 9.26  ? 659  ASN A CB  1 
ATOM   1099 C  CG  . ASN A 1 123 ? 3.049   8.076   14.232  1.00 10.91 ? 659  ASN A CG  1 
ATOM   1100 O  OD1 . ASN A 1 123 ? 4.079   8.631   14.512  1.00 9.44  ? 659  ASN A OD1 1 
ATOM   1101 N  ND2 . ASN A 1 123 ? 1.839   8.492   14.686  1.00 14.46 ? 659  ASN A ND2 1 
ATOM   1102 N  N   . LYS A 1 124 ? 2.299   9.660   11.470  1.00 8.85  ? 660  LYS A N   1 
ATOM   1103 C  CA  . LYS A 1 124 ? 2.748   10.887  10.806  1.00 9.47  ? 660  LYS A CA  1 
ATOM   1104 C  C   . LYS A 1 124 ? 3.863   11.583  11.563  1.00 8.58  ? 660  LYS A C   1 
ATOM   1105 O  O   . LYS A 1 124 ? 4.553   12.424  10.998  1.00 11.27 ? 660  LYS A O   1 
ATOM   1106 C  CB  . LYS A 1 124 ? 1.613   11.884  10.571  1.00 12.06 ? 660  LYS A CB  1 
ATOM   1107 C  CG  . LYS A 1 124 ? 0.897   12.284  11.797  1.00 15.88 ? 660  LYS A CG  1 
ATOM   1108 C  CD  . LYS A 1 124 ? -0.146  13.384  11.485  1.00 19.68 ? 660  LYS A CD  1 
ATOM   1109 C  CE  . LYS A 1 124 ? -0.779  13.865  12.754  1.00 21.11 ? 660  LYS A CE  1 
ATOM   1110 N  NZ  . LYS A 1 124 ? 0.045   14.942  13.401  1.00 21.95 ? 660  LYS A NZ  1 
ATOM   1111 N  N   . THR A 1 125 ? 4.084   11.198  12.806  1.00 6.57  ? 661  THR A N   1 
ATOM   1112 C  CA  . THR A 1 125 ? 5.097   11.852  13.604  1.00 6.30  ? 661  THR A CA  1 
ATOM   1113 C  C   . THR A 1 125 ? 6.456   11.232  13.333  1.00 6.18  ? 661  THR A C   1 
ATOM   1114 O  O   . THR A 1 125 ? 7.501   11.955  13.165  1.00 5.98  ? 661  THR A O   1 
ATOM   1115 C  CB  . THR A 1 125 ? 4.734   11.782  15.094  1.00 6.93  ? 661  THR A CB  1 
ATOM   1116 O  OG1 . THR A 1 125 ? 3.471   12.444  15.272  1.00 6.72  ? 661  THR A OG1 1 
ATOM   1117 C  CG2 . THR A 1 125 ? 5.785   12.436  15.953  1.00 7.58  ? 661  THR A CG2 1 
ATOM   1118 N  N   . THR A 1 126 ? 6.513   9.888   13.335  1.00 4.82  ? 662  THR A N   1 
ATOM   1119 C  CA  . THR A 1 126 ? 7.759   9.218   13.021  1.00 5.00  ? 662  THR A CA  1 
ATOM   1120 C  C   . THR A 1 126 ? 7.957   9.028   11.516  1.00 4.65  ? 662  THR A C   1 
ATOM   1121 O  O   . THR A 1 126 ? 9.076   8.807   11.057  1.00 4.58  ? 662  THR A O   1 
ATOM   1122 C  CB  . THR A 1 126 ? 7.837   7.853   13.678  1.00 3.96  ? 662  THR A CB  1 
ATOM   1123 O  OG1 . THR A 1 126 ? 6.846   7.049   13.113  1.00 5.14  ? 662  THR A OG1 1 
ATOM   1124 C  CG2 . THR A 1 126 ? 7.584   7.950   15.180  1.00 5.07  ? 662  THR A CG2 1 
ATOM   1125 N  N   . LYS A 1 127 ? 6.861   9.139   10.771  1.00 5.17  ? 663  LYS A N   1 
ATOM   1126 C  CA  A LYS A 1 127 ? 6.860   8.894   9.317   0.70 6.13  ? 663  LYS A CA  1 
ATOM   1127 C  CA  B LYS A 1 127 ? 6.805   8.885   9.329   0.30 5.42  ? 663  LYS A CA  1 
ATOM   1128 C  C   . LYS A 1 127 ? 7.235   7.455   8.987   1.00 6.08  ? 663  LYS A C   1 
ATOM   1129 O  O   . LYS A 1 127 ? 7.687   7.158   7.879   1.00 8.83  ? 663  LYS A O   1 
ATOM   1130 C  CB  A LYS A 1 127 ? 7.753   9.881   8.540   0.70 7.57  ? 663  LYS A CB  1 
ATOM   1131 C  CB  B LYS A 1 127 ? 7.560   9.960   8.535   0.30 5.59  ? 663  LYS A CB  1 
ATOM   1132 C  CG  A LYS A 1 127 ? 7.546   11.312  8.934   0.70 10.56 ? 663  LYS A CG  1 
ATOM   1133 C  CG  B LYS A 1 127 ? 7.060   11.365  8.839   0.30 4.51  ? 663  LYS A CG  1 
ATOM   1134 C  CD  A LYS A 1 127 ? 6.217   11.839  8.493   0.70 13.91 ? 663  LYS A CD  1 
ATOM   1135 C  CD  B LYS A 1 127 ? 7.684   12.380  7.876   0.30 3.00  ? 663  LYS A CD  1 
ATOM   1136 C  CE  A LYS A 1 127 ? 6.120   13.372  8.617   0.70 14.82 ? 663  LYS A CE  1 
ATOM   1137 C  CE  B LYS A 1 127 ? 7.600   13.793  8.387   0.30 4.35  ? 663  LYS A CE  1 
ATOM   1138 N  NZ  A LYS A 1 127 ? 4.684   13.729  8.627   0.70 17.30 ? 663  LYS A NZ  1 
ATOM   1139 N  NZ  B LYS A 1 127 ? 8.017   14.743  7.314   0.30 7.42  ? 663  LYS A NZ  1 
ATOM   1140 N  N   . ARG A 1 128 ? 7.057   6.553   9.937   1.00 5.49  ? 664  ARG A N   1 
ATOM   1141 C  CA  . ARG A 1 128 ? 7.282   5.139   9.674   1.00 4.44  ? 664  ARG A CA  1 
ATOM   1142 C  C   . ARG A 1 128 ? 5.990   4.365   9.653   1.00 4.69  ? 664  ARG A C   1 
ATOM   1143 O  O   . ARG A 1 128 ? 4.999   4.703   10.314  1.00 5.65  ? 664  ARG A O   1 
ATOM   1144 C  CB  . ARG A 1 128 ? 8.230   4.499   10.680  1.00 4.95  ? 664  ARG A CB  1 
ATOM   1145 C  CG  . ARG A 1 128 ? 9.576   5.203   10.797  1.00 4.70  ? 664  ARG A CG  1 
ATOM   1146 C  CD  . ARG A 1 128 ? 10.550  4.375   11.602  1.00 7.48  ? 664  ARG A CD  1 
ATOM   1147 N  NE  . ARG A 1 128 ? 11.133  3.223   10.900  1.00 6.69  ? 664  ARG A NE  1 
ATOM   1148 C  CZ  . ARG A 1 128 ? 12.360  3.165   10.371  1.00 5.80  ? 664  ARG A CZ  1 
ATOM   1149 N  NH1 . ARG A 1 128 ? 13.204  4.193   10.454  1.00 9.60  ? 664  ARG A NH1 1 
ATOM   1150 N  NH2 . ARG A 1 128 ? 12.771  2.041   9.806   1.00 8.26  ? 664  ARG A NH2 1 
ATOM   1151 N  N   . LEU A 1 129 ? 6.005   3.278   8.876   1.00 3.94  ? 665  LEU A N   1 
ATOM   1152 C  CA  . LEU A 1 129 ? 4.855   2.382   8.731   1.00 3.99  ? 665  LEU A CA  1 
ATOM   1153 C  C   . LEU A 1 129 ? 5.076   1.153   9.615   1.00 4.32  ? 665  LEU A C   1 
ATOM   1154 O  O   . LEU A 1 129 ? 6.162   0.574   9.615   1.00 4.96  ? 665  LEU A O   1 
ATOM   1155 C  CB  . LEU A 1 129 ? 4.752   1.919   7.266   1.00 4.42  ? 665  LEU A CB  1 
ATOM   1156 C  CG  . LEU A 1 129 ? 3.635   0.946   6.952   1.00 4.46  ? 665  LEU A CG  1 
ATOM   1157 C  CD1 . LEU A 1 129 ? 2.265   1.493   7.315   1.00 4.96  ? 665  LEU A CD1 1 
ATOM   1158 C  CD2 . LEU A 1 129 ? 3.684   0.593   5.469   1.00 6.18  ? 665  LEU A CD2 1 
ATOM   1159 N  N   . THR A 1 130 ? 4.050   0.763   10.348  1.00 3.87  ? 666  THR A N   1 
ATOM   1160 C  CA  . THR A 1 130 ? 4.045   -0.395  11.211  1.00 4.22  ? 666  THR A CA  1 
ATOM   1161 C  C   . THR A 1 130 ? 2.994   -1.362  10.668  1.00 5.44  ? 666  THR A C   1 
ATOM   1162 O  O   . THR A 1 130 ? 1.859   -0.970  10.432  1.00 6.36  ? 666  THR A O   1 
ATOM   1163 C  CB  . THR A 1 130 ? 3.750   -0.017  12.674  1.00 5.08  ? 666  THR A CB  1 
ATOM   1164 O  OG1 . THR A 1 130 ? 4.810   0.845   13.094  1.00 6.06  ? 666  THR A OG1 1 
ATOM   1165 C  CG2 . THR A 1 130 ? 3.693   -1.285  13.566  1.00 6.38  ? 666  THR A CG2 1 
ATOM   1166 N  N   . ILE A 1 131 ? 3.394   -2.604  10.452  1.00 5.27  ? 667  ILE A N   1 
ATOM   1167 C  CA  . ILE A 1 131 ? 2.517   -3.652  9.921   1.00 4.38  ? 667  ILE A CA  1 
ATOM   1168 C  C   . ILE A 1 131 ? 2.477   -4.774  10.954  1.00 4.65  ? 667  ILE A C   1 
ATOM   1169 O  O   . ILE A 1 131 ? 3.509   -5.341  11.266  1.00 4.59  ? 667  ILE A O   1 
ATOM   1170 C  CB  . ILE A 1 131 ? 3.066   -4.211  8.575   1.00 4.57  ? 667  ILE A CB  1 
ATOM   1171 C  CG1 . ILE A 1 131 ? 3.132   -3.095  7.515   1.00 5.19  ? 667  ILE A CG1 1 
ATOM   1172 C  CG2 . ILE A 1 131 ? 2.218   -5.417  8.099   1.00 6.28  ? 667  ILE A CG2 1 
ATOM   1173 C  CD1 . ILE A 1 131 ? 1.816   -2.463  7.178   1.00 7.65  ? 667  ILE A CD1 1 
ATOM   1174 N  N   . LEU A 1 132 ? 1.293   -5.079  11.462  1.00 5.09  ? 668  LEU A N   1 
ATOM   1175 C  CA  . LEU A 1 132 ? 1.152   -6.202  12.438  1.00 5.65  ? 668  LEU A CA  1 
ATOM   1176 C  C   . LEU A 1 132 ? 2.165   -6.011  13.585  1.00 5.29  ? 668  LEU A C   1 
ATOM   1177 O  O   . LEU A 1 132 ? 2.741   -6.972  14.075  1.00 7.24  ? 668  LEU A O   1 
ATOM   1178 C  CB  . LEU A 1 132 ? 1.276   -7.562  11.743  1.00 7.12  ? 668  LEU A CB  1 
ATOM   1179 C  CG  . LEU A 1 132 ? 0.124   -7.865  10.783  1.00 8.79  ? 668  LEU A CG  1 
ATOM   1180 C  CD1 . LEU A 1 132 ? 0.468   -9.127  9.974   1.00 11.77 ? 668  LEU A CD1 1 
ATOM   1181 C  CD2 . LEU A 1 132 ? -1.208  -8.011  11.584  1.00 9.04  ? 668  LEU A CD2 1 
ATOM   1182 N  N   . GLY A 1 133 ? 2.335   -4.760  14.013  1.00 3.89  ? 669  GLY A N   1 
ATOM   1183 C  CA  . GLY A 1 133 ? 3.262   -4.463  15.122  1.00 4.49  ? 669  GLY A CA  1 
ATOM   1184 C  C   . GLY A 1 133 ? 4.741   -4.508  14.860  1.00 4.90  ? 669  GLY A C   1 
ATOM   1185 O  O   . GLY A 1 133 ? 5.517   -4.424  15.806  1.00 4.59  ? 669  GLY A O   1 
ATOM   1186 N  N   . LYS A 1 134 ? 5.128   -4.624  13.588  1.00 4.36  ? 670  LYS A N   1 
ATOM   1187 C  CA  . LYS A 1 134 ? 6.509   -4.689  13.131  1.00 4.48  ? 670  LYS A CA  1 
ATOM   1188 C  C   . LYS A 1 134 ? 6.823   -3.498  12.237  1.00 5.12  ? 670  LYS A C   1 
ATOM   1189 O  O   . LYS A 1 134 ? 5.986   -3.028  11.479  1.00 4.05  ? 670  LYS A O   1 
ATOM   1190 C  CB  . LYS A 1 134 ? 6.764   -5.988  12.347  1.00 4.58  ? 670  LYS A CB  1 
ATOM   1191 C  CG  . LYS A 1 134 ? 6.405   -7.242  13.059  1.00 7.57  ? 670  LYS A CG  1 
ATOM   1192 C  CD  . LYS A 1 134 ? 7.277   -7.441  14.267  1.00 11.27 ? 670  LYS A CD  1 
ATOM   1193 C  CE  . LYS A 1 134 ? 7.046   -8.780  14.978  1.00 13.42 ? 670  LYS A CE  1 
ATOM   1194 N  NZ  . LYS A 1 134 ? 7.596   -9.918  14.197  1.00 19.22 ? 670  LYS A NZ  1 
ATOM   1195 N  N   . ASP A 1 135 ? 8.066   -3.063  12.235  1.00 4.53  ? 671  ASP A N   1 
ATOM   1196 C  CA  . ASP A 1 135 ? 8.472   -1.931  11.405  1.00 5.44  ? 671  ASP A CA  1 
ATOM   1197 C  C   . ASP A 1 135 ? 8.571   -2.336  9.947   1.00 5.68  ? 671  ASP A C   1 
ATOM   1198 O  O   . ASP A 1 135 ? 9.214   -3.374  9.644   1.00 7.21  ? 671  ASP A O   1 
ATOM   1199 C  CB  . ASP A 1 135 ? 9.810   -1.380  11.854  1.00 7.38  ? 671  ASP A CB  1 
ATOM   1200 C  CG  . ASP A 1 135 ? 10.291  -0.230  10.981  1.00 7.73  ? 671  ASP A CG  1 
ATOM   1201 O  OD1 . ASP A 1 135 ? 9.573   0.734   10.749  1.00 6.49  ? 671  ASP A OD1 1 
ATOM   1202 O  OD2 . ASP A 1 135 ? 11.430  -0.308  10.480  1.00 15.41 ? 671  ASP A OD2 1 
ATOM   1203 N  N   . ALA A 1 136 ? 7.973   -1.534  9.071   1.00 5.29  ? 672  ALA A N   1 
ATOM   1204 C  CA  . ALA A 1 136 ? 8.187   -1.685  7.624   1.00 6.12  ? 672  ALA A CA  1 
ATOM   1205 C  C   . ALA A 1 136 ? 9.086   -0.637  6.975   1.00 6.50  ? 672  ALA A C   1 
ATOM   1206 O  O   . ALA A 1 136 ? 9.483   -0.791  5.834   1.00 7.64  ? 672  ALA A O   1 
ATOM   1207 C  CB  . ALA A 1 136 ? 6.852   -1.721  6.929   1.00 6.88  ? 672  ALA A CB  1 
ATOM   1208 N  N   . GLY A 1 137 ? 9.412   0.436   7.699   1.00 6.27  ? 673  GLY A N   1 
ATOM   1209 C  CA  . GLY A 1 137 ? 10.303  1.462   7.187   1.00 6.53  ? 673  GLY A CA  1 
ATOM   1210 C  C   . GLY A 1 137 ? 9.678   2.838   7.111   1.00 7.17  ? 673  GLY A C   1 
ATOM   1211 O  O   . GLY A 1 137 ? 8.571   3.084   7.516   1.00 7.21  ? 673  GLY A O   1 
ATOM   1212 N  N   . THR A 1 138 ? 10.483  3.753   6.606   1.00 6.93  ? 674  THR A N   1 
ATOM   1213 C  CA  . THR A 1 138 ? 10.148  5.183   6.534   1.00 8.11  ? 674  THR A CA  1 
ATOM   1214 C  C   . THR A 1 138 ? 9.509   5.553   5.204   1.00 8.11  ? 674  THR A C   1 
ATOM   1215 O  O   . THR A 1 138 ? 10.064  5.261   4.144   1.00 8.23  ? 674  THR A O   1 
ATOM   1216 C  CB  . THR A 1 138 ? 11.395  6.050   6.726   1.00 9.95  ? 674  THR A CB  1 
ATOM   1217 O  OG1 . THR A 1 138 ? 12.043  5.671   7.946   1.00 10.41 ? 674  THR A OG1 1 
ATOM   1218 C  CG2 . THR A 1 138 ? 11.049  7.541   6.788   1.00 10.89 ? 674  THR A CG2 1 
ATOM   1219 N  N   . LEU A 1 139 ? 8.377   6.262   5.279   1.00 8.75  ? 675  LEU A N   1 
ATOM   1220 C  CA  . LEU A 1 139 ? 7.633   6.701   4.093   1.00 9.78  ? 675  LEU A CA  1 
ATOM   1221 C  C   . LEU A 1 139 ? 8.011   8.126   3.763   1.00 10.25 ? 675  LEU A C   1 
ATOM   1222 O  O   . LEU A 1 139 ? 8.232   8.954   4.659   1.00 10.66 ? 675  LEU A O   1 
ATOM   1223 C  CB  . LEU A 1 139 ? 6.125   6.629   4.320   1.00 11.39 ? 675  LEU A CB  1 
ATOM   1224 C  CG  . LEU A 1 139 ? 5.467   5.290   4.604   1.00 14.44 ? 675  LEU A CG  1 
ATOM   1225 C  CD1 . LEU A 1 139 ? 3.976   5.356   4.254   1.00 12.46 ? 675  LEU A CD1 1 
ATOM   1226 C  CD2 . LEU A 1 139 ? 6.085   4.166   3.865   1.00 18.69 ? 675  LEU A CD2 1 
ATOM   1227 N  N   . ILE A 1 140 ? 8.058   8.419   2.472   1.00 10.29 ? 676  ILE A N   1 
ATOM   1228 C  CA  . ILE A 1 140 ? 8.313   9.790   1.985   1.00 11.52 ? 676  ILE A CA  1 
ATOM   1229 C  C   . ILE A 1 140 ? 6.980   10.384  1.486   1.00 12.84 ? 676  ILE A C   1 
ATOM   1230 O  O   . ILE A 1 140 ? 6.549   10.091  0.372   1.00 12.29 ? 676  ILE A O   1 
ATOM   1231 C  CB  . ILE A 1 140 ? 9.335   9.809   0.844   1.00 11.60 ? 676  ILE A CB  1 
ATOM   1232 C  CG1 . ILE A 1 140 ? 10.613  9.057   1.212   1.00 15.07 ? 676  ILE A CG1 1 
ATOM   1233 C  CG2 . ILE A 1 140 ? 9.636   11.275  0.486   1.00 12.63 ? 676  ILE A CG2 1 
ATOM   1234 C  CD1 . ILE A 1 140 ? 11.461  9.779   2.273   1.00 17.62 ? 676  ILE A CD1 1 
ATOM   1235 N  N   . GLU A 1 141 ? 6.321   11.178  2.322   1.00 14.77 ? 677  GLU A N   1 
ATOM   1236 C  CA  A GLU A 1 141 ? 5.058   11.787  1.890   0.70 16.46 ? 677  GLU A CA  1 
ATOM   1237 C  CA  B GLU A 1 141 ? 5.065   11.881  1.987   0.30 15.38 ? 677  GLU A CA  1 
ATOM   1238 C  C   . GLU A 1 141 ? 5.304   13.025  1.010   1.00 15.95 ? 677  GLU A C   1 
ATOM   1239 O  O   . GLU A 1 141 ? 4.547   13.260  0.051   1.00 18.15 ? 677  GLU A O   1 
ATOM   1240 C  CB  A GLU A 1 141 ? 4.091   12.082  3.064   0.70 17.16 ? 677  GLU A CB  1 
ATOM   1241 C  CB  B GLU A 1 141 ? 4.473   12.536  3.241   0.30 15.57 ? 677  GLU A CB  1 
ATOM   1242 C  CG  A GLU A 1 141 ? 3.213   10.863  3.490   0.70 18.67 ? 677  GLU A CG  1 
ATOM   1243 C  CG  B GLU A 1 141 ? 3.893   11.620  4.292   0.30 15.21 ? 677  GLU A CG  1 
ATOM   1244 C  CD  A GLU A 1 141 ? 2.163   11.201  4.564   0.70 19.30 ? 677  GLU A CD  1 
ATOM   1245 C  CD  B GLU A 1 141 ? 3.576   12.373  5.575   0.30 15.48 ? 677  GLU A CD  1 
ATOM   1246 O  OE1 A GLU A 1 141 ? 2.471   12.036  5.454   0.70 24.89 ? 677  GLU A OE1 1 
ATOM   1247 O  OE1 B GLU A 1 141 ? 3.146   13.542  5.487   0.30 18.56 ? 677  GLU A OE1 1 
ATOM   1248 O  OE2 A GLU A 1 141 ? 1.043   10.627  4.549   0.70 23.34 ? 677  GLU A OE2 1 
ATOM   1249 O  OE2 B GLU A 1 141 ? 3.748   11.802  6.667   0.30 13.42 ? 677  GLU A OE2 1 
ATOM   1250 N  N   . ASP A 1 142 ? 6.374   13.758  1.280   1.00 15.47 ? 678  ASP A N   1 
ATOM   1251 C  CA  . ASP A 1 142 ? 6.695   14.974  0.535   1.00 15.31 ? 678  ASP A CA  1 
ATOM   1252 C  C   . ASP A 1 142 ? 7.930   14.734  -0.322  1.00 13.99 ? 678  ASP A C   1 
ATOM   1253 O  O   . ASP A 1 142 ? 9.031   14.636  0.212   1.00 14.10 ? 678  ASP A O   1 
ATOM   1254 C  CB  . ASP A 1 142 ? 6.998   16.086  1.536   1.00 15.80 ? 678  ASP A CB  1 
ATOM   1255 C  CG  . ASP A 1 142 ? 7.230   17.434  0.885   1.00 17.60 ? 678  ASP A CG  1 
ATOM   1256 O  OD1 . ASP A 1 142 ? 7.412   17.512  -0.361  1.00 17.47 ? 678  ASP A OD1 1 
ATOM   1257 O  OD2 . ASP A 1 142 ? 7.175   18.432  1.653   1.00 18.41 ? 678  ASP A OD2 1 
ATOM   1258 N  N   . PRO A 1 143 ? 7.748   14.624  -1.655  1.00 14.01 ? 679  PRO A N   1 
ATOM   1259 C  CA  . PRO A 1 143 ? 8.915   14.300  -2.481  1.00 13.46 ? 679  PRO A CA  1 
ATOM   1260 C  C   . PRO A 1 143 ? 9.964   15.400  -2.574  1.00 13.31 ? 679  PRO A C   1 
ATOM   1261 O  O   . PRO A 1 143 ? 11.068  15.155  -3.047  1.00 11.51 ? 679  PRO A O   1 
ATOM   1262 C  CB  . PRO A 1 143 ? 8.295   13.993  -3.841  1.00 14.89 ? 679  PRO A CB  1 
ATOM   1263 C  CG  . PRO A 1 143 ? 7.091   14.823  -3.860  1.00 15.92 ? 679  PRO A CG  1 
ATOM   1264 C  CD  . PRO A 1 143 ? 6.537   14.742  -2.480  1.00 14.78 ? 679  PRO A CD  1 
ATOM   1265 N  N   . ASP A 1 144 ? 9.652   16.592  -2.079  1.00 13.19 ? 680  ASP A N   1 
ATOM   1266 C  CA  . ASP A 1 144 ? 10.610  17.683  -1.992  1.00 13.70 ? 680  ASP A CA  1 
ATOM   1267 C  C   . ASP A 1 144 ? 11.442  17.631  -0.709  1.00 15.14 ? 680  ASP A C   1 
ATOM   1268 O  O   . ASP A 1 144 ? 12.395  18.398  -0.570  1.00 15.82 ? 680  ASP A O   1 
ATOM   1269 C  CB  . ASP A 1 144 ? 9.884   19.044  -2.056  1.00 13.39 ? 680  ASP A CB  1 
ATOM   1270 C  CG  . ASP A 1 144 ? 9.338   19.367  -3.448  1.00 14.72 ? 680  ASP A CG  1 
ATOM   1271 O  OD1 . ASP A 1 144 ? 9.495   18.547  -4.383  1.00 15.11 ? 680  ASP A OD1 1 
ATOM   1272 O  OD2 . ASP A 1 144 ? 8.743   20.460  -3.603  1.00 12.25 ? 680  ASP A OD2 1 
ATOM   1273 N  N   . GLU A 1 145 ? 11.078  16.766  0.237   1.00 16.40 ? 681  GLU A N   1 
ATOM   1274 C  CA  . GLU A 1 145 ? 11.772  16.759  1.547   1.00 19.22 ? 681  GLU A CA  1 
ATOM   1275 C  C   . GLU A 1 145 ? 13.200  16.226  1.392   1.00 18.31 ? 681  GLU A C   1 
ATOM   1276 O  O   . GLU A 1 145 ? 13.406  15.182  0.804   1.00 18.15 ? 681  GLU A O   1 
ATOM   1277 C  CB  . GLU A 1 145 ? 10.995  15.904  2.562   1.00 19.43 ? 681  GLU A CB  1 
ATOM   1278 C  CG  . GLU A 1 145 ? 11.158  14.358  2.428   1.00 23.27 ? 681  GLU A CG  1 
ATOM   1279 C  CD  . GLU A 1 145 ? 10.196  13.531  3.300   1.00 24.97 ? 681  GLU A CD  1 
ATOM   1280 O  OE1 . GLU A 1 145 ? 8.995   13.894  3.442   1.00 32.65 ? 681  GLU A OE1 1 
ATOM   1281 O  OE2 . GLU A 1 145 ? 10.649  12.486  3.824   1.00 30.25 ? 681  GLU A OE2 1 
ATOM   1282 N  N   . SER A 1 146 ? 14.194  16.908  1.964   1.00 18.58 ? 682  SER A N   1 
ATOM   1283 C  CA  . SER A 1 146 ? 15.553  16.368  1.990   1.00 19.88 ? 682  SER A CA  1 
ATOM   1284 C  C   . SER A 1 146 ? 15.715  15.376  3.144   1.00 19.55 ? 682  SER A C   1 
ATOM   1285 O  O   . SER A 1 146 ? 16.255  14.286  2.944   1.00 21.18 ? 682  SER A O   1 
ATOM   1286 C  CB  . SER A 1 146 ? 16.566  17.491  2.153   1.00 20.27 ? 682  SER A CB  1 
ATOM   1287 O  OG  . SER A 1 146 ? 15.897  18.633  2.638   1.00 24.80 ? 682  SER A OG  1 
ATOM   1288 N  N   . THR A 1 147 ? 15.251  15.750  4.340   1.00 18.34 ? 683  THR A N   1 
ATOM   1289 C  CA  . THR A 1 147 ? 15.413  14.885  5.515   1.00 17.97 ? 683  THR A CA  1 
ATOM   1290 C  C   . THR A 1 147 ? 14.150  14.054  5.696   1.00 17.61 ? 683  THR A C   1 
ATOM   1291 O  O   . THR A 1 147 ? 13.065  14.578  5.734   1.00 20.13 ? 683  THR A O   1 
ATOM   1292 C  CB  . THR A 1 147 ? 15.688  15.695  6.811   1.00 17.93 ? 683  THR A CB  1 
ATOM   1293 O  OG1 . THR A 1 147 ? 16.792  16.575  6.584   1.00 18.54 ? 683  THR A OG1 1 
ATOM   1294 C  CG2 . THR A 1 147 ? 16.013  14.754  8.005   1.00 17.00 ? 683  THR A CG2 1 
ATOM   1295 N  N   . SER A 1 148 ? 14.298  12.756  5.811   1.00 16.39 ? 684  SER A N   1 
ATOM   1296 C  CA  . SER A 1 148 ? 13.160  11.890  5.988   1.00 15.59 ? 684  SER A CA  1 
ATOM   1297 C  C   . SER A 1 148 ? 13.023  11.538  7.456   1.00 13.65 ? 684  SER A C   1 
ATOM   1298 O  O   . SER A 1 148 ? 13.878  11.862  8.261   1.00 14.37 ? 684  SER A O   1 
ATOM   1299 C  CB  . SER A 1 148 ? 13.330  10.622  5.159   1.00 16.74 ? 684  SER A CB  1 
ATOM   1300 O  OG  . SER A 1 148 ? 14.387  9.808   5.653   1.00 20.10 ? 684  SER A OG  1 
ATOM   1301 N  N   . GLY A 1 149 ? 11.931  10.890  7.786   1.00 10.81 ? 685  GLY A N   1 
ATOM   1302 C  CA  . GLY A 1 149 ? 11.760  10.345  9.120   1.00 8.80  ? 685  GLY A CA  1 
ATOM   1303 C  C   . GLY A 1 149 ? 11.196  11.370  10.099  1.00 7.10  ? 685  GLY A C   1 
ATOM   1304 O  O   . GLY A 1 149 ? 10.419  12.277  9.734   1.00 6.82  ? 685  GLY A O   1 
ATOM   1305 N  N   . VAL A 1 150 ? 11.529  11.162  11.368  1.00 6.34  ? 686  VAL A N   1 
ATOM   1306 C  CA  . VAL A 1 150 ? 10.821  11.803  12.459  1.00 6.10  ? 686  VAL A CA  1 
ATOM   1307 C  C   . VAL A 1 150 ? 10.747  13.326  12.319  1.00 5.93  ? 686  VAL A C   1 
ATOM   1308 O  O   . VAL A 1 150 ? 11.699  14.002  11.897  1.00 5.58  ? 686  VAL A O   1 
ATOM   1309 C  CB  . VAL A 1 150 ? 11.419  11.377  13.848  1.00 5.71  ? 686  VAL A CB  1 
ATOM   1310 C  CG1 . VAL A 1 150 ? 12.884  11.805  14.007  1.00 7.82  ? 686  VAL A CG1 1 
ATOM   1311 C  CG2 . VAL A 1 150 ? 10.568  11.889  15.016  1.00 8.00  ? 686  VAL A CG2 1 
ATOM   1312 N  N   . GLU A 1 151 ? 9.578   13.845  12.663  1.00 6.63  ? 687  GLU A N   1 
ATOM   1313 C  CA  . GLU A 1 151 ? 9.351   15.286  12.680  1.00 6.76  ? 687  GLU A CA  1 
ATOM   1314 C  C   . GLU A 1 151 ? 10.208  16.013  13.715  1.00 6.71  ? 687  GLU A C   1 
ATOM   1315 O  O   . GLU A 1 151 ? 10.775  15.407  14.609  1.00 7.03  ? 687  GLU A O   1 
ATOM   1316 C  CB  . GLU A 1 151 ? 7.877   15.550  12.962  1.00 7.71  ? 687  GLU A CB  1 
ATOM   1317 C  CG  . GLU A 1 151 ? 7.024   15.181  11.779  1.00 6.79  ? 687  GLU A CG  1 
ATOM   1318 C  CD  . GLU A 1 151 ? 5.531   15.469  11.947  1.00 6.83  ? 687  GLU A CD  1 
ATOM   1319 O  OE1 . GLU A 1 151 ? 5.045   15.607  13.085  1.00 10.06 ? 687  GLU A OE1 1 
ATOM   1320 O  OE2 . GLU A 1 151 ? 4.859   15.587  10.912  1.00 9.22  ? 687  GLU A OE2 1 
ATOM   1321 N  N   . SER A 1 152 ? 10.245  17.336  13.606  1.00 8.19  ? 688  SER A N   1 
ATOM   1322 C  CA  A SER A 1 152 ? 10.792  18.176  14.673  0.60 8.43  ? 688  SER A CA  1 
ATOM   1323 C  CA  B SER A 1 152 ? 10.812  18.160  14.677  0.40 8.06  ? 688  SER A CA  1 
ATOM   1324 C  C   . SER A 1 152 ? 9.958   18.135  15.946  1.00 8.36  ? 688  SER A C   1 
ATOM   1325 O  O   . SER A 1 152 ? 8.813   17.691  15.940  1.00 8.12  ? 688  SER A O   1 
ATOM   1326 C  CB  A SER A 1 152 ? 10.894  19.619  14.193  0.60 9.23  ? 688  SER A CB  1 
ATOM   1327 C  CB  B SER A 1 152 ? 10.999  19.605  14.208  0.40 8.58  ? 688  SER A CB  1 
ATOM   1328 O  OG  A SER A 1 152 ? 11.775  19.708  13.089  0.60 11.57 ? 688  SER A OG  1 
ATOM   1329 O  OG  B SER A 1 152 ? 9.764   20.207  13.865  0.40 8.66  ? 688  SER A OG  1 
ATOM   1330 N  N   . ALA A 1 153 ? 10.563  18.572  17.052  1.00 8.22  ? 689  ALA A N   1 
ATOM   1331 C  CA  . ALA A 1 153 ? 9.864   18.743  18.329  1.00 7.63  ? 689  ALA A CA  1 
ATOM   1332 C  C   . ALA A 1 153 ? 9.325   17.445  18.869  1.00 7.20  ? 689  ALA A C   1 
ATOM   1333 O  O   . ALA A 1 153 ? 8.336   17.432  19.603  1.00 9.73  ? 689  ALA A O   1 
ATOM   1334 C  CB  . ALA A 1 153 ? 8.715   19.789  18.235  1.00 8.22  ? 689  ALA A CB  1 
ATOM   1335 N  N   . VAL A 1 154 ? 10.018  16.335  18.558  1.00 6.30  ? 690  VAL A N   1 
ATOM   1336 C  CA  . VAL A 1 154 ? 9.683   15.050  19.153  1.00 5.70  ? 690  VAL A CA  1 
ATOM   1337 C  C   . VAL A 1 154 ? 10.677  14.750  20.265  1.00 6.19  ? 690  VAL A C   1 
ATOM   1338 O  O   . VAL A 1 154 ? 10.318  14.707  21.446  1.00 7.25  ? 690  VAL A O   1 
ATOM   1339 C  CB  . VAL A 1 154 ? 9.597   13.891  18.134  1.00 6.22  ? 690  VAL A CB  1 
ATOM   1340 C  CG1 . VAL A 1 154 ? 9.300   12.563  18.842  1.00 7.01  ? 690  VAL A CG1 1 
ATOM   1341 C  CG2 . VAL A 1 154 ? 8.531   14.204  17.097  1.00 8.05  ? 690  VAL A CG2 1 
ATOM   1342 N  N   . LEU A 1 155 ? 11.941  14.617  19.901  1.00 6.04  ? 691  LEU A N   1 
ATOM   1343 C  CA  . LEU A 1 155 ? 12.968  14.475  20.946  1.00 6.87  ? 691  LEU A CA  1 
ATOM   1344 C  C   . LEU A 1 155 ? 13.176  15.841  21.637  1.00 7.87  ? 691  LEU A C   1 
ATOM   1345 O  O   . LEU A 1 155 ? 13.559  16.821  20.993  1.00 8.53  ? 691  LEU A O   1 
ATOM   1346 C  CB  . LEU A 1 155 ? 14.288  13.947  20.343  1.00 7.44  ? 691  LEU A CB  1 
ATOM   1347 C  CG  . LEU A 1 155 ? 15.392  13.771  21.379  1.00 7.10  ? 691  LEU A CG  1 
ATOM   1348 C  CD1 . LEU A 1 155 ? 15.148  12.516  22.222  1.00 11.61 ? 691  LEU A CD1 1 
ATOM   1349 C  CD2 . LEU A 1 155 ? 16.767  13.730  20.706  1.00 11.92 ? 691  LEU A CD2 1 
ATOM   1350 N  N   . ARG A 1 156 ? 12.897  15.898  22.933  1.00 9.46  ? 692  ARG A N   1 
ATOM   1351 C  CA  . ARG A 1 156 ? 13.006  17.126  23.713  1.00 12.03 ? 692  ARG A CA  1 
ATOM   1352 C  C   . ARG A 1 156 ? 14.458  17.563  23.784  1.00 11.69 ? 692  ARG A C   1 
ATOM   1353 O  O   . ARG A 1 156 ? 14.756  18.750  23.701  1.00 14.00 ? 692  ARG A O   1 
ATOM   1354 C  CB  . ARG A 1 156 ? 12.423  16.880  25.127  1.00 12.05 ? 692  ARG A CB  1 
ATOM   1355 C  CG  . ARG A 1 156 ? 12.756  17.938  26.176  1.00 15.26 ? 692  ARG A CG  1 
ATOM   1356 C  CD  . ARG A 1 156 ? 12.196  17.578  27.568  1.00 16.83 ? 692  ARG A CD  1 
ATOM   1357 N  N   . GLY A 1 157 ? 15.361  16.599  23.871  1.00 11.52 ? 693  GLY A N   1 
ATOM   1358 C  CA  . GLY A 1 157 ? 16.820  16.839  23.925  1.00 11.31 ? 693  GLY A CA  1 
ATOM   1359 C  C   . GLY A 1 157 ? 17.560  15.562  24.227  1.00 11.47 ? 693  GLY A C   1 
ATOM   1360 O  O   . GLY A 1 157 ? 18.788  15.512  24.050  1.00 11.93 ? 693  GLY A O   1 
ATOM   1361 O  OXT . GLY A 1 157 ? 16.923  14.570  24.607  1.00 10.59 ? 693  GLY A OXT 1 
HETATM 1362 O  O   . HOH B 2 .   ? 12.560  -3.509  13.251  1.00 28.72 ? 2001 HOH A O   1 
HETATM 1363 O  O   . HOH B 2 .   ? 13.229  -12.656 12.229  1.00 36.54 ? 2002 HOH A O   1 
HETATM 1364 O  O   . HOH B 2 .   ? 9.637   -14.299 14.210  1.00 37.29 ? 2003 HOH A O   1 
HETATM 1365 O  O   . HOH B 2 .   ? 1.830   -12.396 16.752  1.00 30.31 ? 2004 HOH A O   1 
HETATM 1366 O  O   . HOH B 2 .   ? 5.970   -12.235 16.818  1.00 41.31 ? 2005 HOH A O   1 
HETATM 1367 O  O   . HOH B 2 .   ? 0.612   -17.540 12.537  1.00 41.11 ? 2006 HOH A O   1 
HETATM 1368 O  O   . HOH B 2 .   ? 2.727   -18.172 11.508  1.00 27.19 ? 2007 HOH A O   1 
HETATM 1369 O  O   . HOH B 2 .   ? 13.026  -4.456  -8.282  1.00 40.10 ? 2008 HOH A O   1 
HETATM 1370 O  O   . HOH B 2 .   ? -6.078  0.749   -14.320 1.00 24.76 ? 2009 HOH A O   1 
HETATM 1371 O  O   . HOH B 2 .   ? 4.442   -7.434  -16.760 1.00 36.12 ? 2010 HOH A O   1 
HETATM 1372 O  O   . HOH B 2 .   ? 7.521   -6.856  -14.459 1.00 34.05 ? 2011 HOH A O   1 
HETATM 1373 O  O   . HOH B 2 .   ? -6.617  -20.795 -2.569  1.00 40.76 ? 2012 HOH A O   1 
HETATM 1374 O  O   . HOH B 2 .   ? -9.544  -11.938 -16.665 1.00 32.84 ? 2013 HOH A O   1 
HETATM 1375 O  O   . HOH B 2 .   ? -20.265 3.698   0.041   1.00 31.00 ? 2014 HOH A O   1 
HETATM 1376 O  O   . HOH B 2 .   ? -6.297  -17.320 11.432  1.00 50.85 ? 2015 HOH A O   1 
HETATM 1377 O  O   . HOH B 2 .   ? 0.222   -1.204  15.330  1.00 32.99 ? 2016 HOH A O   1 
HETATM 1378 O  O   . HOH B 2 .   ? 4.710   3.848   15.674  1.00 34.92 ? 2017 HOH A O   1 
HETATM 1379 O  O   . HOH B 2 .   ? 16.293  -9.561  8.080   0.50 34.48 ? 2018 HOH A O   1 
HETATM 1380 O  O   . HOH B 2 .   ? 10.701  -7.079  14.548  1.00 25.97 ? 2019 HOH A O   1 
HETATM 1381 O  O   . HOH B 2 .   ? 10.625  -12.762 12.012  1.00 17.70 ? 2020 HOH A O   1 
HETATM 1382 O  O   . HOH B 2 .   ? 10.542  -5.349  11.037  1.00 18.84 ? 2021 HOH A O   1 
HETATM 1383 O  O   . HOH B 2 .   ? 8.571   -18.457 7.086   1.00 10.40 ? 2022 HOH A O   1 
HETATM 1384 O  O   . HOH B 2 .   ? 6.543   -10.389 11.674  1.00 19.28 ? 2023 HOH A O   1 
HETATM 1385 O  O   . HOH B 2 .   ? 4.083   -15.226 14.716  1.00 36.87 ? 2024 HOH A O   1 
HETATM 1386 O  O   . HOH B 2 .   ? 1.701   -15.432 10.991  1.00 25.19 ? 2025 HOH A O   1 
HETATM 1387 O  O   . HOH B 2 .   ? 3.865   -10.688 15.996  1.00 18.51 ? 2026 HOH A O   1 
HETATM 1388 O  O   . HOH B 2 .   ? 8.187   -14.685 4.361   1.00 8.64  ? 2027 HOH A O   1 
HETATM 1389 O  O   . HOH B 2 .   ? 6.558   -11.069 0.960   1.00 11.85 ? 2028 HOH A O   1 
HETATM 1390 O  O   . HOH B 2 .   ? 14.047  -7.263  -2.897  1.00 26.47 ? 2029 HOH A O   1 
HETATM 1391 O  O   . HOH B 2 .   ? 13.206  -7.497  -5.679  1.00 31.00 ? 2030 HOH A O   1 
HETATM 1392 O  O   . HOH B 2 .   ? 10.324  4.902   0.961   1.00 16.92 ? 2031 HOH A O   1 
HETATM 1393 O  O   . HOH B 2 .   ? 14.644  -6.085  5.096   1.00 42.25 ? 2032 HOH A O   1 
HETATM 1394 O  O   . HOH B 2 .   ? 14.302  -4.762  -2.934  1.00 22.08 ? 2033 HOH A O   1 
HETATM 1395 O  O   . HOH B 2 .   ? 14.141  -0.223  -7.029  1.00 25.26 ? 2034 HOH A O   1 
HETATM 1396 O  O   . HOH B 2 .   ? 11.768  -2.109  -8.191  1.00 32.97 ? 2035 HOH A O   1 
HETATM 1397 O  O   . HOH B 2 .   ? 11.896  6.451   -0.756  1.00 22.12 ? 2036 HOH A O   1 
HETATM 1398 O  O   . HOH B 2 .   ? 9.783   10.515  -3.122  1.00 14.64 ? 2037 HOH A O   1 
HETATM 1399 O  O   . HOH B 2 .   ? 13.282  3.886   -3.458  1.00 12.60 ? 2038 HOH A O   1 
HETATM 1400 O  O   . HOH B 2 .   ? 13.949  2.518   -6.079  1.00 17.12 ? 2039 HOH A O   1 
HETATM 1401 O  O   . HOH B 2 .   ? 4.993   11.759  -3.686  1.00 31.55 ? 2040 HOH A O   1 
HETATM 1402 O  O   . HOH B 2 .   ? 9.206   -2.134  -8.968  1.00 30.58 ? 2041 HOH A O   1 
HETATM 1403 O  O   . HOH B 2 .   ? 10.744  -3.253  -12.255 1.00 28.67 ? 2042 HOH A O   1 
HETATM 1404 O  O   . HOH B 2 .   ? 9.914   -1.512  -16.042 1.00 51.64 ? 2043 HOH A O   1 
HETATM 1405 O  O   . HOH B 2 .   ? 5.622   8.058   -20.563 1.00 12.81 ? 2044 HOH A O   1 
HETATM 1406 O  O   . HOH B 2 .   ? 2.636   6.121   -19.663 1.00 7.32  ? 2045 HOH A O   1 
HETATM 1407 O  O   . HOH B 2 .   ? 7.393   2.658   -15.940 1.00 12.42 ? 2046 HOH A O   1 
HETATM 1408 O  O   . HOH B 2 .   ? 9.586   7.000   -20.410 1.00 21.13 ? 2047 HOH A O   1 
HETATM 1409 O  O   . HOH B 2 .   ? 7.056   1.027   -18.326 1.00 17.22 ? 2048 HOH A O   1 
HETATM 1410 O  O   . HOH B 2 .   ? -0.288  0.519   -17.328 1.00 7.99  ? 2049 HOH A O   1 
HETATM 1411 O  O   . HOH B 2 .   ? -4.739  -1.706  -14.555 1.00 14.28 ? 2050 HOH A O   1 
HETATM 1412 O  O   . HOH B 2 .   ? 4.811   -7.036  -14.448 1.00 12.12 ? 2051 HOH A O   1 
HETATM 1413 O  O   . HOH B 2 .   ? -5.163  1.975   -12.064 1.00 11.58 ? 2052 HOH A O   1 
HETATM 1414 O  O   . HOH B 2 .   ? 0.688   -11.241 -13.039 1.00 28.70 ? 2053 HOH A O   1 
HETATM 1415 O  O   . HOH B 2 .   ? 5.159   -10.187 -14.282 1.00 29.69 ? 2054 HOH A O   1 
HETATM 1416 O  O   . HOH B 2 .   ? -3.422  -9.019  -13.600 1.00 8.97  ? 2055 HOH A O   1 
HETATM 1417 O  O   . HOH B 2 .   ? 8.274   -9.321  -12.071 1.00 30.39 ? 2056 HOH A O   1 
HETATM 1418 O  O   . HOH B 2 .   ? 8.597   -8.735  -9.249  1.00 15.97 ? 2057 HOH A O   1 
HETATM 1419 O  O   . HOH B 2 .   ? 10.525  -9.338  -5.407  1.00 15.16 ? 2058 HOH A O   1 
HETATM 1420 O  O   . HOH B 2 .   ? 3.990   -10.294 -1.781  1.00 8.78  ? 2059 HOH A O   1 
HETATM 1421 O  O   . HOH B 2 .   ? -0.705  -15.684 -5.534  1.00 31.18 ? 2060 HOH A O   1 
HETATM 1422 O  O   . HOH B 2 .   ? 4.536   -17.609 -6.693  1.00 26.86 ? 2061 HOH A O   1 
HETATM 1423 O  O   . HOH B 2 .   ? 1.499   -16.239 0.842   1.00 11.80 ? 2062 HOH A O   1 
HETATM 1424 O  O   . HOH B 2 .   ? -6.507  -14.990 -8.353  1.00 32.47 ? 2063 HOH A O   1 
HETATM 1425 O  O   . HOH B 2 .   ? 0.019   -11.587 -10.165 1.00 33.00 ? 2064 HOH A O   1 
HETATM 1426 O  O   . HOH B 2 .   ? 1.085   -9.509  -9.227  1.00 9.92  ? 2065 HOH A O   1 
HETATM 1427 O  O   . HOH B 2 .   ? 2.410   -17.066 -3.644  1.00 17.57 ? 2066 HOH A O   1 
HETATM 1428 O  O   . HOH B 2 .   ? -8.379  -18.687 0.760   1.00 28.80 ? 2067 HOH A O   1 
HETATM 1429 O  O   . HOH B 2 .   ? -9.615  -16.168 -7.011  1.00 33.04 ? 2068 HOH A O   1 
HETATM 1430 O  O   . HOH B 2 .   ? -11.743 -17.902 -0.412  1.00 16.35 ? 2069 HOH A O   1 
HETATM 1431 O  O   . HOH B 2 .   ? -16.933 -15.160 -4.069  1.00 12.53 ? 2070 HOH A O   1 
HETATM 1432 O  O   . HOH B 2 .   ? -3.594  -19.412 -3.870  1.00 23.55 ? 2071 HOH A O   1 
HETATM 1433 O  O   . HOH B 2 .   ? -11.866 -13.404 -6.565  1.00 9.58  ? 2072 HOH A O   1 
HETATM 1434 O  O   . HOH B 2 .   ? -14.767 -5.251  -7.689  1.00 10.64 ? 2073 HOH A O   1 
HETATM 1435 O  O   . HOH B 2 .   ? -14.219 -7.647  2.741   1.00 15.01 ? 2074 HOH A O   1 
HETATM 1436 O  O   . HOH B 2 .   ? -13.200 1.586   -7.011  1.00 11.77 ? 2075 HOH A O   1 
HETATM 1437 O  O   . HOH B 2 .   ? -6.699  -3.458  -14.895 1.00 11.11 ? 2076 HOH A O   1 
HETATM 1438 O  O   . HOH B 2 .   ? -9.243  0.156   -13.590 1.00 24.93 ? 2077 HOH A O   1 
HETATM 1439 O  O   . HOH B 2 .   ? -13.781 4.464   -13.601 1.00 27.86 ? 2078 HOH A O   1 
HETATM 1440 O  O   . HOH B 2 .   ? -11.014 1.710   -14.039 1.00 32.58 ? 2079 HOH A O   1 
HETATM 1441 O  O   . HOH B 2 .   ? -13.631 6.905   -6.314  1.00 34.24 ? 2080 HOH A O   1 
HETATM 1442 O  O   . HOH B 2 .   ? -11.947 10.321  -11.243 1.00 26.34 ? 2081 HOH A O   1 
HETATM 1443 O  O   . HOH B 2 .   ? -8.588  14.973  -14.421 1.00 12.28 ? 2082 HOH A O   1 
HETATM 1444 O  O   . HOH B 2 .   ? -5.373  6.622   -14.306 1.00 6.65  ? 2083 HOH A O   1 
HETATM 1445 O  O   . HOH B 2 .   ? 0.070   15.478  -6.604  1.00 35.65 ? 2084 HOH A O   1 
HETATM 1446 O  O   . HOH B 2 .   ? 2.863   9.859   -3.477  1.00 22.13 ? 2085 HOH A O   1 
HETATM 1447 O  O   . HOH B 2 .   ? 2.089   11.925  -0.353  1.00 26.19 ? 2086 HOH A O   1 
HETATM 1448 O  O   . HOH B 2 .   ? -1.686  13.611  0.864   1.00 45.13 ? 2087 HOH A O   1 
HETATM 1449 O  O   . HOH B 2 .   ? 4.023   8.065   3.616   1.00 33.76 ? 2088 HOH A O   1 
HETATM 1450 O  O   . HOH B 2 .   ? -4.418  5.887   5.334   1.00 28.70 ? 2089 HOH A O   1 
HETATM 1451 O  O   . HOH B 2 .   ? -6.557  7.574   4.210   1.00 25.91 ? 2090 HOH A O   1 
HETATM 1452 O  O   . HOH B 2 .   ? 0.138   -4.587  -7.214  1.00 32.92 ? 2091 HOH A O   1 
HETATM 1453 O  O   . HOH B 2 .   ? -6.679  -8.460  -4.242  1.00 4.94  ? 2092 HOH A O   1 
HETATM 1454 O  O   . HOH B 2 .   ? -2.492  -10.824 -11.691 1.00 16.62 ? 2093 HOH A O   1 
HETATM 1455 O  O   . HOH B 2 .   ? -9.371  -12.764 -10.072 1.00 21.91 ? 2094 HOH A O   1 
HETATM 1456 O  O   . HOH B 2 .   ? -9.262  -9.160  -15.344 1.00 20.59 ? 2095 HOH A O   1 
HETATM 1457 O  O   . HOH B 2 .   ? -15.289 -14.824 -7.193  1.00 26.33 ? 2096 HOH A O   1 
HETATM 1458 O  O   . HOH B 2 .   ? -9.183  -2.852  -13.182 1.00 34.28 ? 2097 HOH A O   1 
HETATM 1459 O  O   . HOH B 2 .   ? -11.088 -5.281  -15.186 1.00 46.62 ? 2098 HOH A O   1 
HETATM 1460 O  O   . HOH B 2 .   ? -14.730 -2.327  -10.394 1.00 26.89 ? 2099 HOH A O   1 
HETATM 1461 O  O   . HOH B 2 .   ? -18.278 -6.647  -14.292 1.00 30.35 ? 2100 HOH A O   1 
HETATM 1462 O  O   . HOH B 2 .   ? -14.566 -8.244  -14.552 1.00 25.29 ? 2101 HOH A O   1 
HETATM 1463 O  O   . HOH B 2 .   ? -14.901 -0.289  -8.352  1.00 16.00 ? 2102 HOH A O   1 
HETATM 1464 O  O   . HOH B 2 .   ? -21.072 1.454   -6.242  1.00 20.10 ? 2103 HOH A O   1 
HETATM 1465 O  O   . HOH B 2 .   ? -15.457 -2.336  -6.783  1.00 13.84 ? 2104 HOH A O   1 
HETATM 1466 O  O   . HOH B 2 .   ? -18.741 1.555   1.176   1.00 27.70 ? 2105 HOH A O   1 
HETATM 1467 O  O   . HOH B 2 .   ? -15.235 3.922   -1.791  1.00 25.01 ? 2106 HOH A O   1 
HETATM 1468 O  O   . HOH B 2 .   ? -14.384 3.396   -5.628  1.00 38.44 ? 2107 HOH A O   1 
HETATM 1469 O  O   . HOH B 2 .   ? -13.941 2.922   0.570   1.00 18.19 ? 2108 HOH A O   1 
HETATM 1470 O  O   . HOH B 2 .   ? -12.299 2.958   5.164   1.00 9.47  ? 2109 HOH A O   1 
HETATM 1471 O  O   . HOH B 2 .   ? -14.931 -5.310  2.955   1.00 16.85 ? 2110 HOH A O   1 
HETATM 1472 O  O   . HOH B 2 .   ? -12.530 -6.608  4.988   1.00 9.82  ? 2111 HOH A O   1 
HETATM 1473 O  O   . HOH B 2 .   ? -10.010 -17.445 3.380   1.00 21.06 ? 2112 HOH A O   1 
HETATM 1474 O  O   . HOH B 2 .   ? -5.805  -17.075 1.783   1.00 24.88 ? 2113 HOH A O   1 
HETATM 1475 O  O   . HOH B 2 .   ? -2.908  -17.236 7.375   1.00 40.93 ? 2114 HOH A O   1 
HETATM 1476 O  O   . HOH B 2 .   ? -4.313  -16.088 12.465  1.00 44.05 ? 2115 HOH A O   1 
HETATM 1477 O  O   . HOH B 2 .   ? -3.218  -13.216 13.678  1.00 45.12 ? 2116 HOH A O   1 
HETATM 1478 O  O   . HOH B 2 .   ? -11.204 -13.370 11.435  1.00 41.18 ? 2117 HOH A O   1 
HETATM 1479 O  O   . HOH B 2 .   ? -11.877 -9.532  10.730  1.00 26.11 ? 2118 HOH A O   1 
HETATM 1480 O  O   . HOH B 2 .   ? -9.300  -6.929  12.481  1.00 29.39 ? 2119 HOH A O   1 
HETATM 1481 O  O   . HOH B 2 .   ? -14.889 -3.905  7.746   1.00 17.15 ? 2120 HOH A O   1 
HETATM 1482 O  O   . HOH B 2 .   ? -7.093  -4.760  11.630  1.00 28.14 ? 2121 HOH A O   1 
HETATM 1483 O  O   . HOH B 2 .   ? -12.074 4.393   7.836   1.00 29.08 ? 2122 HOH A O   1 
HETATM 1484 O  O   . HOH B 2 .   ? -5.601  0.458   7.631   1.00 6.24  ? 2123 HOH A O   1 
HETATM 1485 O  O   . HOH B 2 .   ? -6.418  6.347   11.585  1.00 25.60 ? 2124 HOH A O   1 
HETATM 1486 O  O   . HOH B 2 .   ? -2.963  5.851   7.375   1.00 21.54 ? 2125 HOH A O   1 
HETATM 1487 O  O   . HOH B 2 .   ? -9.194  3.704   10.069  1.00 28.60 ? 2126 HOH A O   1 
HETATM 1488 O  O   . HOH B 2 .   ? -3.863  5.690   14.307  1.00 28.76 ? 2127 HOH A O   1 
HETATM 1489 O  O   . HOH B 2 .   ? -0.969  -4.787  15.134  1.00 22.93 ? 2128 HOH A O   1 
HETATM 1490 O  O   . HOH B 2 .   ? 0.480   -2.464  13.041  1.00 11.63 ? 2129 HOH A O   1 
HETATM 1491 O  O   . HOH B 2 .   ? 2.224   3.547   13.981  1.00 23.32 ? 2130 HOH A O   1 
HETATM 1492 O  O   . HOH B 2 .   ? 4.358   6.495   15.552  1.00 26.55 ? 2131 HOH A O   1 
HETATM 1493 O  O   . HOH B 2 .   ? -0.547  9.219   11.806  1.00 24.72 ? 2132 HOH A O   1 
HETATM 1494 O  O   . HOH B 2 .   ? 6.655   4.484   14.195  1.00 9.53  ? 2133 HOH A O   1 
HETATM 1495 O  O   . HOH B 2 .   ? 10.071  13.426  6.643   1.00 40.84 ? 2134 HOH A O   1 
HETATM 1496 O  O   . HOH B 2 .   ? 2.501   15.382  8.001   1.00 32.80 ? 2135 HOH A O   1 
HETATM 1497 O  O   . HOH B 2 .   ? 8.557   17.084  8.865   1.00 30.30 ? 2136 HOH A O   1 
HETATM 1498 O  O   . HOH B 2 .   ? 15.844  2.915   8.538   1.00 34.05 ? 2137 HOH A O   1 
HETATM 1499 O  O   . HOH B 2 .   ? 4.159   3.352   12.757  1.00 13.37 ? 2138 HOH A O   1 
HETATM 1500 O  O   . HOH B 2 .   ? 3.692   -7.997  16.417  1.00 9.22  ? 2139 HOH A O   1 
HETATM 1501 O  O   . HOH B 2 .   ? 8.104   -12.195 15.686  1.00 37.03 ? 2140 HOH A O   1 
HETATM 1502 O  O   . HOH B 2 .   ? 13.386  -1.155  11.972  1.00 13.73 ? 2141 HOH A O   1 
HETATM 1503 O  O   . HOH B 2 .   ? 7.544   1.316   12.435  1.00 7.27  ? 2142 HOH A O   1 
HETATM 1504 O  O   . HOH B 2 .   ? 10.060  -4.272  14.090  1.00 9.02  ? 2143 HOH A O   1 
HETATM 1505 O  O   . HOH B 2 .   ? 12.195  -1.611  7.954   1.00 35.63 ? 2144 HOH A O   1 
HETATM 1506 O  O   . HOH B 2 .   ? 11.558  -1.062  4.075   1.00 19.06 ? 2145 HOH A O   1 
HETATM 1507 O  O   . HOH B 2 .   ? 12.994  7.011   10.179  1.00 11.31 ? 2146 HOH A O   1 
HETATM 1508 O  O   . HOH B 2 .   ? 12.905  2.683   5.547   1.00 25.66 ? 2147 HOH A O   1 
HETATM 1509 O  O   . HOH B 2 .   ? 12.233  5.367   2.831   1.00 28.43 ? 2148 HOH A O   1 
HETATM 1510 O  O   . HOH B 2 .   ? 14.059  4.067   7.190   1.00 31.30 ? 2149 HOH A O   1 
HETATM 1511 O  O   . HOH B 2 .   ? 6.443   10.744  5.301   1.00 45.74 ? 2150 HOH A O   1 
HETATM 1512 O  O   . HOH B 2 .   ? 7.788   6.144   0.766   1.00 11.22 ? 2151 HOH A O   1 
HETATM 1513 O  O   . HOH B 2 .   ? 7.171   10.310  -2.338  1.00 13.59 ? 2152 HOH A O   1 
HETATM 1514 O  O   . HOH B 2 .   ? -1.042  9.519   5.422   1.00 29.52 ? 2153 HOH A O   1 
HETATM 1515 O  O   . HOH B 2 .   ? 3.238   13.352  -2.387  1.00 44.78 ? 2154 HOH A O   1 
HETATM 1516 O  O   . HOH B 2 .   ? 7.881   20.927  0.894   1.00 30.48 ? 2155 HOH A O   1 
HETATM 1517 O  O   . HOH B 2 .   ? 12.470  20.027  -3.962  1.00 34.00 ? 2156 HOH A O   1 
HETATM 1518 O  O   . HOH B 2 .   ? 9.817   10.894  5.623   1.00 10.13 ? 2157 HOH A O   1 
HETATM 1519 O  O   . HOH B 2 .   ? 16.150  18.873  5.118   1.00 42.73 ? 2158 HOH A O   1 
HETATM 1520 O  O   . HOH B 2 .   ? 13.676  18.010  5.036   1.00 32.83 ? 2159 HOH A O   1 
HETATM 1521 O  O   . HOH B 2 .   ? 19.253  16.180  5.447   1.00 35.60 ? 2160 HOH A O   1 
HETATM 1522 O  O   . HOH B 2 .   ? 17.907  17.541  9.042   1.00 44.54 ? 2161 HOH A O   1 
HETATM 1523 O  O   . HOH B 2 .   ? 15.050  8.665   8.755   1.00 25.43 ? 2162 HOH A O   1 
HETATM 1524 O  O   . HOH B 2 .   ? 13.877  7.477   3.929   1.00 43.90 ? 2163 HOH A O   1 
HETATM 1525 O  O   . HOH B 2 .   ? 14.076  13.141  10.870  1.00 8.44  ? 2164 HOH A O   1 
HETATM 1526 O  O   . HOH B 2 .   ? 2.780   14.906  14.288  1.00 12.53 ? 2165 HOH A O   1 
HETATM 1527 O  O   . HOH B 2 .   ? 12.434  15.541  16.979  1.00 7.27  ? 2166 HOH A O   1 
HETATM 1528 O  O   . HOH B 2 .   ? 9.043   18.418  11.279  1.00 17.17 ? 2167 HOH A O   1 
HETATM 1529 O  O   . HOH B 2 .   ? 7.031   20.386  14.252  1.00 44.32 ? 2168 HOH A O   1 
HETATM 1530 O  O   . HOH B 2 .   ? 10.922  20.730  10.887  1.00 38.19 ? 2169 HOH A O   1 
HETATM 1531 O  O   . HOH B 2 .   ? 13.279  19.589  17.270  1.00 16.07 ? 2170 HOH A O   1 
HETATM 1532 O  O   . HOH B 2 .   ? 7.756   18.622  22.085  1.00 24.52 ? 2171 HOH A O   1 
HETATM 1533 O  O   . HOH B 2 .   ? 14.265  17.266  18.352  1.00 8.14  ? 2172 HOH A O   1 
HETATM 1534 O  O   . HOH B 2 .   ? 12.186  19.445  20.774  1.00 26.52 ? 2173 HOH A O   1 
HETATM 1535 O  O   . HOH B 2 .   ? 16.142  19.613  25.708  1.00 38.40 ? 2174 HOH A O   1 
# 
